data_2I9B
#
_entry.id   2I9B
#
_cell.length_a   62.914
_cell.length_b   281.921
_cell.length_c   62.811
_cell.angle_alpha   90.00
_cell.angle_beta   105.41
_cell.angle_gamma   90.00
#
_symmetry.space_group_name_H-M   'P 1 21 1'
#
loop_
_entity.id
_entity.type
_entity.pdbx_description
1 polymer 'Urokinase-type plasminogen activator'
2 polymer 'Urokinase plasminogen activator surface receptor'
3 branched beta-D-mannopyranose-(1-6)-2-acetamido-2-deoxy-beta-D-glucopyranose-(1-4)-2-acetamido-2-deoxy-beta-D-glucopyranose
4 branched 2-acetamido-2-deoxy-beta-D-glucopyranose-(1-4)-2-acetamido-2-deoxy-beta-D-glucopyranose
5 non-polymer 'SULFATE ION'
6 water water
#
loop_
_entity_poly.entity_id
_entity_poly.type
_entity_poly.pdbx_seq_one_letter_code
_entity_poly.pdbx_strand_id
1 'polypeptide(L)'
;RSSNELHQVPSNCDCLNGGTCVSNKYFSNIHWCNCPKKFGGQHCEIDKSKTCYEGNGHFYRGKASTDTMGRPCLPWNSAT
VLQQTYHAHRSDALQLGLGKHNYCRNPDNRRRPWCYVQVGLKPLVQECMVHDCADGKKPSSPPEE
;
A,B,C,D
2 'polypeptide(L)'
;RSLRCMQCKTNGDCRVEECALGQDLCRTTIVRLWEEGEELELVEKSCTHSEKTNRTLSYRTGLKITSLTEVVCGLDLCNQ
GNSGRAVTYSRSRYLECISCGSSDMSCERGRHQSLQCRSPEEQCLDVVTHWIQEGEEGRPKDDRHLRGCGYLPGCPGSNG
FHNQDTFHFLKCCQTTKCNEGPILELENLPQNGRQCYSCKGQSTHGCSSEETFLIDCRGPMNQCLVATGTHEPKQQSYMV
RGCATASMCQHAHLGDAFSMNHIDVSCCTKSGCNHPDLD
;
E,F,G,H
#
loop_
_chem_comp.id
_chem_comp.type
_chem_comp.name
_chem_comp.formula
BMA D-saccharide, beta linking beta-D-mannopyranose 'C6 H12 O6'
NAG D-saccharide, beta linking 2-acetamido-2-deoxy-beta-D-glucopyranose 'C8 H15 N O6'
SO4 non-polymer 'SULFATE ION' 'O4 S -2'
#
# COMPACT_ATOMS: atom_id res chain seq x y z
N CYS A 13 17.82 18.89 32.21
CA CYS A 13 19.24 18.64 32.58
C CYS A 13 20.00 17.81 31.57
N ASP A 14 19.28 16.83 31.01
CA ASP A 14 19.83 15.92 30.03
C ASP A 14 20.89 14.99 30.61
N CYS A 15 20.48 14.04 31.44
CA CYS A 15 21.42 13.06 31.95
C CYS A 15 20.79 11.80 31.40
N LEU A 16 21.52 11.20 30.46
CA LEU A 16 21.06 10.05 29.74
C LEU A 16 21.23 8.75 30.52
N ASN A 17 20.80 7.64 29.92
CA ASN A 17 20.97 6.32 30.48
C ASN A 17 20.67 6.25 31.96
N GLY A 18 19.54 6.79 32.37
CA GLY A 18 19.13 6.71 33.78
C GLY A 18 19.90 7.55 34.76
N GLY A 19 20.65 8.52 34.27
CA GLY A 19 21.38 9.40 35.16
C GLY A 19 20.33 10.31 35.79
N THR A 20 20.66 10.94 36.92
CA THR A 20 19.71 11.87 37.56
C THR A 20 20.38 13.21 37.79
N CYS A 21 19.59 14.27 37.65
CA CYS A 21 20.12 15.62 37.78
C CYS A 21 20.14 16.17 39.22
N VAL A 22 21.32 16.60 39.61
CA VAL A 22 21.57 17.13 40.94
C VAL A 22 22.02 18.61 40.94
N SER A 23 21.78 19.30 42.05
CA SER A 23 22.15 20.69 42.24
C SER A 23 22.46 20.82 43.72
N ASN A 24 22.90 22.00 44.14
CA ASN A 24 23.16 22.24 45.55
C ASN A 24 22.81 23.67 45.88
N LYS A 25 21.92 23.85 46.85
CA LYS A 25 21.41 25.17 47.26
C LYS A 25 22.52 26.18 47.66
N TYR A 26 23.58 25.70 48.26
CA TYR A 26 24.63 26.58 48.69
C TYR A 26 25.52 27.03 47.56
N PHE A 27 25.27 26.53 46.35
CA PHE A 27 26.11 26.86 45.20
C PHE A 27 25.32 27.28 43.97
N SER A 28 24.68 28.44 44.08
CA SER A 28 23.92 29.01 42.99
C SER A 28 23.21 28.01 42.07
N ASN A 29 23.34 28.28 40.77
CA ASN A 29 22.73 27.48 39.69
C ASN A 29 23.29 26.08 39.41
N ILE A 30 24.61 25.87 39.54
CA ILE A 30 25.21 24.58 39.16
C ILE A 30 24.44 23.30 39.38
N HIS A 31 24.19 22.65 38.25
CA HIS A 31 23.58 21.34 38.21
C HIS A 31 24.45 20.44 37.34
N TRP A 32 24.49 19.16 37.67
CA TRP A 32 25.26 18.24 36.90
C TRP A 32 24.54 16.93 36.86
N CYS A 33 25.24 15.83 36.66
CA CYS A 33 24.53 14.57 36.58
C CYS A 33 25.12 13.50 37.44
N ASN A 34 24.24 12.69 38.01
CA ASN A 34 24.65 11.51 38.70
C ASN A 34 24.37 10.40 37.72
N CYS A 35 25.44 9.71 37.32
CA CYS A 35 25.36 8.65 36.35
C CYS A 35 25.51 7.30 37.00
N PRO A 36 24.78 6.30 36.48
CA PRO A 36 24.84 4.91 36.94
C PRO A 36 26.26 4.40 36.89
N LYS A 37 26.57 3.38 37.69
CA LYS A 37 27.94 2.84 37.78
C LYS A 37 28.75 2.87 36.47
N LYS A 38 28.22 2.26 35.41
CA LYS A 38 28.99 2.18 34.18
C LYS A 38 28.79 3.18 33.01
N PHE A 39 28.49 4.43 33.35
CA PHE A 39 28.34 5.51 32.36
C PHE A 39 29.03 6.78 32.84
N GLY A 40 29.84 7.39 31.98
CA GLY A 40 30.57 8.62 32.31
C GLY A 40 30.20 9.83 31.44
N GLY A 41 30.99 10.90 31.52
CA GLY A 41 30.68 12.11 30.79
C GLY A 41 29.76 13.05 31.55
N GLN A 42 29.72 14.32 31.16
CA GLN A 42 28.89 15.29 31.87
C GLN A 42 27.43 14.91 31.93
N HIS A 43 26.96 14.29 30.85
CA HIS A 43 25.57 13.90 30.69
C HIS A 43 25.39 12.37 30.69
N CYS A 44 26.45 11.66 31.02
CA CYS A 44 26.41 10.19 31.07
C CYS A 44 26.39 9.53 29.69
N GLU A 45 26.67 10.31 28.65
CA GLU A 45 26.62 9.84 27.25
C GLU A 45 27.60 8.73 26.95
N ILE A 46 28.72 8.77 27.66
CA ILE A 46 29.81 7.86 27.47
C ILE A 46 29.55 6.50 28.04
N ASP A 47 29.53 5.51 27.16
CA ASP A 47 29.31 4.11 27.50
C ASP A 47 30.67 3.61 27.89
N LYS A 48 30.92 3.62 29.19
CA LYS A 48 32.22 3.32 29.74
C LYS A 48 32.68 1.85 29.63
N SER A 49 31.84 0.97 29.08
CA SER A 49 32.22 -0.46 28.97
C SER A 49 32.30 -1.06 27.56
N LYS A 50 31.54 -0.50 26.61
CA LYS A 50 31.54 -0.99 25.22
C LYS A 50 32.94 -1.19 24.66
N THR A 51 33.11 -2.27 23.90
CA THR A 51 34.41 -2.58 23.33
C THR A 51 34.32 -2.90 21.85
N CYS A 52 33.18 -2.54 21.25
CA CYS A 52 32.96 -2.76 19.82
C CYS A 52 31.65 -2.11 19.41
N TYR A 53 31.49 -1.88 18.11
CA TYR A 53 30.30 -1.24 17.60
C TYR A 53 29.37 -2.17 16.84
N GLU A 54 28.08 -1.89 16.93
CA GLU A 54 27.05 -2.60 16.19
C GLU A 54 26.70 -1.78 14.95
N GLY A 55 26.58 -2.46 13.80
CA GLY A 55 26.18 -1.81 12.54
C GLY A 55 27.28 -1.03 11.87
N ASN A 56 27.07 0.28 11.75
CA ASN A 56 28.06 1.16 11.16
C ASN A 56 28.65 2.08 12.24
N GLY A 57 28.23 1.86 13.49
CA GLY A 57 28.73 2.64 14.63
C GLY A 57 28.06 3.97 14.92
N HIS A 58 27.01 4.29 14.16
CA HIS A 58 26.27 5.53 14.29
C HIS A 58 25.84 5.79 15.72
N PHE A 59 25.50 4.72 16.43
CA PHE A 59 25.06 4.84 17.79
C PHE A 59 26.09 4.33 18.80
N TYR A 60 27.36 4.35 18.39
CA TYR A 60 28.44 3.90 19.26
C TYR A 60 28.90 5.03 20.17
N ARG A 61 29.02 4.74 21.45
CA ARG A 61 29.44 5.76 22.43
C ARG A 61 30.57 5.32 23.34
N GLY A 62 31.44 4.44 22.85
CA GLY A 62 32.53 3.92 23.65
C GLY A 62 33.66 4.90 23.83
N LYS A 63 34.76 4.46 24.45
CA LYS A 63 35.91 5.34 24.70
C LYS A 63 37.14 5.09 23.80
N ALA A 64 36.95 4.51 22.61
CA ALA A 64 38.09 4.34 21.71
C ALA A 64 38.49 5.72 21.18
N SER A 65 39.79 5.95 21.02
CA SER A 65 40.26 7.25 20.63
C SER A 65 41.55 7.21 19.83
N THR A 66 41.83 6.07 19.22
CA THR A 66 43.03 5.92 18.41
C THR A 66 42.69 5.39 17.01
N ASP A 67 43.34 5.94 15.99
CA ASP A 67 43.04 5.55 14.61
C ASP A 67 43.77 4.29 14.15
N THR A 68 43.70 4.00 12.85
CA THR A 68 44.32 2.80 12.26
C THR A 68 45.82 2.81 12.41
N MET A 69 46.41 3.99 12.34
CA MET A 69 47.86 4.16 12.44
C MET A 69 48.38 4.24 13.87
N GLY A 70 47.47 4.21 14.84
CA GLY A 70 47.84 4.30 16.24
C GLY A 70 47.95 5.73 16.77
N ARG A 71 47.61 6.70 15.92
CA ARG A 71 47.63 8.11 16.29
C ARG A 71 46.40 8.46 17.15
N PRO A 72 46.53 9.43 18.07
CA PRO A 72 45.39 9.83 18.87
C PRO A 72 44.42 10.69 18.11
N CYS A 73 43.17 10.68 18.55
CA CYS A 73 42.17 11.52 17.93
C CYS A 73 42.26 12.93 18.49
N LEU A 74 41.88 13.90 17.67
CA LEU A 74 41.73 15.27 18.12
C LEU A 74 40.42 15.31 18.90
N PRO A 75 40.36 16.10 19.99
CA PRO A 75 39.13 16.25 20.78
C PRO A 75 38.06 16.98 19.98
N TRP A 76 36.80 16.60 20.20
CA TRP A 76 35.69 17.21 19.45
C TRP A 76 35.48 18.69 19.75
N ASN A 77 36.29 19.24 20.66
CA ASN A 77 36.24 20.66 21.03
C ASN A 77 37.56 21.41 20.77
N SER A 78 38.48 20.73 20.08
CA SER A 78 39.76 21.28 19.66
C SER A 78 39.45 22.52 18.87
N ALA A 79 40.35 23.50 18.86
CA ALA A 79 40.06 24.68 18.07
C ALA A 79 39.90 24.25 16.62
N THR A 80 40.72 23.26 16.24
CA THR A 80 40.72 22.72 14.89
C THR A 80 39.44 22.00 14.55
N VAL A 81 39.05 21.04 15.38
CA VAL A 81 37.82 20.31 15.07
C VAL A 81 36.65 21.29 14.99
N LEU A 82 36.69 22.36 15.78
CA LEU A 82 35.67 23.40 15.74
C LEU A 82 35.52 24.08 14.36
N GLN A 83 36.48 23.86 13.47
CA GLN A 83 36.42 24.40 12.11
C GLN A 83 35.90 23.33 11.16
N GLN A 84 35.67 22.12 11.68
CA GLN A 84 35.19 21.07 10.80
C GLN A 84 33.69 21.04 10.82
N THR A 85 33.05 20.13 10.09
CA THR A 85 31.59 20.16 10.06
C THR A 85 30.98 19.44 11.27
N TYR A 86 31.76 18.57 11.91
CA TYR A 86 31.34 17.80 13.10
C TYR A 86 32.24 18.08 14.28
N HIS A 87 31.71 18.83 15.24
CA HIS A 87 32.47 19.25 16.43
C HIS A 87 31.55 19.37 17.64
N ALA A 88 32.16 19.53 18.81
CA ALA A 88 31.42 19.57 20.10
C ALA A 88 30.46 20.71 20.36
N HIS A 89 30.64 21.87 19.71
CA HIS A 89 29.73 23.02 19.90
C HIS A 89 28.54 23.09 18.92
N ARG A 90 28.13 21.95 18.34
CA ARG A 90 26.97 21.97 17.45
C ARG A 90 25.74 21.87 18.29
N SER A 91 24.66 22.49 17.84
CA SER A 91 23.40 22.36 18.56
C SER A 91 23.05 20.91 18.88
N ASP A 92 23.49 19.99 18.02
CA ASP A 92 23.14 18.59 18.20
C ASP A 92 24.23 17.73 18.78
N ALA A 93 25.32 18.37 19.18
CA ALA A 93 26.52 17.67 19.73
C ALA A 93 26.18 16.43 20.53
N LEU A 94 25.37 16.61 21.56
CA LEU A 94 24.99 15.54 22.45
C LEU A 94 24.39 14.34 21.72
N GLN A 95 23.51 14.61 20.75
CA GLN A 95 22.87 13.56 19.97
C GLN A 95 23.86 12.80 19.07
N LEU A 96 24.85 13.50 18.55
CA LEU A 96 25.88 12.87 17.72
C LEU A 96 26.93 12.17 18.57
N GLY A 97 26.97 12.49 19.87
CA GLY A 97 27.93 11.91 20.80
C GLY A 97 29.27 12.61 20.76
N LEU A 98 29.26 13.83 20.24
CA LEU A 98 30.47 14.63 20.13
C LEU A 98 30.54 15.53 21.36
N GLY A 99 31.58 15.35 22.16
CA GLY A 99 31.74 16.12 23.39
C GLY A 99 33.15 16.53 23.70
N LYS A 100 33.40 16.91 24.96
CA LYS A 100 34.72 17.32 25.42
C LYS A 100 35.53 16.08 25.67
N HIS A 101 35.93 15.43 24.57
CA HIS A 101 36.71 14.21 24.60
C HIS A 101 37.20 13.97 23.20
N ASN A 102 37.83 12.82 22.96
CA ASN A 102 38.31 12.47 21.63
C ASN A 102 37.89 11.04 21.24
N TYR A 103 36.70 10.64 21.65
CA TYR A 103 36.24 9.31 21.35
C TYR A 103 35.67 9.21 19.94
N CYS A 104 35.95 8.05 19.31
CA CYS A 104 35.53 7.77 17.96
C CYS A 104 34.01 7.86 17.84
N ARG A 105 33.54 8.49 16.77
CA ARG A 105 32.12 8.60 16.57
C ARG A 105 31.89 8.42 15.08
N ASN A 106 30.62 8.50 14.67
CA ASN A 106 30.28 8.36 13.27
C ASN A 106 29.06 9.24 13.00
N PRO A 107 29.22 10.54 13.17
CA PRO A 107 28.05 11.40 13.05
C PRO A 107 27.47 11.46 11.65
N ASP A 108 28.23 11.04 10.64
CA ASP A 108 27.74 11.13 9.26
C ASP A 108 27.34 9.81 8.65
N ASN A 109 27.23 8.77 9.46
CA ASN A 109 26.82 7.44 8.99
C ASN A 109 27.75 6.65 8.08
N ARG A 110 29.06 6.93 8.14
CA ARG A 110 30.05 6.17 7.40
C ARG A 110 30.03 4.70 7.80
N ARG A 111 30.80 3.88 7.12
CA ARG A 111 30.84 2.46 7.39
C ARG A 111 31.25 2.04 8.81
N ARG A 112 32.21 2.75 9.38
CA ARG A 112 32.70 2.45 10.73
C ARG A 112 33.03 3.79 11.45
N PRO A 113 33.19 3.75 12.80
CA PRO A 113 33.49 4.92 13.61
C PRO A 113 34.85 5.52 13.31
N TRP A 114 34.88 6.85 13.32
CA TRP A 114 36.08 7.61 13.02
C TRP A 114 36.22 8.83 13.89
N CYS A 115 37.28 9.61 13.64
CA CYS A 115 37.54 10.87 14.35
C CYS A 115 38.60 11.63 13.56
N TYR A 116 38.66 12.96 13.71
CA TYR A 116 39.68 13.72 12.97
C TYR A 116 41.05 13.48 13.64
N VAL A 117 42.12 13.52 12.85
CA VAL A 117 43.44 13.30 13.38
C VAL A 117 44.37 14.34 12.78
N GLN A 118 45.34 14.77 13.58
CA GLN A 118 46.27 15.74 13.10
C GLN A 118 47.34 15.00 12.31
N VAL A 119 47.20 15.03 11.00
CA VAL A 119 48.10 14.34 10.08
C VAL A 119 48.88 15.42 9.32
N GLY A 120 50.06 15.73 9.80
CA GLY A 120 50.80 16.82 9.20
C GLY A 120 50.12 18.10 9.67
N LEU A 121 49.63 18.88 8.72
CA LEU A 121 48.97 20.13 9.05
C LEU A 121 47.52 20.04 8.76
N LYS A 122 47.06 18.82 8.59
CA LYS A 122 45.69 18.62 8.22
C LYS A 122 44.95 17.73 9.19
N PRO A 123 43.74 18.18 9.56
CA PRO A 123 42.83 17.43 10.42
C PRO A 123 42.05 16.52 9.49
N LEU A 124 42.57 15.32 9.26
CA LEU A 124 41.93 14.37 8.37
C LEU A 124 41.05 13.36 9.09
N VAL A 125 40.00 12.92 8.39
CA VAL A 125 39.11 11.88 8.90
C VAL A 125 39.92 10.59 8.91
N GLN A 126 39.81 9.81 9.97
CA GLN A 126 40.50 8.55 10.06
C GLN A 126 39.63 7.55 10.77
N GLU A 127 39.50 6.36 10.19
CA GLU A 127 38.67 5.34 10.82
C GLU A 127 39.48 4.81 12.00
N CYS A 128 38.82 4.51 13.10
CA CYS A 128 39.51 4.01 14.29
C CYS A 128 39.80 2.53 14.13
N MET A 129 40.32 1.92 15.20
CA MET A 129 40.66 0.49 15.17
C MET A 129 39.59 -0.49 15.61
N VAL A 130 38.71 -0.10 16.54
CA VAL A 130 37.64 -0.99 17.03
C VAL A 130 36.87 -1.64 15.89
N HIS A 131 36.48 -2.91 16.09
CA HIS A 131 35.78 -3.64 15.05
C HIS A 131 34.34 -3.93 15.42
N ASP A 132 33.65 -4.70 14.57
CA ASP A 132 32.25 -5.04 14.83
C ASP A 132 32.23 -6.05 15.93
N CYS A 133 31.17 -6.01 16.73
CA CYS A 133 31.03 -6.98 17.78
C CYS A 133 30.89 -8.33 17.09
N ALA A 134 30.69 -8.27 15.76
CA ALA A 134 30.55 -9.43 14.89
C ALA A 134 31.90 -10.12 14.59
N CYS B 13 -23.15 -30.86 -14.83
CA CYS B 13 -24.62 -30.70 -15.08
C CYS B 13 -25.12 -29.31 -14.91
N ASP B 14 -24.53 -28.62 -13.93
CA ASP B 14 -24.88 -27.25 -13.60
C ASP B 14 -26.30 -27.11 -13.06
N CYS B 15 -26.54 -27.63 -11.85
CA CYS B 15 -27.83 -27.40 -11.23
C CYS B 15 -27.43 -26.59 -10.02
N LEU B 16 -27.85 -25.33 -10.06
CA LEU B 16 -27.50 -24.37 -9.04
C LEU B 16 -28.31 -24.51 -7.75
N ASN B 17 -28.03 -23.64 -6.79
CA ASN B 17 -28.75 -23.59 -5.53
C ASN B 17 -29.10 -24.94 -4.97
N GLY B 18 -28.11 -25.82 -4.87
CA GLY B 18 -28.31 -27.14 -4.26
C GLY B 18 -29.13 -28.14 -5.03
N GLY B 19 -29.34 -27.89 -6.31
CA GLY B 19 -30.07 -28.84 -7.13
C GLY B 19 -29.16 -30.03 -7.35
N THR B 20 -29.71 -31.19 -7.68
CA THR B 20 -28.86 -32.35 -7.98
C THR B 20 -29.15 -32.90 -9.36
N CYS B 21 -28.11 -33.38 -10.02
CA CYS B 21 -28.26 -33.88 -11.37
C CYS B 21 -28.69 -35.34 -11.47
N VAL B 22 -29.76 -35.56 -12.21
CA VAL B 22 -30.38 -36.84 -12.40
C VAL B 22 -30.39 -37.30 -13.87
N SER B 23 -30.41 -38.62 -14.07
CA SER B 23 -30.47 -39.22 -15.40
C SER B 23 -31.28 -40.50 -15.24
N ASN B 24 -31.54 -41.19 -16.33
CA ASN B 24 -32.25 -42.47 -16.27
C ASN B 24 -31.67 -43.42 -17.31
N LYS B 25 -31.19 -44.57 -16.84
CA LYS B 25 -30.55 -45.58 -17.67
C LYS B 25 -31.39 -46.04 -18.87
N TYR B 26 -32.70 -46.06 -18.73
CA TYR B 26 -33.54 -46.49 -19.82
C TYR B 26 -33.75 -45.42 -20.86
N PHE B 27 -33.22 -44.23 -20.61
CA PHE B 27 -33.42 -43.11 -21.57
C PHE B 27 -32.12 -42.43 -21.95
N SER B 28 -31.29 -43.15 -22.71
CA SER B 28 -30.04 -42.65 -23.23
C SER B 28 -29.29 -41.65 -22.34
N ASN B 29 -28.88 -40.54 -22.97
CA ASN B 29 -28.11 -39.47 -22.32
C ASN B 29 -28.85 -38.49 -21.39
N ILE B 30 -30.14 -38.23 -21.62
CA ILE B 30 -30.86 -37.20 -20.85
C ILE B 30 -30.62 -37.10 -19.37
N HIS B 31 -30.12 -35.92 -19.00
CA HIS B 31 -29.93 -35.54 -17.61
C HIS B 31 -30.61 -34.19 -17.41
N TRP B 32 -31.14 -33.97 -16.23
CA TRP B 32 -31.76 -32.72 -15.94
C TRP B 32 -31.44 -32.36 -14.52
N CYS B 33 -32.28 -31.56 -13.88
CA CYS B 33 -31.97 -31.19 -12.51
C CYS B 33 -33.12 -31.37 -11.59
N ASN B 34 -32.78 -31.80 -10.38
CA ASN B 34 -33.74 -31.83 -9.29
C ASN B 34 -33.44 -30.63 -8.46
N CYS B 35 -34.41 -29.72 -8.42
CA CYS B 35 -34.26 -28.47 -7.68
C CYS B 35 -35.02 -28.47 -6.37
N PRO B 36 -34.44 -27.84 -5.34
CA PRO B 36 -35.04 -27.69 -4.02
C PRO B 36 -36.39 -27.03 -4.17
N LYS B 37 -37.26 -27.23 -3.18
CA LYS B 37 -38.63 -26.70 -3.23
C LYS B 37 -38.84 -25.36 -3.95
N LYS B 38 -38.17 -24.31 -3.49
CA LYS B 38 -38.39 -22.97 -4.05
C LYS B 38 -37.49 -22.43 -5.18
N PHE B 39 -36.97 -23.31 -6.03
CA PHE B 39 -36.14 -22.91 -7.19
C PHE B 39 -36.57 -23.62 -8.45
N GLY B 40 -36.83 -22.85 -9.53
CA GLY B 40 -37.27 -23.38 -10.82
C GLY B 40 -36.25 -23.22 -11.94
N GLY B 41 -36.65 -23.58 -13.16
CA GLY B 41 -35.74 -23.50 -14.29
C GLY B 41 -35.01 -24.79 -14.56
N GLN B 42 -34.49 -24.95 -15.78
CA GLN B 42 -33.79 -26.17 -16.13
C GLN B 42 -32.64 -26.43 -15.22
N HIS B 43 -31.98 -25.36 -14.79
CA HIS B 43 -30.80 -25.47 -13.96
C HIS B 43 -31.04 -24.94 -12.53
N CYS B 44 -32.30 -24.63 -12.22
CA CYS B 44 -32.67 -24.13 -10.90
C CYS B 44 -32.26 -22.66 -10.68
N GLU B 45 -31.88 -21.97 -11.75
CA GLU B 45 -31.41 -20.57 -11.70
C GLU B 45 -32.46 -19.62 -11.18
N ILE B 46 -33.71 -19.98 -11.46
CA ILE B 46 -34.85 -19.14 -11.14
C ILE B 46 -35.22 -19.17 -9.69
N ASP B 47 -35.16 -17.99 -9.06
CA ASP B 47 -35.47 -17.80 -7.65
C ASP B 47 -36.97 -17.56 -7.63
N LYS B 48 -37.70 -18.63 -7.43
CA LYS B 48 -39.14 -18.64 -7.53
C LYS B 48 -39.89 -17.87 -6.43
N SER B 49 -39.17 -17.24 -5.51
CA SER B 49 -39.86 -16.51 -4.43
C SER B 49 -39.53 -15.01 -4.28
N LYS B 50 -38.34 -14.59 -4.74
CA LYS B 50 -37.93 -13.18 -4.67
C LYS B 50 -38.98 -12.25 -5.20
N THR B 51 -39.16 -11.12 -4.54
CA THR B 51 -40.15 -10.13 -4.93
C THR B 51 -39.55 -8.74 -5.01
N CYS B 52 -38.22 -8.68 -5.07
CA CYS B 52 -37.50 -7.41 -5.17
C CYS B 52 -36.00 -7.65 -5.32
N TYR B 53 -35.30 -6.63 -5.80
CA TYR B 53 -33.86 -6.74 -6.05
C TYR B 53 -33.01 -5.95 -5.09
N GLU B 54 -31.87 -6.53 -4.75
CA GLU B 54 -30.86 -5.90 -3.92
C GLU B 54 -29.86 -5.19 -4.85
N GLY B 55 -29.51 -3.96 -4.53
CA GLY B 55 -28.52 -3.21 -5.28
C GLY B 55 -28.97 -2.62 -6.58
N ASN B 56 -28.37 -3.11 -7.66
CA ASN B 56 -28.75 -2.67 -8.98
C ASN B 56 -29.44 -3.80 -9.74
N GLY B 57 -29.61 -4.94 -9.06
CA GLY B 57 -30.29 -6.11 -9.63
C GLY B 57 -29.45 -7.07 -10.47
N HIS B 58 -28.16 -6.77 -10.58
CA HIS B 58 -27.21 -7.58 -11.35
C HIS B 58 -27.33 -9.05 -10.96
N PHE B 59 -27.59 -9.33 -9.70
CA PHE B 59 -27.72 -10.71 -9.26
C PHE B 59 -29.16 -11.11 -8.96
N TYR B 60 -30.09 -10.42 -9.57
CA TYR B 60 -31.51 -10.72 -9.38
C TYR B 60 -31.96 -11.83 -10.31
N ARG B 61 -32.64 -12.81 -9.73
CA ARG B 61 -33.10 -13.95 -10.52
C ARG B 61 -34.57 -14.28 -10.32
N GLY B 62 -35.40 -13.28 -10.06
CA GLY B 62 -36.82 -13.49 -9.80
C GLY B 62 -37.61 -13.75 -11.06
N LYS B 63 -38.95 -13.79 -10.95
CA LYS B 63 -39.83 -14.04 -12.10
C LYS B 63 -40.61 -12.83 -12.61
N ALA B 64 -40.15 -11.61 -12.34
CA ALA B 64 -40.86 -10.44 -12.88
C ALA B 64 -40.60 -10.41 -14.37
N SER B 65 -41.60 -10.01 -15.14
CA SER B 65 -41.51 -10.05 -16.57
C SER B 65 -42.35 -9.00 -17.28
N THR B 66 -42.67 -7.92 -16.57
CA THR B 66 -43.43 -6.82 -17.15
C THR B 66 -42.71 -5.49 -16.92
N ASP B 67 -42.76 -4.60 -17.91
CA ASP B 67 -42.06 -3.32 -17.82
C ASP B 67 -42.85 -2.23 -17.10
N THR B 68 -42.37 -0.99 -17.21
CA THR B 68 -43.00 0.15 -16.55
C THR B 68 -44.39 0.44 -17.12
N MET B 69 -44.56 0.21 -18.42
CA MET B 69 -45.83 0.45 -19.10
C MET B 69 -46.82 -0.73 -18.98
N GLY B 70 -46.40 -1.81 -18.34
CA GLY B 70 -47.27 -2.98 -18.19
C GLY B 70 -47.17 -3.99 -19.33
N ARG B 71 -46.30 -3.71 -20.28
CA ARG B 71 -46.05 -4.57 -21.43
C ARG B 71 -45.23 -5.79 -21.01
N PRO B 72 -45.44 -6.94 -21.67
CA PRO B 72 -44.62 -8.11 -21.35
C PRO B 72 -43.24 -8.02 -21.94
N CYS B 73 -42.30 -8.73 -21.35
CA CYS B 73 -40.95 -8.78 -21.88
C CYS B 73 -40.90 -9.80 -22.99
N LEU B 74 -39.92 -9.63 -23.85
CA LEU B 74 -39.63 -10.61 -24.88
C LEU B 74 -38.82 -11.67 -24.17
N PRO B 75 -38.99 -12.96 -24.56
CA PRO B 75 -38.18 -14.05 -23.99
C PRO B 75 -36.72 -13.91 -24.41
N TRP B 76 -35.80 -14.31 -23.55
CA TRP B 76 -34.38 -14.15 -23.86
C TRP B 76 -33.89 -15.05 -24.98
N ASN B 77 -34.80 -15.84 -25.57
CA ASN B 77 -34.48 -16.74 -26.70
C ASN B 77 -35.32 -16.41 -27.95
N SER B 78 -36.07 -15.31 -27.87
CA SER B 78 -36.85 -14.79 -28.97
C SER B 78 -35.91 -14.68 -30.15
N ALA B 79 -36.42 -14.83 -31.37
CA ALA B 79 -35.52 -14.70 -32.51
C ALA B 79 -34.95 -13.30 -32.46
N THR B 80 -35.79 -12.35 -32.04
CA THR B 80 -35.39 -10.96 -31.92
C THR B 80 -34.35 -10.71 -30.85
N VAL B 81 -34.56 -11.22 -29.64
CA VAL B 81 -33.57 -10.96 -28.59
C VAL B 81 -32.22 -11.57 -29.02
N LEU B 82 -32.30 -12.68 -29.76
CA LEU B 82 -31.10 -13.34 -30.29
C LEU B 82 -30.28 -12.40 -31.20
N GLN B 83 -30.89 -11.31 -31.67
CA GLN B 83 -30.15 -10.32 -32.46
C GLN B 83 -29.61 -9.20 -31.60
N GLN B 84 -29.93 -9.21 -30.31
CA GLN B 84 -29.45 -8.17 -29.41
C GLN B 84 -28.14 -8.59 -28.77
N THR B 85 -27.56 -7.77 -27.89
CA THR B 85 -26.25 -8.18 -27.37
C THR B 85 -26.36 -9.13 -26.17
N TYR B 86 -27.53 -9.17 -25.54
CA TYR B 86 -27.79 -10.01 -24.37
C TYR B 86 -28.97 -10.92 -24.66
N HIS B 87 -28.69 -12.20 -24.84
CA HIS B 87 -29.72 -13.18 -25.18
C HIS B 87 -29.38 -14.56 -24.61
N ALA B 88 -30.34 -15.47 -24.66
CA ALA B 88 -30.18 -16.81 -24.07
C ALA B 88 -29.09 -17.74 -24.64
N HIS B 89 -28.70 -17.58 -25.91
CA HIS B 89 -27.66 -18.45 -26.51
C HIS B 89 -26.20 -17.97 -26.36
N ARG B 90 -25.93 -17.09 -25.40
CA ARG B 90 -24.57 -16.64 -25.19
C ARG B 90 -23.84 -17.67 -24.36
N SER B 91 -22.55 -17.83 -24.60
CA SER B 91 -21.75 -18.74 -23.78
C SER B 91 -21.97 -18.54 -22.27
N ASP B 92 -22.27 -17.31 -21.88
CA ASP B 92 -22.41 -17.01 -20.46
C ASP B 92 -23.86 -16.87 -19.99
N ALA B 93 -24.81 -17.16 -20.88
CA ALA B 93 -26.25 -17.05 -20.56
C ALA B 93 -26.60 -17.37 -19.12
N LEU B 94 -26.21 -18.55 -18.69
CA LEU B 94 -26.53 -19.03 -17.37
C LEU B 94 -26.05 -18.09 -16.27
N GLN B 95 -24.85 -17.55 -16.45
CA GLN B 95 -24.24 -16.63 -15.48
C GLN B 95 -24.95 -15.29 -15.42
N LEU B 96 -25.48 -14.85 -16.56
CA LEU B 96 -26.21 -13.60 -16.65
C LEU B 96 -27.67 -13.77 -16.23
N GLY B 97 -28.14 -15.01 -16.15
CA GLY B 97 -29.53 -15.29 -15.77
C GLY B 97 -30.48 -15.17 -16.96
N LEU B 98 -29.91 -15.23 -18.16
CA LEU B 98 -30.71 -15.16 -19.37
C LEU B 98 -30.99 -16.59 -19.83
N GLY B 99 -32.26 -16.95 -19.90
CA GLY B 99 -32.64 -18.29 -20.28
C GLY B 99 -33.89 -18.31 -21.13
N LYS B 100 -34.50 -19.50 -21.23
CA LYS B 100 -35.74 -19.70 -21.98
C LYS B 100 -36.88 -19.21 -21.13
N HIS B 101 -36.98 -17.89 -21.00
CA HIS B 101 -38.02 -17.20 -20.23
C HIS B 101 -37.96 -15.74 -20.60
N ASN B 102 -38.72 -14.92 -19.87
CA ASN B 102 -38.73 -13.46 -20.12
C ASN B 102 -38.62 -12.67 -18.82
N TYR B 103 -37.85 -13.19 -17.87
CA TYR B 103 -37.71 -12.55 -16.59
C TYR B 103 -36.69 -11.43 -16.66
N CYS B 104 -37.00 -10.36 -15.93
CA CYS B 104 -36.18 -9.17 -15.87
C CYS B 104 -34.79 -9.50 -15.38
N ARG B 105 -33.80 -8.91 -16.02
CA ARG B 105 -32.41 -9.17 -15.64
C ARG B 105 -31.64 -7.87 -15.80
N ASN B 106 -30.36 -7.90 -15.48
CA ASN B 106 -29.54 -6.72 -15.61
C ASN B 106 -28.12 -7.15 -15.98
N PRO B 107 -27.97 -7.81 -17.13
CA PRO B 107 -26.65 -8.36 -17.44
C PRO B 107 -25.56 -7.31 -17.67
N ASP B 108 -25.96 -6.05 -17.91
CA ASP B 108 -24.98 -5.00 -18.16
C ASP B 108 -24.75 -4.04 -16.99
N ASN B 109 -25.25 -4.41 -15.82
CA ASN B 109 -25.06 -3.59 -14.61
C ASN B 109 -25.74 -2.21 -14.54
N ARG B 110 -26.84 -2.03 -15.25
CA ARG B 110 -27.61 -0.79 -15.17
C ARG B 110 -28.17 -0.57 -13.76
N ARG B 111 -28.81 0.57 -13.55
CA ARG B 111 -29.34 0.91 -12.24
C ARG B 111 -30.38 -0.06 -11.67
N ARG B 112 -31.26 -0.57 -12.51
CA ARG B 112 -32.29 -1.53 -12.08
C ARG B 112 -32.47 -2.61 -13.18
N PRO B 113 -33.19 -3.71 -12.86
CA PRO B 113 -33.42 -4.79 -13.81
C PRO B 113 -34.35 -4.40 -14.93
N TRP B 114 -34.02 -4.88 -16.13
CA TRP B 114 -34.75 -4.59 -17.35
C TRP B 114 -34.88 -5.83 -18.23
N CYS B 115 -35.50 -5.63 -19.40
CA CYS B 115 -35.66 -6.68 -20.40
C CYS B 115 -36.04 -6.01 -21.70
N TYR B 116 -35.85 -6.69 -22.84
CA TYR B 116 -36.22 -6.04 -24.10
C TYR B 116 -37.76 -6.15 -24.25
N VAL B 117 -38.35 -5.20 -24.96
CA VAL B 117 -39.79 -5.19 -25.13
C VAL B 117 -40.11 -4.78 -26.57
N GLN B 118 -41.16 -5.36 -27.12
CA GLN B 118 -41.50 -5.08 -28.48
C GLN B 118 -42.34 -3.83 -28.47
N VAL B 119 -41.69 -2.72 -28.80
CA VAL B 119 -42.32 -1.41 -28.80
C VAL B 119 -42.38 -0.95 -30.25
N GLY B 120 -43.53 -1.17 -30.87
CA GLY B 120 -43.68 -0.88 -32.27
C GLY B 120 -42.89 -1.98 -32.97
N LEU B 121 -41.89 -1.60 -33.76
CA LEU B 121 -41.10 -2.56 -34.50
C LEU B 121 -39.75 -2.62 -33.91
N LYS B 122 -39.65 -2.17 -32.68
CA LYS B 122 -38.35 -2.11 -32.10
C LYS B 122 -38.27 -2.82 -30.74
N PRO B 123 -37.25 -3.66 -30.58
CA PRO B 123 -36.96 -4.38 -29.33
C PRO B 123 -36.16 -3.44 -28.45
N LEU B 124 -36.85 -2.64 -27.65
CA LEU B 124 -36.20 -1.66 -26.81
C LEU B 124 -35.96 -2.12 -25.39
N VAL B 125 -34.92 -1.56 -24.78
CA VAL B 125 -34.63 -1.83 -23.39
C VAL B 125 -35.70 -1.11 -22.57
N GLN B 126 -36.23 -1.79 -21.57
CA GLN B 126 -37.22 -1.20 -20.70
C GLN B 126 -36.98 -1.68 -19.27
N GLU B 127 -36.94 -0.74 -18.34
CA GLU B 127 -36.76 -1.10 -16.95
C GLU B 127 -38.09 -1.71 -16.49
N CYS B 128 -38.02 -2.72 -15.62
CA CYS B 128 -39.23 -3.39 -15.16
C CYS B 128 -39.82 -2.62 -14.01
N MET B 129 -40.88 -3.16 -13.42
CA MET B 129 -41.56 -2.49 -12.31
C MET B 129 -41.06 -2.77 -10.89
N VAL B 130 -40.55 -3.99 -10.63
CA VAL B 130 -40.06 -4.34 -9.28
C VAL B 130 -39.10 -3.30 -8.71
N HIS B 131 -39.18 -3.09 -7.40
CA HIS B 131 -38.35 -2.08 -6.76
C HIS B 131 -37.32 -2.67 -5.85
N ASP B 132 -36.60 -1.81 -5.12
CA ASP B 132 -35.57 -2.26 -4.21
C ASP B 132 -36.25 -2.86 -3.02
N CYS B 133 -35.61 -3.85 -2.42
CA CYS B 133 -36.17 -4.43 -1.23
C CYS B 133 -36.14 -3.34 -0.18
N ALA B 134 -35.41 -2.26 -0.51
CA ALA B 134 -35.27 -1.08 0.33
C ALA B 134 -36.51 -0.17 0.33
N CYS C 13 16.33 0.25 -5.89
CA CYS C 13 16.85 0.99 -7.08
C CYS C 13 17.80 2.07 -6.65
N ASP C 14 17.36 2.87 -5.68
CA ASP C 14 18.15 3.95 -5.11
C ASP C 14 18.79 4.82 -6.20
N CYS C 15 17.94 5.43 -7.01
CA CYS C 15 18.37 6.34 -8.05
C CYS C 15 18.34 7.74 -7.44
N LEU C 16 19.53 8.31 -7.24
CA LEU C 16 19.65 9.63 -6.62
C LEU C 16 19.22 10.76 -7.56
N ASN C 17 19.22 11.97 -7.02
CA ASN C 17 18.92 13.19 -7.78
C ASN C 17 17.67 13.19 -8.62
N GLY C 18 16.57 12.65 -8.09
CA GLY C 18 15.30 12.64 -8.83
C GLY C 18 15.16 11.55 -9.88
N GLY C 19 16.28 11.02 -10.36
CA GLY C 19 16.26 9.94 -11.34
C GLY C 19 15.36 8.82 -10.88
N THR C 20 14.68 8.16 -11.80
CA THR C 20 13.76 7.10 -11.40
C THR C 20 14.06 5.74 -11.98
N CYS C 21 13.46 4.73 -11.37
CA CYS C 21 13.75 3.34 -11.69
C CYS C 21 12.89 2.62 -12.73
N VAL C 22 13.55 2.21 -13.79
CA VAL C 22 12.95 1.52 -14.92
C VAL C 22 13.23 0.04 -14.77
N SER C 23 12.41 -0.80 -15.41
CA SER C 23 12.54 -2.25 -15.42
C SER C 23 11.97 -2.69 -16.75
N ASN C 24 12.11 -3.97 -17.10
CA ASN C 24 11.52 -4.44 -18.37
C ASN C 24 11.01 -5.88 -18.34
N LYS C 25 9.69 -6.02 -18.38
CA LYS C 25 9.05 -7.33 -18.32
C LYS C 25 9.73 -8.45 -19.11
N TYR C 26 10.20 -8.15 -20.33
CA TYR C 26 10.86 -9.16 -21.14
C TYR C 26 12.21 -9.52 -20.60
N PHE C 27 12.89 -8.50 -20.12
CA PHE C 27 14.27 -8.69 -19.66
C PHE C 27 14.49 -9.11 -18.24
N SER C 28 13.93 -10.29 -17.94
CA SER C 28 14.09 -10.97 -16.67
C SER C 28 13.91 -10.11 -15.43
N ASN C 29 13.27 -8.96 -15.56
CA ASN C 29 12.94 -8.16 -14.40
C ASN C 29 14.13 -7.39 -13.80
N ILE C 30 15.08 -7.00 -14.65
CA ILE C 30 16.27 -6.26 -14.16
C ILE C 30 15.92 -4.78 -13.91
N HIS C 31 16.76 -4.10 -13.13
CA HIS C 31 16.49 -2.71 -12.75
C HIS C 31 17.65 -1.76 -12.97
N TRP C 32 17.32 -0.52 -13.36
CA TRP C 32 18.33 0.52 -13.55
C TRP C 32 17.70 1.89 -13.34
N CYS C 33 18.41 2.96 -13.68
CA CYS C 33 17.87 4.30 -13.45
C CYS C 33 17.78 5.19 -14.67
N ASN C 34 16.75 6.03 -14.69
CA ASN C 34 16.66 7.04 -15.74
C ASN C 34 17.01 8.35 -15.08
N CYS C 35 18.24 8.75 -15.29
CA CYS C 35 18.79 9.94 -14.71
C CYS C 35 18.44 11.14 -15.54
N PRO C 36 18.01 12.23 -14.89
CA PRO C 36 17.67 13.43 -15.65
C PRO C 36 18.86 13.85 -16.46
N LYS C 37 18.60 14.42 -17.64
CA LYS C 37 19.62 14.88 -18.56
C LYS C 37 20.90 15.40 -17.88
N LYS C 38 20.75 16.14 -16.77
CA LYS C 38 21.89 16.74 -16.05
C LYS C 38 22.81 15.73 -15.35
N PHE C 39 22.25 14.59 -14.92
CA PHE C 39 22.98 13.58 -14.12
C PHE C 39 23.29 12.24 -14.79
N GLY C 40 24.27 11.52 -14.24
CA GLY C 40 24.70 10.22 -14.76
C GLY C 40 25.28 9.25 -13.75
N GLY C 41 25.63 8.05 -14.21
CA GLY C 41 26.20 7.00 -13.36
C GLY C 41 25.11 6.00 -13.02
N GLN C 42 25.49 4.81 -12.56
CA GLN C 42 24.52 3.75 -12.21
C GLN C 42 23.38 4.16 -11.25
N HIS C 43 23.61 5.21 -10.46
CA HIS C 43 22.61 5.69 -9.51
C HIS C 43 22.31 7.16 -9.69
N CYS C 44 22.81 7.75 -10.79
CA CYS C 44 22.65 9.16 -11.12
C CYS C 44 23.52 10.04 -10.22
N GLU C 45 24.48 9.40 -9.54
CA GLU C 45 25.38 10.09 -8.60
C GLU C 45 26.55 10.84 -9.20
N ILE C 46 26.49 11.09 -10.50
CA ILE C 46 27.56 11.81 -11.15
C ILE C 46 26.97 13.09 -11.71
N ASP C 47 27.30 14.22 -11.09
CA ASP C 47 26.84 15.52 -11.58
C ASP C 47 27.48 15.71 -12.94
N LYS C 48 26.87 15.07 -13.93
CA LYS C 48 27.31 15.07 -15.32
C LYS C 48 27.07 16.46 -15.91
N SER C 49 27.62 17.50 -15.26
CA SER C 49 27.41 18.90 -15.68
C SER C 49 28.40 19.92 -15.14
N LYS C 50 28.47 20.02 -13.82
CA LYS C 50 29.33 21.00 -13.15
C LYS C 50 30.80 20.94 -13.60
N THR C 51 31.49 22.07 -13.43
CA THR C 51 32.86 22.21 -13.87
C THR C 51 33.82 22.73 -12.81
N CYS C 52 33.34 22.93 -11.58
CA CYS C 52 34.18 23.44 -10.48
C CYS C 52 33.73 22.89 -9.13
N TYR C 53 34.26 23.43 -8.04
CA TYR C 53 33.86 22.95 -6.72
C TYR C 53 33.77 24.08 -5.72
N GLU C 54 32.92 23.92 -4.71
CA GLU C 54 32.77 24.93 -3.68
C GLU C 54 33.52 24.46 -2.44
N GLY C 55 34.06 25.42 -1.69
CA GLY C 55 34.81 25.13 -0.45
C GLY C 55 35.87 24.08 -0.63
N ASN C 56 35.83 23.03 0.17
CA ASN C 56 36.77 21.93 0.06
C ASN C 56 36.26 20.85 -0.88
N GLY C 57 35.01 20.95 -1.26
CA GLY C 57 34.44 20.02 -2.21
C GLY C 57 34.17 18.61 -1.72
N HIS C 58 33.75 18.47 -0.49
CA HIS C 58 33.42 17.15 -0.01
C HIS C 58 32.08 16.79 -0.62
N PHE C 59 31.45 17.78 -1.25
CA PHE C 59 30.19 17.58 -1.95
C PHE C 59 30.42 17.31 -3.42
N TYR C 60 31.55 17.76 -3.95
CA TYR C 60 31.90 17.57 -5.36
C TYR C 60 31.74 16.13 -5.86
N ARG C 61 30.81 15.93 -6.77
CA ARG C 61 30.56 14.61 -7.37
C ARG C 61 30.51 14.72 -8.90
N GLY C 62 31.55 15.32 -9.46
CA GLY C 62 31.66 15.57 -10.89
C GLY C 62 32.74 14.78 -11.61
N LYS C 63 32.77 14.93 -12.93
CA LYS C 63 33.63 14.15 -13.81
C LYS C 63 35.09 14.55 -14.06
N ALA C 64 35.72 15.32 -13.18
CA ALA C 64 37.13 15.65 -13.39
C ALA C 64 37.93 14.42 -13.01
N SER C 65 39.03 14.16 -13.73
CA SER C 65 39.82 12.95 -13.47
C SER C 65 41.30 13.15 -13.68
N THR C 66 41.74 14.39 -13.78
CA THR C 66 43.15 14.72 -14.00
C THR C 66 43.76 15.48 -12.83
N ASP C 67 45.01 15.17 -12.47
CA ASP C 67 45.68 15.84 -11.36
C ASP C 67 46.42 17.12 -11.78
N THR C 68 47.11 17.74 -10.84
CA THR C 68 47.89 18.94 -11.11
C THR C 68 49.14 18.59 -11.93
N MET C 69 48.96 17.68 -12.89
CA MET C 69 50.00 17.23 -13.82
C MET C 69 49.37 16.81 -15.15
N GLY C 70 48.10 16.43 -15.10
CA GLY C 70 47.40 16.01 -16.31
C GLY C 70 47.36 14.49 -16.42
N ARG C 71 47.74 13.82 -15.34
CA ARG C 71 47.75 12.36 -15.28
C ARG C 71 46.38 11.82 -14.80
N PRO C 72 45.71 11.00 -15.61
CA PRO C 72 44.40 10.43 -15.25
C PRO C 72 44.46 9.61 -13.96
N CYS C 73 43.38 9.65 -13.19
CA CYS C 73 43.30 8.96 -11.91
C CYS C 73 43.06 7.49 -12.09
N LEU C 74 43.28 6.75 -11.01
CA LEU C 74 43.02 5.33 -11.02
C LEU C 74 41.56 5.11 -10.69
N PRO C 75 40.89 4.19 -11.40
CA PRO C 75 39.49 3.91 -11.08
C PRO C 75 39.37 3.45 -9.63
N TRP C 76 38.33 3.94 -8.95
CA TRP C 76 38.10 3.61 -7.54
C TRP C 76 37.81 2.13 -7.33
N ASN C 77 37.56 1.40 -8.41
CA ASN C 77 37.28 -0.02 -8.29
C ASN C 77 38.43 -0.91 -8.76
N SER C 78 39.48 -0.30 -9.31
CA SER C 78 40.65 -1.03 -9.79
C SER C 78 41.37 -1.75 -8.66
N ALA C 79 41.90 -2.93 -8.96
CA ALA C 79 42.63 -3.79 -8.03
C ALA C 79 43.52 -3.13 -6.96
N THR C 80 44.34 -2.15 -7.34
CA THR C 80 45.26 -1.54 -6.40
C THR C 80 44.58 -0.53 -5.49
N VAL C 81 43.57 0.17 -6.02
CA VAL C 81 42.82 1.12 -5.24
C VAL C 81 42.14 0.35 -4.12
N LEU C 82 41.68 -0.86 -4.47
CA LEU C 82 41.03 -1.76 -3.52
C LEU C 82 41.98 -2.23 -2.42
N GLN C 83 43.21 -1.75 -2.45
CA GLN C 83 44.20 -2.12 -1.45
C GLN C 83 44.48 -0.89 -0.59
N GLN C 84 43.92 0.23 -1.02
CA GLN C 84 44.06 1.49 -0.31
C GLN C 84 42.84 1.63 0.59
N THR C 85 42.82 2.62 1.46
CA THR C 85 41.66 2.76 2.35
C THR C 85 40.39 3.16 1.60
N TYR C 86 40.49 4.00 0.58
CA TYR C 86 39.26 4.41 -0.15
C TYR C 86 39.14 3.75 -1.51
N HIS C 87 38.12 2.89 -1.63
CA HIS C 87 37.84 2.11 -2.84
C HIS C 87 36.36 2.01 -3.10
N ALA C 88 35.98 1.64 -4.32
CA ALA C 88 34.57 1.55 -4.70
C ALA C 88 33.79 0.41 -4.04
N HIS C 89 34.49 -0.47 -3.33
CA HIS C 89 33.80 -1.59 -2.66
C HIS C 89 33.39 -1.25 -1.24
N ARG C 90 33.85 -0.11 -0.73
CA ARG C 90 33.51 0.37 0.61
C ARG C 90 32.01 0.41 0.81
N SER C 91 31.60 -0.11 1.96
CA SER C 91 30.20 -0.15 2.34
C SER C 91 29.49 1.17 2.09
N ASP C 92 30.20 2.29 2.29
CA ASP C 92 29.65 3.65 2.15
C ASP C 92 29.99 4.36 0.84
N ALA C 93 30.79 3.71 -0.01
CA ALA C 93 31.26 4.27 -1.28
C ALA C 93 30.30 5.15 -2.09
N LEU C 94 29.01 4.89 -1.99
CA LEU C 94 28.01 5.68 -2.68
C LEU C 94 27.83 7.08 -2.06
N GLN C 95 27.73 7.17 -0.73
CA GLN C 95 27.55 8.49 -0.13
C GLN C 95 28.86 9.28 -0.21
N LEU C 96 29.97 8.57 -0.32
CA LEU C 96 31.26 9.20 -0.45
C LEU C 96 31.53 9.51 -1.92
N GLY C 97 30.57 9.19 -2.80
CA GLY C 97 30.69 9.42 -4.25
C GLY C 97 31.77 8.62 -4.98
N LEU C 98 32.19 7.50 -4.41
CA LEU C 98 33.18 6.64 -5.04
C LEU C 98 32.41 5.62 -5.86
N GLY C 99 32.98 5.18 -6.97
CA GLY C 99 32.29 4.19 -7.83
C GLY C 99 33.13 3.70 -8.98
N LYS C 100 32.49 3.00 -9.92
CA LYS C 100 33.17 2.47 -11.11
C LYS C 100 33.54 3.61 -12.05
N HIS C 101 34.60 4.33 -11.69
CA HIS C 101 35.10 5.47 -12.45
C HIS C 101 36.37 5.95 -11.77
N ASN C 102 36.98 7.01 -12.30
CA ASN C 102 38.18 7.60 -11.75
C ASN C 102 38.01 9.11 -11.56
N TYR C 103 36.82 9.50 -11.10
CA TYR C 103 36.53 10.92 -10.87
C TYR C 103 37.03 11.36 -9.51
N CYS C 104 37.45 12.62 -9.43
CA CYS C 104 38.01 13.24 -8.22
C CYS C 104 37.03 13.37 -7.06
N ARG C 105 37.46 12.95 -5.87
CA ARG C 105 36.62 13.02 -4.69
C ARG C 105 37.33 13.48 -3.39
N ASN C 106 36.57 13.69 -2.31
CA ASN C 106 37.15 14.10 -1.02
C ASN C 106 36.42 13.54 0.21
N PRO C 107 36.63 12.26 0.52
CA PRO C 107 36.04 11.65 1.69
C PRO C 107 36.87 11.65 2.98
N ASP C 108 38.07 12.22 2.99
CA ASP C 108 38.88 12.20 4.21
C ASP C 108 39.09 13.54 4.89
N ASN C 109 38.53 14.59 4.29
CA ASN C 109 38.62 15.95 4.80
C ASN C 109 39.91 16.70 4.44
N ARG C 110 40.29 16.62 3.17
CA ARG C 110 41.43 17.34 2.66
C ARG C 110 40.84 18.67 2.22
N ARG C 111 41.63 19.58 1.67
CA ARG C 111 41.04 20.85 1.30
C ARG C 111 40.69 20.98 -0.18
N ARG C 112 41.08 19.98 -0.96
CA ARG C 112 40.77 19.97 -2.39
C ARG C 112 40.44 18.53 -2.82
N PRO C 113 39.54 18.38 -3.80
CA PRO C 113 39.25 17.07 -4.36
C PRO C 113 40.52 16.38 -4.92
N TRP C 114 40.76 15.15 -4.51
CA TRP C 114 41.94 14.39 -4.89
C TRP C 114 41.62 13.05 -5.55
N CYS C 115 42.66 12.23 -5.71
CA CYS C 115 42.54 10.87 -6.28
C CYS C 115 43.90 10.14 -6.26
N TYR C 116 43.85 8.82 -6.31
CA TYR C 116 45.06 8.02 -6.33
C TYR C 116 45.63 7.98 -7.74
N VAL C 117 46.89 8.40 -7.88
CA VAL C 117 47.51 8.44 -9.20
C VAL C 117 48.65 7.44 -9.27
N GLN C 118 48.66 6.63 -10.32
CA GLN C 118 49.70 5.64 -10.52
C GLN C 118 51.05 6.33 -10.70
N VAL C 119 51.74 6.59 -9.59
CA VAL C 119 53.05 7.27 -9.59
C VAL C 119 54.18 6.44 -8.97
N GLY C 120 55.23 6.20 -9.77
CA GLY C 120 56.39 5.43 -9.32
C GLY C 120 56.18 3.94 -9.52
N LEU C 121 55.09 3.44 -8.95
CA LEU C 121 54.63 2.05 -9.02
C LEU C 121 53.58 1.90 -7.93
N LYS C 122 53.77 2.66 -6.84
CA LYS C 122 52.83 2.66 -5.73
C LYS C 122 51.95 3.90 -5.88
N PRO C 123 50.64 3.70 -6.10
CA PRO C 123 49.68 4.80 -6.25
C PRO C 123 49.65 5.75 -5.06
N LEU C 124 49.80 7.04 -5.33
CA LEU C 124 49.81 8.07 -4.30
C LEU C 124 48.62 9.01 -4.44
N VAL C 125 48.30 9.68 -3.34
CA VAL C 125 47.19 10.62 -3.35
C VAL C 125 47.67 11.92 -3.99
N GLN C 126 46.89 12.45 -4.94
CA GLN C 126 47.22 13.69 -5.64
C GLN C 126 45.99 14.58 -5.86
N GLU C 127 46.17 15.90 -5.72
CA GLU C 127 45.08 16.87 -5.93
C GLU C 127 44.59 16.88 -7.38
N CYS C 128 43.38 17.41 -7.60
CA CYS C 128 42.84 17.45 -8.96
C CYS C 128 42.92 18.78 -9.69
N MET C 129 42.62 18.71 -10.99
CA MET C 129 42.74 19.82 -11.93
C MET C 129 41.82 21.00 -11.62
N VAL C 130 40.51 20.75 -11.68
CA VAL C 130 39.47 21.77 -11.43
C VAL C 130 39.72 22.62 -10.21
N HIS C 131 39.17 23.82 -10.19
CA HIS C 131 39.37 24.70 -9.04
C HIS C 131 38.06 25.22 -8.42
N ASP C 132 38.23 26.01 -7.37
CA ASP C 132 37.16 26.62 -6.64
C ASP C 132 36.45 27.58 -7.57
N CYS C 133 35.12 27.49 -7.58
CA CYS C 133 34.28 28.34 -8.41
C CYS C 133 34.44 29.81 -7.99
N ALA C 134 35.63 30.37 -8.24
CA ALA C 134 35.98 31.75 -7.89
C ALA C 134 37.42 32.04 -8.31
N CYS D 13 -11.89 9.42 -8.24
CA CYS D 13 -11.70 10.33 -9.40
C CYS D 13 -12.42 9.82 -10.62
N ASP D 14 -12.21 8.54 -10.90
CA ASP D 14 -12.83 7.83 -12.01
C ASP D 14 -12.72 8.62 -13.32
N CYS D 15 -11.48 8.85 -13.74
CA CYS D 15 -11.21 9.54 -14.98
C CYS D 15 -11.05 8.44 -16.05
N LEU D 16 -12.02 8.38 -16.97
CA LEU D 16 -12.03 7.35 -18.00
C LEU D 16 -10.98 7.60 -19.08
N ASN D 17 -10.87 6.65 -20.01
CA ASN D 17 -9.98 6.75 -21.15
C ASN D 17 -8.54 7.16 -20.89
N GLY D 18 -7.91 6.55 -19.88
CA GLY D 18 -6.51 6.87 -19.57
C GLY D 18 -6.27 8.16 -18.81
N GLY D 19 -7.21 9.12 -18.91
CA GLY D 19 -7.12 10.39 -18.20
C GLY D 19 -6.78 10.19 -16.74
N THR D 20 -6.01 11.09 -16.15
CA THR D 20 -5.64 10.92 -14.76
C THR D 20 -6.03 12.05 -13.84
N CYS D 21 -6.03 11.74 -12.55
CA CYS D 21 -6.53 12.66 -11.54
C CYS D 21 -5.56 13.61 -10.85
N VAL D 22 -5.82 14.88 -11.05
CA VAL D 22 -5.03 15.96 -10.49
C VAL D 22 -5.76 16.48 -9.26
N SER D 23 -5.02 17.19 -8.39
CA SER D 23 -5.54 17.79 -7.16
C SER D 23 -4.62 18.98 -6.92
N ASN D 24 -4.94 19.82 -5.94
CA ASN D 24 -4.06 20.95 -5.64
C ASN D 24 -4.03 21.35 -4.18
N LYS D 25 -2.87 21.14 -3.55
CA LYS D 25 -2.70 21.41 -2.13
C LYS D 25 -3.30 22.71 -1.62
N TYR D 26 -3.13 23.80 -2.36
CA TYR D 26 -3.64 25.08 -1.93
C TYR D 26 -5.14 25.08 -2.02
N PHE D 27 -5.66 24.48 -3.08
CA PHE D 27 -7.08 24.51 -3.33
C PHE D 27 -7.94 23.49 -2.64
N SER D 28 -7.91 23.55 -1.31
CA SER D 28 -8.74 22.76 -0.43
C SER D 28 -8.85 21.28 -0.79
N ASN D 29 -7.91 20.78 -1.58
CA ASN D 29 -7.86 19.35 -1.84
C ASN D 29 -8.92 18.83 -2.83
N ILE D 30 -9.35 19.69 -3.76
CA ILE D 30 -10.37 19.29 -4.75
C ILE D 30 -9.77 18.40 -5.85
N HIS D 31 -10.63 17.67 -6.56
CA HIS D 31 -10.16 16.73 -7.57
C HIS D 31 -10.83 16.87 -8.93
N TRP D 32 -10.06 16.60 -9.97
CA TRP D 32 -10.56 16.63 -11.34
C TRP D 32 -9.71 15.75 -12.26
N CYS D 33 -9.94 15.82 -13.56
CA CYS D 33 -9.21 14.94 -14.48
C CYS D 33 -8.41 15.64 -15.56
N ASN D 34 -7.26 15.06 -15.89
CA ASN D 34 -6.48 15.55 -17.02
C ASN D 34 -6.69 14.57 -18.14
N CYS D 35 -7.60 14.94 -19.02
CA CYS D 35 -7.99 14.10 -20.14
C CYS D 35 -7.03 14.26 -21.28
N PRO D 36 -6.63 13.14 -21.89
CA PRO D 36 -5.69 13.22 -23.00
C PRO D 36 -6.31 14.10 -24.07
N LYS D 37 -5.46 14.83 -24.79
CA LYS D 37 -5.87 15.74 -25.84
C LYS D 37 -7.12 15.29 -26.62
N LYS D 38 -7.22 13.99 -26.91
CA LYS D 38 -8.36 13.43 -27.68
C LYS D 38 -9.71 13.46 -26.97
N PHE D 39 -9.69 13.38 -25.64
CA PHE D 39 -10.92 13.26 -24.83
C PHE D 39 -11.31 14.46 -23.97
N GLY D 40 -12.60 14.52 -23.60
CA GLY D 40 -13.13 15.61 -22.76
C GLY D 40 -14.26 15.25 -21.81
N GLY D 41 -14.74 16.24 -21.06
CA GLY D 41 -15.82 16.07 -20.08
C GLY D 41 -15.26 15.87 -18.69
N GLN D 42 -16.11 16.04 -17.67
CA GLN D 42 -15.68 15.88 -16.27
C GLN D 42 -14.97 14.56 -15.93
N HIS D 43 -15.19 13.54 -16.74
CA HIS D 43 -14.57 12.26 -16.49
C HIS D 43 -13.81 11.73 -17.71
N CYS D 44 -13.67 12.58 -18.72
CA CYS D 44 -13.00 12.25 -19.98
C CYS D 44 -13.88 11.33 -20.83
N GLU D 45 -15.16 11.27 -20.48
CA GLU D 45 -16.14 10.43 -21.17
C GLU D 45 -16.72 10.98 -22.46
N ILE D 46 -16.11 12.02 -23.00
CA ILE D 46 -16.59 12.60 -24.24
C ILE D 46 -15.52 12.43 -25.28
N ASP D 47 -15.78 11.57 -26.27
CA ASP D 47 -14.82 11.34 -27.34
C ASP D 47 -14.77 12.63 -28.14
N LYS D 48 -14.02 13.58 -27.60
CA LYS D 48 -13.86 14.91 -28.16
C LYS D 48 -13.01 14.82 -29.43
N SER D 49 -13.49 14.01 -30.40
CA SER D 49 -12.75 13.76 -31.65
C SER D 49 -13.54 13.16 -32.80
N LYS D 50 -14.10 11.97 -32.56
CA LYS D 50 -14.86 11.23 -33.57
C LYS D 50 -15.98 12.05 -34.20
N THR D 51 -16.37 11.64 -35.42
CA THR D 51 -17.38 12.35 -36.19
C THR D 51 -18.49 11.47 -36.76
N CYS D 52 -18.49 10.19 -36.40
CA CYS D 52 -19.51 9.25 -36.89
C CYS D 52 -19.80 8.16 -35.85
N TYR D 53 -20.56 7.13 -36.23
CA TYR D 53 -20.86 6.05 -35.29
C TYR D 53 -20.88 4.67 -35.97
N GLU D 54 -20.57 3.63 -35.23
CA GLU D 54 -20.55 2.28 -35.76
C GLU D 54 -21.82 1.57 -35.33
N GLY D 55 -22.35 0.70 -36.20
CA GLY D 55 -23.56 -0.06 -35.88
C GLY D 55 -24.71 0.82 -35.42
N ASN D 56 -25.26 0.52 -34.25
CA ASN D 56 -26.34 1.32 -33.70
C ASN D 56 -25.82 2.42 -32.82
N GLY D 57 -24.54 2.31 -32.44
CA GLY D 57 -23.91 3.36 -31.68
C GLY D 57 -24.24 3.44 -30.21
N HIS D 58 -24.43 2.29 -29.59
CA HIS D 58 -24.68 2.31 -28.16
C HIS D 58 -23.37 2.62 -27.49
N PHE D 59 -22.30 2.63 -28.29
CA PHE D 59 -20.96 2.98 -27.83
C PHE D 59 -20.65 4.42 -28.10
N TYR D 60 -21.34 5.02 -29.07
CA TYR D 60 -21.10 6.41 -29.42
C TYR D 60 -21.16 7.39 -28.25
N ARG D 61 -20.00 7.93 -27.86
CA ARG D 61 -19.93 8.96 -26.83
C ARG D 61 -19.28 10.26 -27.36
N GLY D 62 -19.81 10.80 -28.43
CA GLY D 62 -19.28 11.99 -29.07
C GLY D 62 -20.16 13.22 -29.01
N LYS D 63 -19.62 14.34 -29.51
CA LYS D 63 -20.25 15.66 -29.39
C LYS D 63 -21.30 16.13 -30.41
N ALA D 64 -22.02 15.20 -31.06
CA ALA D 64 -23.07 15.60 -31.99
C ALA D 64 -24.26 15.99 -31.12
N SER D 65 -24.99 17.04 -31.50
CA SER D 65 -26.11 17.50 -30.68
C SER D 65 -27.29 18.05 -31.50
N THR D 66 -27.31 17.74 -32.80
CA THR D 66 -28.36 18.24 -33.70
C THR D 66 -29.19 17.08 -34.28
N ASP D 67 -30.50 17.33 -34.53
CA ASP D 67 -31.35 16.22 -35.06
C ASP D 67 -31.50 16.26 -36.58
N THR D 68 -32.32 15.37 -37.13
CA THR D 68 -32.56 15.37 -38.57
C THR D 68 -33.43 16.57 -38.96
N MET D 69 -33.14 17.71 -38.31
CA MET D 69 -33.79 18.99 -38.56
C MET D 69 -32.76 20.08 -38.22
N GLY D 70 -31.77 19.69 -37.39
CA GLY D 70 -30.72 20.64 -36.98
C GLY D 70 -31.13 21.36 -35.72
N ARG D 71 -32.01 20.72 -34.95
CA ARG D 71 -32.50 21.27 -33.69
C ARG D 71 -31.61 20.82 -32.51
N PRO D 72 -30.94 21.79 -31.84
CA PRO D 72 -30.10 21.40 -30.71
C PRO D 72 -30.89 20.60 -29.67
N CYS D 73 -30.22 19.65 -29.06
CA CYS D 73 -30.87 18.77 -28.10
C CYS D 73 -30.98 19.40 -26.74
N LEU D 74 -31.79 18.78 -25.90
CA LEU D 74 -31.97 19.25 -24.56
C LEU D 74 -30.89 18.64 -23.71
N PRO D 75 -30.24 19.44 -22.85
CA PRO D 75 -29.22 18.89 -21.96
C PRO D 75 -29.78 17.77 -21.12
N TRP D 76 -29.02 16.70 -20.95
CA TRP D 76 -29.46 15.55 -20.20
C TRP D 76 -29.71 15.85 -18.73
N ASN D 77 -29.26 17.01 -18.29
CA ASN D 77 -29.45 17.40 -16.89
C ASN D 77 -30.52 18.47 -16.70
N SER D 78 -31.05 18.99 -17.81
CA SER D 78 -32.07 20.02 -17.73
C SER D 78 -33.34 19.50 -17.06
N ALA D 79 -34.03 20.41 -16.37
CA ALA D 79 -35.28 20.15 -15.64
C ALA D 79 -36.30 19.17 -16.26
N THR D 80 -36.61 19.34 -17.54
CA THR D 80 -37.61 18.50 -18.19
C THR D 80 -37.08 17.11 -18.54
N VAL D 81 -35.81 17.05 -18.92
CA VAL D 81 -35.19 15.78 -19.24
C VAL D 81 -35.23 14.91 -17.99
N LEU D 82 -35.04 15.57 -16.85
CA LEU D 82 -35.09 14.92 -15.54
C LEU D 82 -36.48 14.37 -15.22
N GLN D 83 -37.45 14.61 -16.10
CA GLN D 83 -38.80 14.12 -15.90
C GLN D 83 -39.04 12.95 -16.85
N GLN D 84 -38.09 12.74 -17.76
CA GLN D 84 -38.16 11.64 -18.73
C GLN D 84 -37.40 10.48 -18.11
N THR D 85 -37.45 9.30 -18.72
CA THR D 85 -36.74 8.16 -18.13
C THR D 85 -35.22 8.29 -18.21
N TYR D 86 -34.66 8.89 -19.27
CA TYR D 86 -33.19 9.03 -19.34
C TYR D 86 -32.75 10.45 -19.08
N HIS D 87 -32.02 10.63 -17.97
CA HIS D 87 -31.53 11.93 -17.52
C HIS D 87 -30.13 11.80 -16.90
N ALA D 88 -29.43 12.91 -16.77
CA ALA D 88 -28.06 12.91 -16.23
C ALA D 88 -27.96 12.59 -14.74
N HIS D 89 -29.09 12.48 -14.05
CA HIS D 89 -29.05 12.15 -12.62
C HIS D 89 -29.18 10.65 -12.36
N ARG D 90 -29.44 9.87 -13.41
CA ARG D 90 -29.55 8.41 -13.32
C ARG D 90 -28.30 7.82 -12.70
N SER D 91 -28.53 6.88 -11.78
CA SER D 91 -27.46 6.21 -11.09
C SER D 91 -26.38 5.69 -12.05
N ASP D 92 -26.78 5.32 -13.26
CA ASP D 92 -25.88 4.74 -14.27
C ASP D 92 -25.46 5.70 -15.40
N ALA D 93 -26.01 6.91 -15.35
CA ALA D 93 -25.77 7.94 -16.36
C ALA D 93 -24.36 8.01 -16.99
N LEU D 94 -23.34 7.69 -16.21
CA LEU D 94 -21.98 7.72 -16.73
C LEU D 94 -21.69 6.56 -17.72
N GLN D 95 -22.09 5.34 -17.39
CA GLN D 95 -21.82 4.23 -18.29
C GLN D 95 -22.71 4.30 -19.54
N LEU D 96 -23.81 5.05 -19.44
CA LEU D 96 -24.72 5.25 -20.56
C LEU D 96 -24.31 6.51 -21.30
N GLY D 97 -23.17 7.08 -20.88
CA GLY D 97 -22.65 8.33 -21.47
C GLY D 97 -23.56 9.57 -21.43
N LEU D 98 -24.44 9.62 -20.42
CA LEU D 98 -25.32 10.76 -20.23
C LEU D 98 -24.61 11.71 -19.27
N GLY D 99 -24.80 13.02 -19.43
CA GLY D 99 -24.14 13.98 -18.54
C GLY D 99 -24.54 15.44 -18.74
N LYS D 100 -23.80 16.34 -18.11
CA LYS D 100 -24.07 17.77 -18.23
C LYS D 100 -23.73 18.26 -19.63
N HIS D 101 -24.60 17.92 -20.59
CA HIS D 101 -24.43 18.29 -21.99
C HIS D 101 -25.69 17.87 -22.74
N ASN D 102 -25.71 18.09 -24.05
CA ASN D 102 -26.84 17.69 -24.88
C ASN D 102 -26.36 16.87 -26.08
N TYR D 103 -25.38 16.00 -25.84
CA TYR D 103 -24.84 15.16 -26.91
C TYR D 103 -25.67 13.89 -27.10
N CYS D 104 -25.79 13.47 -28.35
CA CYS D 104 -26.54 12.28 -28.80
C CYS D 104 -26.09 10.98 -28.21
N ARG D 105 -27.06 10.19 -27.73
CA ARG D 105 -26.77 8.90 -27.10
C ARG D 105 -27.79 7.78 -27.41
N ASN D 106 -27.50 6.54 -27.03
CA ASN D 106 -28.41 5.42 -27.25
C ASN D 106 -28.37 4.37 -26.13
N PRO D 107 -29.04 4.65 -25.01
CA PRO D 107 -29.11 3.69 -23.91
C PRO D 107 -30.32 2.75 -23.89
N ASP D 108 -31.27 2.89 -24.82
CA ASP D 108 -32.47 2.00 -24.79
C ASP D 108 -32.53 0.90 -25.84
N ASN D 109 -31.57 0.94 -26.77
CA ASN D 109 -31.48 -0.02 -27.89
C ASN D 109 -32.27 0.39 -29.16
N ARG D 110 -32.16 1.63 -29.57
CA ARG D 110 -32.75 2.08 -30.80
C ARG D 110 -31.69 1.74 -31.84
N ARG D 111 -31.90 2.15 -33.10
CA ARG D 111 -30.89 1.78 -34.09
C ARG D 111 -29.98 2.94 -34.47
N ARG D 112 -30.29 4.13 -33.99
CA ARG D 112 -29.43 5.29 -34.23
C ARG D 112 -29.33 6.15 -32.97
N PRO D 113 -28.18 6.81 -32.76
CA PRO D 113 -28.06 7.74 -31.63
C PRO D 113 -29.16 8.82 -31.66
N TRP D 114 -29.84 9.00 -30.54
CA TRP D 114 -30.94 9.96 -30.44
C TRP D 114 -30.76 10.92 -29.26
N CYS D 115 -31.81 11.85 -29.15
CA CYS D 115 -31.83 12.82 -28.03
C CYS D 115 -33.26 13.38 -27.86
N TYR D 116 -33.54 13.93 -26.68
CA TYR D 116 -34.84 14.58 -26.48
C TYR D 116 -34.82 16.00 -27.08
N VAL D 117 -35.76 16.30 -27.97
CA VAL D 117 -35.79 17.62 -28.59
C VAL D 117 -37.04 18.39 -28.19
N GLN D 118 -36.83 19.61 -27.71
CA GLN D 118 -37.95 20.46 -27.31
C GLN D 118 -38.85 20.72 -28.51
N VAL D 119 -39.88 19.87 -28.69
CA VAL D 119 -40.83 20.02 -29.82
C VAL D 119 -42.30 20.10 -29.37
N GLY D 120 -42.96 21.18 -29.79
CA GLY D 120 -44.38 21.40 -29.45
C GLY D 120 -44.51 22.08 -28.11
N LEU D 121 -43.87 21.49 -27.10
CA LEU D 121 -43.82 21.96 -25.72
C LEU D 121 -43.37 20.75 -24.89
N LYS D 122 -43.80 19.57 -25.32
CA LYS D 122 -43.41 18.33 -24.67
C LYS D 122 -42.25 17.72 -25.45
N PRO D 123 -41.07 17.64 -24.83
CA PRO D 123 -39.87 17.09 -25.48
C PRO D 123 -40.04 15.66 -25.99
N LEU D 124 -39.71 15.45 -27.27
CA LEU D 124 -39.81 14.12 -27.88
C LEU D 124 -38.46 13.54 -28.29
N VAL D 125 -38.40 12.19 -28.30
CA VAL D 125 -37.19 11.48 -28.68
C VAL D 125 -36.98 11.61 -30.19
N GLN D 126 -35.77 11.98 -30.60
CA GLN D 126 -35.44 12.18 -32.02
C GLN D 126 -34.03 11.68 -32.37
N GLU D 127 -33.87 11.13 -33.57
CA GLU D 127 -32.57 10.65 -34.05
C GLU D 127 -31.61 11.82 -34.31
N CYS D 128 -30.30 11.52 -34.33
CA CYS D 128 -29.29 12.56 -34.55
C CYS D 128 -28.75 12.73 -35.95
N MET D 129 -28.04 13.84 -36.12
CA MET D 129 -27.48 14.27 -37.40
C MET D 129 -26.49 13.26 -38.01
N VAL D 130 -25.36 13.06 -37.31
CA VAL D 130 -24.27 12.16 -37.73
C VAL D 130 -24.74 10.82 -38.22
N HIS D 131 -23.94 10.19 -39.10
CA HIS D 131 -24.33 8.91 -39.64
C HIS D 131 -23.28 7.80 -39.44
N ASP D 132 -23.63 6.60 -39.90
CA ASP D 132 -22.79 5.42 -39.81
C ASP D 132 -21.53 5.68 -40.61
N CYS D 133 -20.40 5.33 -40.02
CA CYS D 133 -19.10 5.52 -40.66
C CYS D 133 -19.01 4.62 -41.88
N ALA D 134 -19.80 4.93 -42.92
CA ALA D 134 -19.86 4.17 -44.18
C ALA D 134 -20.89 4.81 -45.10
N SER E 2 27.20 49.70 39.19
CA SER E 2 27.68 49.80 37.78
C SER E 2 28.59 48.58 37.44
N LEU E 3 29.20 47.96 38.47
CA LEU E 3 30.11 46.77 38.39
C LEU E 3 29.91 45.75 37.26
N ARG E 4 31.02 45.26 36.68
CA ARG E 4 30.93 44.32 35.58
C ARG E 4 31.61 43.03 35.97
N CYS E 5 31.08 41.95 35.43
CA CYS E 5 31.52 40.60 35.72
C CYS E 5 31.75 39.83 34.45
N MET E 6 31.97 38.53 34.64
CA MET E 6 32.10 37.60 33.55
C MET E 6 30.93 36.63 33.70
N GLN E 7 30.17 36.39 32.63
CA GLN E 7 29.11 35.39 32.69
C GLN E 7 29.51 34.25 31.83
N CYS E 8 29.49 33.07 32.41
CA CYS E 8 29.91 31.91 31.67
C CYS E 8 28.98 30.78 31.98
N LYS E 9 28.14 30.45 31.00
CA LYS E 9 27.25 29.31 31.11
C LYS E 9 28.18 28.10 31.14
N THR E 10 27.82 27.12 31.96
CA THR E 10 28.60 25.91 32.16
C THR E 10 29.44 25.36 30.96
N ASN E 11 28.95 25.54 29.73
CA ASN E 11 29.67 25.06 28.53
C ASN E 11 30.99 25.72 28.19
N GLY E 12 31.21 26.93 28.69
CA GLY E 12 32.46 27.64 28.44
C GLY E 12 32.26 28.93 27.67
N ASP E 13 31.04 29.13 27.20
CA ASP E 13 30.69 30.32 26.42
C ASP E 13 30.38 31.53 27.31
N CYS E 14 31.39 32.37 27.47
CA CYS E 14 31.33 33.55 28.31
C CYS E 14 30.89 34.78 27.56
N ARG E 15 31.01 35.91 28.24
CA ARG E 15 30.66 37.25 27.77
C ARG E 15 30.73 38.20 28.97
N VAL E 16 30.89 39.49 28.73
CA VAL E 16 30.95 40.41 29.85
C VAL E 16 29.56 40.83 30.27
N GLU E 17 29.30 40.72 31.57
CA GLU E 17 28.02 41.08 32.14
C GLU E 17 28.17 42.36 32.92
N GLU E 18 27.21 43.22 32.74
CA GLU E 18 27.13 44.47 33.45
C GLU E 18 26.10 44.07 34.51
N CYS E 19 26.40 44.30 35.79
CA CYS E 19 25.50 43.83 36.84
C CYS E 19 24.29 44.71 37.16
N ALA E 20 23.12 44.09 37.28
CA ALA E 20 21.89 44.79 37.65
C ALA E 20 22.14 45.38 39.03
N LEU E 21 21.47 46.46 39.38
CA LEU E 21 21.70 47.07 40.70
C LEU E 21 21.40 46.12 41.86
N GLY E 22 22.07 46.34 42.99
CA GLY E 22 21.90 45.47 44.15
C GLY E 22 22.64 44.16 43.98
N GLN E 23 23.64 44.16 43.10
CA GLN E 23 24.54 43.01 42.81
C GLN E 23 26.01 43.43 42.77
N ASP E 24 26.61 43.45 43.96
CA ASP E 24 27.96 43.94 44.23
C ASP E 24 29.09 42.95 44.14
N LEU E 25 28.81 41.77 43.61
CA LEU E 25 29.81 40.72 43.52
C LEU E 25 29.71 39.85 42.28
N CYS E 26 30.85 39.57 41.65
CA CYS E 26 30.85 38.63 40.55
C CYS E 26 31.31 37.38 41.28
N ARG E 27 31.12 36.20 40.69
CA ARG E 27 31.50 34.97 41.37
C ARG E 27 31.78 33.81 40.45
N THR E 28 32.53 32.86 40.96
CA THR E 28 32.90 31.67 40.22
C THR E 28 32.45 30.46 41.02
N THR E 29 31.59 29.67 40.39
CA THR E 29 31.05 28.46 41.00
C THR E 29 31.66 27.34 40.23
N ILE E 30 32.12 26.32 40.94
CA ILE E 30 32.76 25.17 40.30
C ILE E 30 32.41 23.83 40.97
N VAL E 31 32.18 22.80 40.16
CA VAL E 31 31.96 21.47 40.69
C VAL E 31 33.01 20.56 40.03
N ARG E 32 33.87 19.95 40.83
CA ARG E 32 34.84 19.02 40.29
C ARG E 32 34.44 17.60 40.67
N LEU E 33 33.84 16.88 39.73
CA LEU E 33 33.49 15.48 39.94
C LEU E 33 34.75 14.65 39.74
N TRP E 34 35.23 14.01 40.79
CA TRP E 34 36.46 13.22 40.63
C TRP E 34 36.26 11.71 40.87
N GLU E 35 36.49 10.96 39.80
CA GLU E 35 36.33 9.53 39.82
C GLU E 35 37.47 8.81 39.10
N GLU E 36 38.12 7.88 39.82
CA GLU E 36 39.22 7.04 39.29
C GLU E 36 40.15 7.72 38.30
N GLY E 37 41.12 8.49 38.80
CA GLY E 37 42.04 9.23 37.93
C GLY E 37 41.26 10.36 37.29
N GLU E 38 40.60 10.07 36.16
CA GLU E 38 39.78 11.04 35.42
C GLU E 38 38.93 12.04 36.25
N GLU E 39 38.49 13.11 35.58
CA GLU E 39 37.78 14.21 36.21
C GLU E 39 37.03 15.15 35.25
N LEU E 40 35.76 15.45 35.55
CA LEU E 40 35.04 16.48 34.79
C LEU E 40 35.08 17.69 35.74
N GLU E 41 34.95 18.87 35.17
CA GLU E 41 34.91 20.13 35.89
C GLU E 41 33.88 21.01 35.18
N LEU E 42 32.98 21.61 35.94
CA LEU E 42 31.98 22.48 35.39
C LEU E 42 32.33 23.82 35.98
N VAL E 43 32.29 24.87 35.17
CA VAL E 43 32.57 26.20 35.70
C VAL E 43 31.51 27.18 35.28
N GLU E 44 30.91 27.84 36.26
CA GLU E 44 29.86 28.82 36.04
C GLU E 44 30.26 30.12 36.69
N LYS E 45 30.07 31.23 35.96
CA LYS E 45 30.43 32.55 36.44
C LYS E 45 29.32 33.54 36.11
N SER E 46 29.14 34.53 36.98
CA SER E 46 28.14 35.60 36.76
C SER E 46 28.20 36.56 37.93
N CYS E 47 27.44 37.65 37.86
CA CYS E 47 27.34 38.59 38.99
C CYS E 47 26.44 37.90 40.03
N THR E 48 26.45 38.42 41.25
CA THR E 48 25.66 37.82 42.32
C THR E 48 25.35 38.86 43.39
N HIS E 49 24.49 38.49 44.34
CA HIS E 49 24.02 39.40 45.38
C HIS E 49 25.05 39.48 46.48
N SER E 50 25.12 40.63 47.12
CA SER E 50 26.09 40.89 48.17
C SER E 50 26.25 39.85 49.27
N GLU E 51 25.14 39.35 49.81
CA GLU E 51 25.20 38.39 50.92
C GLU E 51 26.07 37.16 50.61
N LYS E 52 26.42 36.95 49.34
CA LYS E 52 27.22 35.79 48.97
C LYS E 52 28.64 35.79 49.55
N THR E 53 29.08 34.61 50.02
CA THR E 53 30.39 34.41 50.63
C THR E 53 31.25 33.30 49.96
N ASN E 54 32.50 33.17 50.36
CA ASN E 54 33.37 32.13 49.83
C ASN E 54 33.00 30.88 50.57
N ARG E 55 32.79 29.78 49.83
CA ARG E 55 32.38 28.52 50.43
C ARG E 55 32.84 27.29 49.67
N THR E 56 32.97 26.19 50.41
CA THR E 56 33.44 24.92 49.85
C THR E 56 32.71 23.75 50.50
N LEU E 57 32.40 22.72 49.72
CA LEU E 57 31.70 21.49 50.18
C LEU E 57 32.15 20.34 49.31
N SER E 58 32.62 19.28 49.94
CA SER E 58 33.07 18.11 49.22
C SER E 58 32.60 16.89 49.97
N TYR E 59 32.07 15.93 49.20
CA TYR E 59 31.56 14.67 49.74
C TYR E 59 31.96 13.47 48.87
N ARG E 60 32.02 12.31 49.51
CA ARG E 60 32.43 11.04 48.92
C ARG E 60 31.23 10.12 48.64
N THR E 61 31.09 9.71 47.38
CA THR E 61 30.01 8.86 46.92
C THR E 61 30.56 7.58 46.30
N GLY E 62 31.16 6.74 47.13
CA GLY E 62 31.78 5.47 46.73
C GLY E 62 32.64 5.53 45.47
N LEU E 63 33.93 5.73 45.65
CA LEU E 63 34.92 5.82 44.54
C LEU E 63 34.91 7.17 43.86
N LYS E 64 33.87 7.95 44.15
CA LYS E 64 33.74 9.27 43.57
C LYS E 64 33.77 10.33 44.66
N ILE E 65 34.31 11.50 44.32
CA ILE E 65 34.38 12.62 45.21
C ILE E 65 33.91 13.82 44.42
N THR E 66 32.97 14.56 45.01
CA THR E 66 32.38 15.76 44.42
C THR E 66 32.88 16.96 45.23
N SER E 67 33.38 17.98 44.55
CA SER E 67 33.86 19.17 45.24
C SER E 67 33.23 20.41 44.70
N LEU E 68 32.34 20.97 45.51
CA LEU E 68 31.77 22.22 45.11
C LEU E 68 32.49 23.33 45.82
N THR E 69 32.72 24.39 45.09
CA THR E 69 33.41 25.53 45.61
C THR E 69 32.80 26.78 45.01
N GLU E 70 32.81 27.87 45.77
CA GLU E 70 32.32 29.13 45.26
C GLU E 70 33.12 30.30 45.82
N VAL E 71 33.56 31.17 44.93
CA VAL E 71 34.37 32.29 45.31
C VAL E 71 33.78 33.61 44.80
N VAL E 72 33.68 34.59 45.70
CA VAL E 72 33.14 35.88 45.33
C VAL E 72 34.13 36.99 45.55
N CYS E 73 34.12 37.93 44.63
CA CYS E 73 34.94 39.14 44.72
C CYS E 73 34.09 40.32 44.23
N GLY E 74 34.58 41.54 44.42
CA GLY E 74 33.79 42.71 44.04
C GLY E 74 34.51 43.82 43.32
N LEU E 75 35.24 43.46 42.27
CA LEU E 75 35.98 44.41 41.43
C LEU E 75 35.83 44.01 39.96
N ASP E 76 35.94 44.96 39.07
CA ASP E 76 35.79 44.68 37.66
C ASP E 76 36.51 43.43 37.20
N LEU E 77 35.70 42.54 36.64
CA LEU E 77 36.13 41.28 36.11
C LEU E 77 36.96 40.37 36.99
N CYS E 78 36.97 40.61 38.30
CA CYS E 78 37.72 39.76 39.26
C CYS E 78 37.37 38.27 39.16
N ASN E 79 36.37 38.01 38.34
CA ASN E 79 35.77 36.72 38.06
C ASN E 79 36.51 36.03 36.92
N GLN E 80 37.69 36.51 36.60
CA GLN E 80 38.37 35.99 35.42
C GLN E 80 39.48 35.00 35.70
N GLY E 81 40.19 35.23 36.82
CA GLY E 81 41.33 34.41 37.30
C GLY E 81 41.37 32.90 37.04
N ASN E 82 42.56 32.31 37.16
CA ASN E 82 42.73 30.87 36.93
C ASN E 82 44.13 30.32 37.30
N SER E 83 45.20 30.78 36.64
CA SER E 83 46.56 30.29 36.96
C SER E 83 47.57 31.34 37.43
N GLY E 84 47.32 31.82 38.64
CA GLY E 84 48.19 32.77 39.35
C GLY E 84 48.40 32.05 40.68
N ARG E 85 47.58 31.01 40.87
CA ARG E 85 47.55 30.11 42.04
C ARG E 85 47.03 30.78 43.31
N ALA E 86 46.41 29.97 44.17
CA ALA E 86 45.87 30.43 45.46
C ALA E 86 46.84 30.06 46.61
N VAL E 87 46.31 29.52 47.70
CA VAL E 87 47.11 29.15 48.87
C VAL E 87 47.29 27.62 49.00
N THR E 88 48.49 27.13 48.67
CA THR E 88 48.86 25.70 48.78
C THR E 88 49.08 25.22 50.24
N TYR E 89 48.12 24.50 50.81
CA TYR E 89 48.25 23.97 52.17
C TYR E 89 48.99 22.62 52.29
N SER E 90 49.41 22.32 53.51
CA SER E 90 50.09 21.08 53.86
C SER E 90 50.05 20.98 55.37
N ARG E 91 49.26 20.04 55.88
CA ARG E 91 49.17 19.87 57.34
C ARG E 91 49.79 18.54 57.73
N SER E 92 50.11 18.39 59.01
CA SER E 92 50.67 17.13 59.49
C SER E 92 49.48 16.23 59.73
N ARG E 93 48.44 16.80 60.35
CA ARG E 93 47.23 16.07 60.67
C ARG E 93 45.97 16.76 60.21
N TYR E 94 45.56 16.46 58.97
CA TYR E 94 44.33 17.01 58.39
C TYR E 94 43.11 16.54 59.17
N LEU E 95 42.05 17.35 59.21
CA LEU E 95 40.82 16.93 59.89
C LEU E 95 40.07 15.88 59.07
N GLU E 96 39.64 14.79 59.71
CA GLU E 96 38.88 13.77 59.00
C GLU E 96 37.41 13.77 59.41
N CYS E 97 36.55 13.73 58.40
CA CYS E 97 35.12 13.72 58.65
C CYS E 97 34.54 12.46 58.04
N ILE E 98 33.28 12.16 58.42
CA ILE E 98 32.57 11.03 57.85
C ILE E 98 31.99 11.62 56.60
N SER E 99 31.82 10.81 55.57
CA SER E 99 31.29 11.33 54.33
C SER E 99 30.37 10.36 53.61
N CYS E 100 29.36 10.92 52.94
CA CYS E 100 28.36 10.17 52.18
C CYS E 100 27.37 11.09 51.46
N GLY E 101 26.58 10.50 50.57
CA GLY E 101 25.54 11.23 49.82
C GLY E 101 24.33 10.35 49.55
N SER E 102 23.19 10.98 49.30
CA SER E 102 21.94 10.27 48.97
C SER E 102 22.01 9.64 47.58
N SER E 103 22.81 10.26 46.71
CA SER E 103 22.99 9.84 45.31
C SER E 103 23.11 8.35 45.16
N ASP E 104 24.13 7.73 45.77
CA ASP E 104 24.25 6.27 45.71
C ASP E 104 23.65 5.65 46.98
N MET E 105 22.75 6.39 47.62
CA MET E 105 22.13 6.04 48.90
C MET E 105 23.11 5.58 49.96
N SER E 106 24.35 6.06 49.89
CA SER E 106 25.38 5.69 50.85
C SER E 106 24.99 6.20 52.22
N CYS E 107 24.39 7.39 52.31
CA CYS E 107 23.91 7.90 53.60
C CYS E 107 22.58 7.21 53.87
N HIS E 112 29.07 4.18 56.31
CA HIS E 112 29.65 5.22 55.40
C HIS E 112 31.18 5.43 55.46
N GLN E 113 31.72 5.95 54.36
CA GLN E 113 33.15 6.22 54.15
C GLN E 113 33.77 7.39 54.96
N SER E 114 35.05 7.68 54.69
CA SER E 114 35.79 8.73 55.40
C SER E 114 36.45 9.76 54.49
N LEU E 115 36.59 10.99 54.98
CA LEU E 115 37.16 12.07 54.16
C LEU E 115 38.12 13.03 54.86
N GLN E 116 39.28 13.18 54.25
CA GLN E 116 40.37 14.05 54.67
C GLN E 116 40.08 15.45 54.13
N CYS E 117 39.93 16.45 55.00
CA CYS E 117 39.72 17.81 54.54
C CYS E 117 41.07 18.46 54.20
N ARG E 118 41.18 18.87 52.95
CA ARG E 118 42.36 19.47 52.36
C ARG E 118 42.75 20.89 52.85
N SER E 119 41.86 21.55 53.59
CA SER E 119 42.12 22.92 54.09
C SER E 119 41.80 23.05 55.57
N PRO E 120 42.42 24.03 56.24
CA PRO E 120 42.21 24.09 57.69
C PRO E 120 40.95 24.83 58.10
N GLU E 121 40.37 25.65 57.23
CA GLU E 121 39.15 26.36 57.62
C GLU E 121 37.89 25.49 57.40
N GLU E 122 38.09 24.38 56.69
CA GLU E 122 37.05 23.40 56.40
C GLU E 122 36.64 22.68 57.69
N GLN E 123 35.36 22.36 57.80
CA GLN E 123 34.84 21.64 58.95
C GLN E 123 34.02 20.47 58.47
N CYS E 124 33.53 19.66 59.42
CA CYS E 124 32.73 18.49 59.11
C CYS E 124 31.26 18.89 58.90
N LEU E 125 30.66 18.33 57.86
CA LEU E 125 29.33 18.77 57.52
C LEU E 125 28.27 17.70 57.43
N ASP E 126 27.06 18.09 57.83
CA ASP E 126 25.89 17.25 57.70
C ASP E 126 24.86 18.19 57.12
N VAL E 127 24.51 17.98 55.85
CA VAL E 127 23.51 18.85 55.25
C VAL E 127 22.30 18.05 54.90
N VAL E 128 21.17 18.36 55.55
CA VAL E 128 19.89 17.74 55.26
C VAL E 128 19.09 18.77 54.49
N THR E 129 18.46 18.33 53.40
CA THR E 129 17.65 19.21 52.57
C THR E 129 16.52 18.35 52.11
N HIS E 130 15.33 18.62 52.62
CA HIS E 130 14.23 17.75 52.28
C HIS E 130 13.01 18.45 51.69
N TRP E 131 12.59 17.88 50.56
CA TRP E 131 11.43 18.26 49.75
C TRP E 131 11.37 19.72 49.31
N ILE E 132 12.53 20.30 48.98
CA ILE E 132 12.54 21.71 48.49
C ILE E 132 13.44 22.05 47.29
N GLN E 133 12.81 22.38 46.15
CA GLN E 133 13.52 22.77 44.91
C GLN E 133 14.58 21.77 44.40
N ARG E 139 12.99 18.89 37.62
CA ARG E 139 14.16 19.66 37.11
C ARG E 139 15.32 19.18 38.04
N PRO E 140 16.40 20.00 38.27
CA PRO E 140 17.38 19.45 39.21
C PRO E 140 16.82 19.37 40.64
N LYS E 141 17.58 18.75 41.54
CA LYS E 141 17.12 18.51 42.89
C LYS E 141 18.35 18.35 43.78
N ASP E 142 18.34 19.02 44.93
CA ASP E 142 19.44 18.97 45.90
C ASP E 142 19.43 17.54 46.49
N ASP E 143 20.53 17.09 47.09
CA ASP E 143 20.48 15.74 47.68
C ASP E 143 19.82 15.78 49.05
N ARG E 144 19.22 14.66 49.43
CA ARG E 144 18.53 14.61 50.67
C ARG E 144 19.50 14.74 51.82
N HIS E 145 20.52 13.91 51.80
CA HIS E 145 21.52 13.90 52.85
C HIS E 145 22.90 13.99 52.23
N LEU E 146 23.78 14.71 52.91
CA LEU E 146 25.11 14.90 52.39
C LEU E 146 25.98 15.04 53.60
N ARG E 147 27.12 14.34 53.59
CA ARG E 147 28.10 14.45 54.68
C ARG E 147 29.52 14.61 54.15
N GLY E 148 30.26 15.56 54.70
CA GLY E 148 31.62 15.77 54.23
C GLY E 148 32.38 16.94 54.83
N CYS E 149 33.31 17.47 54.03
CA CYS E 149 34.16 18.58 54.44
C CYS E 149 33.76 19.83 53.74
N GLY E 150 33.99 20.96 54.40
CA GLY E 150 33.70 22.25 53.78
C GLY E 150 33.46 23.42 54.72
N TYR E 151 33.16 24.56 54.15
CA TYR E 151 32.85 25.73 54.95
C TYR E 151 31.67 26.41 54.28
N LEU E 152 30.60 26.61 55.06
CA LEU E 152 29.34 27.21 54.61
C LEU E 152 28.80 28.16 55.67
N PRO E 153 27.90 29.09 55.29
CA PRO E 153 27.30 30.07 56.18
C PRO E 153 27.19 29.71 57.66
N GLY E 154 26.25 28.82 57.98
CA GLY E 154 26.06 28.41 59.37
C GLY E 154 27.28 28.09 60.23
N CYS E 155 28.39 27.72 59.60
CA CYS E 155 29.62 27.38 60.32
C CYS E 155 30.17 28.47 61.21
N PRO E 156 30.48 28.12 62.47
CA PRO E 156 30.26 26.76 62.97
C PRO E 156 28.97 26.67 63.73
N GLY E 157 28.64 25.47 64.18
CA GLY E 157 27.42 25.29 64.94
C GLY E 157 26.48 24.52 64.05
N SER E 158 25.19 24.71 64.27
CA SER E 158 24.22 24.00 63.51
C SER E 158 22.93 24.77 63.45
N ASN E 159 22.26 24.69 62.31
CA ASN E 159 21.00 25.39 62.17
C ASN E 159 19.93 24.56 61.47
N GLY E 160 18.68 24.94 61.70
CA GLY E 160 17.57 24.18 61.16
C GLY E 160 16.29 24.92 60.97
N PHE E 161 15.47 24.38 60.08
CA PHE E 161 14.20 24.97 59.75
C PHE E 161 13.33 23.87 59.20
N HIS E 162 12.03 24.02 59.40
CA HIS E 162 11.09 23.05 58.89
C HIS E 162 9.71 23.59 58.96
N ASN E 163 8.94 23.32 57.90
CA ASN E 163 7.53 23.67 57.91
C ASN E 163 6.72 22.56 57.22
N GLN E 164 5.61 22.94 56.58
CA GLN E 164 4.76 21.98 55.95
C GLN E 164 5.43 21.40 54.72
N ASP E 165 6.21 22.20 54.02
CA ASP E 165 6.87 21.73 52.80
C ASP E 165 8.35 21.39 52.90
N THR E 166 9.01 21.83 53.96
CA THR E 166 10.43 21.60 53.97
C THR E 166 11.08 21.38 55.32
N PHE E 167 12.27 20.79 55.27
CA PHE E 167 13.13 20.54 56.40
C PHE E 167 14.57 20.75 55.89
N HIS E 168 15.28 21.66 56.55
CA HIS E 168 16.65 22.03 56.21
C HIS E 168 17.45 21.96 57.46
N PHE E 169 18.59 21.28 57.40
CA PHE E 169 19.45 21.20 58.56
C PHE E 169 20.88 21.13 58.14
N LEU E 170 21.69 21.95 58.80
CA LEU E 170 23.11 22.03 58.56
C LEU E 170 23.82 21.94 59.88
N LYS E 171 24.67 20.94 60.04
CA LYS E 171 25.48 20.83 61.24
C LYS E 171 26.90 20.99 60.77
N CYS E 172 27.59 21.95 61.37
CA CYS E 172 28.96 22.27 60.99
C CYS E 172 29.79 22.24 62.24
N CYS E 173 30.82 21.41 62.21
CA CYS E 173 31.63 21.14 63.38
C CYS E 173 33.11 20.81 63.11
N GLN E 174 34.02 21.28 64.01
CA GLN E 174 35.52 21.16 63.89
C GLN E 174 36.26 19.93 64.45
N THR E 175 35.62 19.19 65.37
CA THR E 175 36.17 17.97 65.99
C THR E 175 36.29 16.82 64.99
N THR E 176 37.22 15.89 65.23
CA THR E 176 37.40 14.69 64.38
C THR E 176 36.15 13.80 64.27
N LYS E 177 35.84 13.38 63.04
CA LYS E 177 34.68 12.52 62.71
C LYS E 177 33.43 12.97 63.47
N CYS E 178 33.36 14.26 63.77
CA CYS E 178 32.28 14.80 64.57
C CYS E 178 30.92 14.86 63.89
N ASN E 179 30.89 14.63 62.59
CA ASN E 179 29.65 14.67 61.83
C ASN E 179 28.96 13.32 61.74
N GLU E 180 29.54 12.33 62.43
CA GLU E 180 29.02 10.97 62.47
C GLU E 180 27.77 10.88 63.31
N GLY E 181 27.10 9.74 63.20
CA GLY E 181 25.86 9.47 63.90
C GLY E 181 24.79 8.98 62.94
N PRO E 182 23.60 8.68 63.45
CA PRO E 182 22.57 8.18 62.56
C PRO E 182 21.98 9.27 61.67
N ILE E 183 21.63 8.91 60.44
CA ILE E 183 21.03 9.79 59.46
C ILE E 183 19.87 10.48 60.14
N LEU E 184 19.84 11.80 60.08
CA LEU E 184 18.80 12.58 60.75
C LEU E 184 17.50 12.77 59.94
N GLU E 185 16.45 12.03 60.26
CA GLU E 185 15.19 12.26 59.56
C GLU E 185 14.27 13.09 60.47
N LEU E 186 13.43 13.93 59.87
CA LEU E 186 12.59 14.85 60.66
C LEU E 186 11.78 14.12 61.72
N GLU E 187 11.02 13.11 61.27
CA GLU E 187 10.11 12.32 62.13
C GLU E 187 10.73 11.55 63.29
N ASN E 188 12.00 11.82 63.59
CA ASN E 188 12.67 11.14 64.69
C ASN E 188 13.18 12.19 65.65
N LEU E 189 12.67 13.40 65.45
CA LEU E 189 12.95 14.51 66.35
C LEU E 189 11.73 14.50 67.28
N PRO E 190 11.96 14.71 68.58
CA PRO E 190 10.82 14.64 69.47
C PRO E 190 10.04 15.94 69.53
N GLN E 191 8.71 15.83 69.63
CA GLN E 191 7.84 17.01 69.76
C GLN E 191 8.43 18.10 70.65
N ASN E 192 8.84 19.18 70.00
CA ASN E 192 9.42 20.34 70.60
C ASN E 192 8.55 21.00 71.67
N GLY E 193 7.23 20.77 71.61
CA GLY E 193 6.30 21.37 72.56
C GLY E 193 5.77 22.73 72.12
N ARG E 194 6.48 23.38 71.19
CA ARG E 194 6.06 24.69 70.63
C ARG E 194 5.24 24.49 69.34
N GLN E 195 4.41 25.46 69.01
CA GLN E 195 3.63 25.43 67.78
C GLN E 195 3.79 26.75 67.05
N CYS E 196 4.03 26.70 65.75
CA CYS E 196 4.25 27.92 64.96
C CYS E 196 3.52 27.78 63.64
N TYR E 197 3.41 28.88 62.91
CA TYR E 197 2.70 28.82 61.64
C TYR E 197 3.57 28.40 60.50
N SER E 198 2.91 27.96 59.44
CA SER E 198 3.58 27.45 58.28
C SER E 198 2.97 27.96 56.98
N CYS E 199 3.81 28.44 56.07
CA CYS E 199 3.38 28.85 54.71
C CYS E 199 4.57 29.05 53.78
N LYS E 200 4.28 29.43 52.53
CA LYS E 200 5.29 29.72 51.48
C LYS E 200 4.66 30.61 50.44
N GLY E 201 5.32 30.77 49.31
CA GLY E 201 4.76 31.56 48.24
C GLY E 201 4.44 33.03 48.50
N GLN E 202 3.66 33.60 47.57
CA GLN E 202 3.28 35.01 47.56
C GLN E 202 2.49 35.42 48.80
N SER E 203 2.53 36.72 49.08
CA SER E 203 1.84 37.32 50.21
C SER E 203 0.39 36.83 50.29
N THR E 204 -0.48 37.53 49.57
CA THR E 204 -1.89 37.21 49.53
C THR E 204 -2.14 35.96 48.70
N HIS E 205 -1.07 35.40 48.15
CA HIS E 205 -1.16 34.21 47.32
C HIS E 205 -0.23 33.11 47.81
N GLY E 206 -0.58 32.48 48.93
CA GLY E 206 0.24 31.39 49.49
C GLY E 206 0.63 31.56 50.94
N CYS E 207 0.49 32.78 51.45
CA CYS E 207 0.81 33.08 52.83
C CYS E 207 -0.27 33.96 53.44
N SER E 208 -1.50 33.73 52.99
CA SER E 208 -2.64 34.50 53.50
C SER E 208 -2.98 34.05 54.91
N SER E 209 -3.72 34.88 55.62
CA SER E 209 -4.15 34.57 56.99
C SER E 209 -4.82 33.20 57.10
N GLU E 210 -5.43 32.77 56.00
CA GLU E 210 -6.17 31.51 55.96
C GLU E 210 -5.61 30.45 54.99
N GLU E 211 -4.28 30.33 54.97
CA GLU E 211 -3.57 29.30 54.19
C GLU E 211 -2.42 28.87 55.06
N THR E 212 -2.29 29.56 56.19
CA THR E 212 -1.22 29.23 57.10
C THR E 212 -1.92 28.63 58.31
N PHE E 213 -1.30 27.62 58.86
CA PHE E 213 -1.87 26.90 59.99
C PHE E 213 -0.74 26.54 60.92
N LEU E 214 -1.11 26.10 62.11
CA LEU E 214 -0.16 25.72 63.12
C LEU E 214 0.38 24.33 62.85
N ILE E 215 1.71 24.23 62.90
CA ILE E 215 2.42 22.96 62.73
C ILE E 215 3.04 22.73 64.11
N ASP E 216 3.16 21.47 64.56
CA ASP E 216 3.81 21.20 65.86
C ASP E 216 5.30 21.07 65.57
N CYS E 217 6.12 22.00 66.07
CA CYS E 217 7.60 22.00 65.83
C CYS E 217 8.29 20.75 66.39
N ARG E 218 9.52 20.52 65.95
CA ARG E 218 10.27 19.36 66.40
C ARG E 218 11.71 19.64 66.75
N GLY E 219 12.25 18.84 67.67
CA GLY E 219 13.62 18.96 68.11
C GLY E 219 14.06 20.38 68.45
N PRO E 220 15.29 20.74 68.06
CA PRO E 220 15.88 22.04 68.38
C PRO E 220 15.26 23.24 67.68
N MET E 221 14.17 22.99 66.95
CA MET E 221 13.52 24.05 66.21
C MET E 221 12.32 24.57 66.99
N ASN E 222 12.58 25.56 67.84
CA ASN E 222 11.54 26.09 68.72
C ASN E 222 11.19 27.55 68.51
N GLN E 223 12.02 28.26 67.76
CA GLN E 223 11.71 29.64 67.37
C GLN E 223 10.61 29.58 66.29
N CYS E 224 9.83 30.64 66.15
CA CYS E 224 8.80 30.68 65.11
C CYS E 224 9.22 31.75 64.14
N LEU E 225 9.59 31.37 62.94
CA LEU E 225 10.03 32.41 62.04
C LEU E 225 9.10 32.81 60.92
N VAL E 226 9.44 33.96 60.38
CA VAL E 226 8.81 34.56 59.25
C VAL E 226 10.03 35.12 58.52
N ALA E 227 10.00 35.09 57.21
CA ALA E 227 11.14 35.54 56.42
C ALA E 227 10.58 36.11 55.14
N THR E 228 11.13 37.22 54.69
CA THR E 228 10.66 37.81 53.45
C THR E 228 11.84 38.14 52.59
N GLY E 229 11.64 38.10 51.28
CA GLY E 229 12.72 38.37 50.35
C GLY E 229 12.25 38.17 48.94
N THR E 230 13.16 37.73 48.09
CA THR E 230 12.89 37.54 46.69
C THR E 230 13.30 36.15 46.23
N HIS E 231 12.41 35.44 45.53
CA HIS E 231 12.71 34.06 45.09
C HIS E 231 12.88 33.97 43.57
N GLU E 232 12.00 33.17 42.95
CA GLU E 232 11.95 32.90 41.52
C GLU E 232 10.44 32.79 41.18
N PRO E 233 10.05 32.46 39.91
CA PRO E 233 10.81 32.16 38.68
C PRO E 233 11.54 33.40 38.19
N LYS E 234 10.88 34.55 38.33
CA LYS E 234 11.44 35.85 37.98
C LYS E 234 12.19 36.26 39.25
N GLN E 235 11.67 37.27 39.97
CA GLN E 235 12.20 37.72 41.27
C GLN E 235 11.13 38.45 42.08
N GLN E 236 10.02 37.75 42.29
CA GLN E 236 8.86 38.29 43.02
C GLN E 236 9.07 38.20 44.53
N SER E 237 8.27 38.96 45.27
CA SER E 237 8.33 38.95 46.73
C SER E 237 7.96 37.53 47.16
N TYR E 238 8.39 37.12 48.34
CA TYR E 238 8.21 35.74 48.77
C TYR E 238 8.39 35.61 50.27
N MET E 239 7.35 35.11 50.93
CA MET E 239 7.34 34.93 52.36
C MET E 239 7.50 33.45 52.72
N VAL E 240 7.90 33.19 53.97
CA VAL E 240 8.06 31.85 54.52
C VAL E 240 7.83 31.89 56.03
N ARG E 241 7.02 30.97 56.54
CA ARG E 241 6.76 30.84 57.96
C ARG E 241 7.02 29.39 58.39
N GLY E 242 7.60 29.19 59.57
CA GLY E 242 7.91 27.85 60.03
C GLY E 242 8.51 27.80 61.44
N CYS E 243 9.21 26.70 61.73
CA CYS E 243 9.89 26.48 63.01
C CYS E 243 11.41 26.55 62.78
N ALA E 244 12.16 27.15 63.71
CA ALA E 244 13.59 27.30 63.48
C ALA E 244 14.46 27.20 64.72
N THR E 245 15.78 27.31 64.51
CA THR E 245 16.78 27.28 65.60
C THR E 245 17.41 28.64 65.71
N ALA E 246 18.55 28.80 65.04
CA ALA E 246 19.34 30.03 65.00
C ALA E 246 19.43 30.47 63.54
N SER E 247 18.37 30.16 62.79
CA SER E 247 18.23 30.64 61.42
C SER E 247 17.66 32.06 61.58
N ALA E 252 18.91 33.85 59.01
CA ALA E 252 19.47 35.16 59.42
C ALA E 252 20.21 35.80 58.24
N HIS E 253 20.90 34.94 57.49
CA HIS E 253 21.72 35.25 56.31
C HIS E 253 21.70 33.94 55.55
N LEU E 254 21.03 33.00 56.18
CA LEU E 254 20.85 31.64 55.75
C LEU E 254 19.57 31.60 54.88
N GLY E 255 19.69 32.12 53.66
CA GLY E 255 18.56 32.19 52.75
C GLY E 255 18.74 31.39 51.49
N ASP E 256 19.98 31.02 51.18
CA ASP E 256 20.23 30.20 49.99
C ASP E 256 19.67 28.82 50.22
N ALA E 257 19.29 28.57 51.48
CA ALA E 257 18.57 27.33 51.82
C ALA E 257 17.09 27.54 51.47
N PHE E 258 16.86 28.43 50.51
CA PHE E 258 15.54 28.81 49.95
C PHE E 258 15.79 29.63 48.73
N SER E 259 17.05 29.74 48.33
CA SER E 259 17.42 30.59 47.21
C SER E 259 16.57 31.87 47.26
N MET E 260 16.57 32.48 48.43
CA MET E 260 15.92 33.74 48.66
C MET E 260 17.02 34.76 48.87
N ASN E 261 16.89 35.94 48.25
CA ASN E 261 17.85 37.03 48.47
C ASN E 261 17.18 38.31 48.97
N HIS E 262 17.95 39.38 49.20
CA HIS E 262 17.41 40.63 49.77
C HIS E 262 16.38 40.25 50.84
N ILE E 263 16.87 39.42 51.76
CA ILE E 263 16.09 38.76 52.81
C ILE E 263 16.16 39.33 54.22
N ASP E 264 15.03 39.36 54.91
CA ASP E 264 15.01 39.81 56.31
C ASP E 264 14.15 38.92 57.24
N VAL E 265 14.81 37.95 57.88
CA VAL E 265 14.20 36.99 58.79
C VAL E 265 13.71 37.62 60.10
N SER E 266 13.14 36.80 60.97
CA SER E 266 12.55 37.21 62.25
C SER E 266 12.14 36.00 63.10
N CYS E 267 12.45 35.99 64.39
CA CYS E 267 12.05 34.87 65.25
C CYS E 267 11.46 35.40 66.55
N CYS E 268 10.57 34.61 67.14
CA CYS E 268 9.92 34.92 68.40
C CYS E 268 9.67 33.59 69.08
N THR E 269 9.78 33.55 70.40
CA THR E 269 9.65 32.28 71.10
C THR E 269 8.36 32.03 71.86
N LYS E 270 7.22 32.27 71.21
CA LYS E 270 5.90 32.07 71.81
C LYS E 270 4.95 31.37 70.83
N SER E 271 4.24 30.33 71.28
CA SER E 271 3.38 29.60 70.34
C SER E 271 2.42 30.45 69.53
N GLY E 272 2.47 30.30 68.21
CA GLY E 272 1.62 31.04 67.30
C GLY E 272 2.11 32.47 67.08
N CYS E 273 3.22 32.85 67.71
CA CYS E 273 3.70 34.22 67.63
C CYS E 273 3.96 34.74 66.22
N ASN E 274 4.14 33.85 65.25
CA ASN E 274 4.42 34.29 63.89
C ASN E 274 3.19 34.34 62.99
N HIS E 275 2.07 34.79 63.57
CA HIS E 275 0.81 34.93 62.86
C HIS E 275 0.93 36.03 61.81
N PRO E 276 0.33 35.84 60.61
CA PRO E 276 0.36 36.90 59.60
C PRO E 276 -0.30 38.19 60.11
N ASP E 277 -1.34 38.06 60.91
CA ASP E 277 -1.99 39.22 61.51
C ASP E 277 -1.02 39.93 62.47
N LEU E 278 -0.22 39.15 63.20
CA LEU E 278 0.80 39.73 64.08
C LEU E 278 2.01 40.13 63.24
N ASP E 279 1.75 40.56 62.00
CA ASP E 279 2.83 40.99 61.09
C ASP E 279 3.73 39.82 60.60
N SER F 2 -25.86 -46.52 -43.68
CA SER F 2 -25.66 -45.21 -44.36
C SER F 2 -26.65 -44.17 -43.75
N LEU F 3 -27.77 -44.67 -43.18
CA LEU F 3 -28.87 -43.88 -42.50
C LEU F 3 -28.54 -42.54 -41.83
N ARG F 4 -29.39 -41.54 -42.02
CA ARG F 4 -29.14 -40.22 -41.45
C ARG F 4 -30.25 -39.85 -40.50
N CYS F 5 -29.87 -39.12 -39.46
CA CYS F 5 -30.74 -38.73 -38.38
C CYS F 5 -30.64 -37.25 -38.12
N MET F 6 -31.30 -36.83 -37.05
CA MET F 6 -31.23 -35.49 -36.57
C MET F 6 -30.54 -35.55 -35.19
N GLN F 7 -29.49 -34.75 -34.97
CA GLN F 7 -28.85 -34.70 -33.65
C GLN F 7 -29.20 -33.38 -33.05
N CYS F 8 -29.71 -33.42 -31.84
CA CYS F 8 -30.10 -32.20 -31.21
C CYS F 8 -29.72 -32.29 -29.78
N LYS F 9 -28.68 -31.53 -29.41
CA LYS F 9 -28.25 -31.45 -28.03
C LYS F 9 -29.40 -30.74 -27.32
N THR F 10 -29.65 -31.15 -26.09
CA THR F 10 -30.75 -30.62 -25.29
C THR F 10 -31.16 -29.13 -25.50
N ASN F 11 -30.20 -28.24 -25.77
CA ASN F 11 -30.47 -26.80 -25.97
C ASN F 11 -31.33 -26.41 -27.16
N GLY F 12 -31.39 -27.28 -28.17
CA GLY F 12 -32.23 -26.98 -29.35
C GLY F 12 -31.42 -26.88 -30.61
N ASP F 13 -30.10 -26.87 -30.45
CA ASP F 13 -29.16 -26.76 -31.56
C ASP F 13 -28.88 -28.09 -32.24
N CYS F 14 -29.61 -28.29 -33.33
CA CYS F 14 -29.57 -29.50 -34.11
C CYS F 14 -28.55 -29.46 -35.22
N ARG F 15 -28.63 -30.47 -36.09
CA ARG F 15 -27.77 -30.68 -37.25
C ARG F 15 -28.04 -32.10 -37.77
N VAL F 16 -27.70 -32.35 -39.03
CA VAL F 16 -27.94 -33.67 -39.57
C VAL F 16 -26.78 -34.61 -39.29
N GLU F 17 -27.10 -35.77 -38.74
CA GLU F 17 -26.11 -36.74 -38.39
C GLU F 17 -26.21 -37.90 -39.35
N GLU F 18 -25.05 -38.32 -39.82
CA GLU F 18 -24.92 -39.45 -40.68
C GLU F 18 -24.52 -40.52 -39.64
N CYS F 19 -25.25 -41.63 -39.58
CA CYS F 19 -25.00 -42.62 -38.52
C CYS F 19 -23.81 -43.54 -38.75
N ALA F 20 -23.04 -43.76 -37.68
CA ALA F 20 -21.92 -44.69 -37.72
C ALA F 20 -22.53 -46.07 -37.96
N LEU F 21 -21.77 -47.00 -38.57
CA LEU F 21 -22.32 -48.33 -38.83
C LEU F 21 -22.76 -49.07 -37.57
N GLY F 22 -23.74 -49.96 -37.72
CA GLY F 22 -24.28 -50.69 -36.57
C GLY F 22 -25.24 -49.83 -35.74
N GLN F 23 -25.75 -48.77 -36.37
CA GLN F 23 -26.74 -47.84 -35.78
C GLN F 23 -27.90 -47.57 -36.75
N ASP F 24 -28.88 -48.48 -36.72
CA ASP F 24 -30.03 -48.51 -37.62
C ASP F 24 -31.26 -47.74 -37.19
N LEU F 25 -31.15 -46.89 -36.18
CA LEU F 25 -32.28 -46.12 -35.71
C LEU F 25 -31.92 -44.73 -35.24
N CYS F 26 -32.76 -43.76 -35.58
CA CYS F 26 -32.60 -42.44 -35.04
C CYS F 26 -33.63 -42.47 -33.90
N ARG F 27 -33.56 -41.53 -32.98
CA ARG F 27 -34.47 -41.54 -31.86
C ARG F 27 -34.68 -40.17 -31.23
N THR F 28 -35.80 -40.04 -30.54
CA THR F 28 -36.13 -38.80 -29.84
C THR F 28 -36.38 -39.14 -28.39
N THR F 29 -35.60 -38.52 -27.52
CA THR F 29 -35.68 -38.73 -26.10
C THR F 29 -36.25 -37.45 -25.55
N ILE F 30 -37.21 -37.54 -24.63
CA ILE F 30 -37.84 -36.36 -24.06
C ILE F 30 -38.17 -36.51 -22.58
N VAL F 31 -37.89 -35.47 -21.79
CA VAL F 31 -38.26 -35.47 -20.38
C VAL F 31 -39.14 -34.23 -20.19
N ARG F 32 -40.39 -34.45 -19.75
CA ARG F 32 -41.32 -33.36 -19.48
C ARG F 32 -41.49 -33.27 -17.98
N LEU F 33 -40.82 -32.31 -17.36
CA LEU F 33 -40.94 -32.05 -15.94
C LEU F 33 -42.18 -31.22 -15.73
N TRP F 34 -43.22 -31.76 -15.10
CA TRP F 34 -44.44 -30.95 -14.93
C TRP F 34 -44.76 -30.62 -13.46
N GLU F 35 -44.79 -29.33 -13.17
CA GLU F 35 -45.05 -28.84 -11.84
C GLU F 35 -45.95 -27.62 -11.84
N GLU F 36 -47.07 -27.71 -11.11
CA GLU F 36 -48.04 -26.60 -10.94
C GLU F 36 -48.27 -25.75 -12.16
N GLY F 37 -49.11 -26.22 -13.09
CA GLY F 37 -49.35 -25.50 -14.35
C GLY F 37 -48.10 -25.61 -15.19
N GLU F 38 -47.18 -24.66 -15.01
CA GLU F 38 -45.89 -24.62 -15.74
C GLU F 38 -45.20 -25.97 -16.04
N GLU F 39 -44.28 -25.94 -17.00
CA GLU F 39 -43.60 -27.13 -17.48
C GLU F 39 -42.29 -26.89 -18.28
N LEU F 40 -41.23 -27.63 -17.97
CA LEU F 40 -40.01 -27.56 -18.78
C LEU F 40 -40.04 -28.85 -19.61
N GLU F 41 -39.41 -28.82 -20.77
CA GLU F 41 -39.31 -29.97 -21.66
C GLU F 41 -37.90 -29.95 -22.22
N LEU F 42 -37.24 -31.10 -22.17
CA LEU F 42 -35.91 -31.22 -22.70
C LEU F 42 -36.09 -32.18 -23.85
N VAL F 43 -35.47 -31.89 -24.98
CA VAL F 43 -35.56 -32.80 -26.11
C VAL F 43 -34.19 -33.12 -26.63
N GLU F 44 -33.91 -34.40 -26.82
CA GLU F 44 -32.62 -34.85 -27.30
C GLU F 44 -32.85 -35.85 -28.43
N LYS F 45 -32.09 -35.69 -29.52
CA LYS F 45 -32.23 -36.54 -30.69
C LYS F 45 -30.87 -36.95 -31.20
N SER F 46 -30.78 -38.15 -31.78
CA SER F 46 -29.53 -38.62 -32.37
C SER F 46 -29.74 -40.01 -32.95
N CYS F 47 -28.73 -40.58 -33.60
CA CYS F 47 -28.85 -41.95 -34.10
C CYS F 47 -28.64 -42.85 -32.87
N THR F 48 -28.99 -44.12 -32.99
CA THR F 48 -28.91 -45.05 -31.85
C THR F 48 -28.78 -46.49 -32.34
N HIS F 49 -28.51 -47.39 -31.42
CA HIS F 49 -28.27 -48.79 -31.74
C HIS F 49 -29.58 -49.49 -31.91
N SER F 50 -29.58 -50.49 -32.77
CA SER F 50 -30.78 -51.25 -33.09
C SER F 50 -31.63 -51.74 -31.94
N GLU F 51 -31.01 -52.33 -30.92
CA GLU F 51 -31.77 -52.91 -29.80
C GLU F 51 -32.77 -51.93 -29.17
N LYS F 52 -32.60 -50.64 -29.42
CA LYS F 52 -33.49 -49.62 -28.85
C LYS F 52 -34.96 -49.73 -29.26
N THR F 53 -35.85 -49.59 -28.28
CA THR F 53 -37.29 -49.71 -28.46
C THR F 53 -38.05 -48.44 -28.00
N ASN F 54 -39.36 -48.42 -28.23
CA ASN F 54 -40.21 -47.32 -27.81
C ASN F 54 -40.53 -47.56 -26.36
N ARG F 55 -40.36 -46.54 -25.53
CA ARG F 55 -40.58 -46.68 -24.08
C ARG F 55 -41.05 -45.41 -23.38
N THR F 56 -41.73 -45.61 -22.26
CA THR F 56 -42.26 -44.50 -21.50
C THR F 56 -42.19 -44.78 -19.98
N LEU F 57 -41.87 -43.77 -19.19
CA LEU F 57 -41.76 -43.89 -17.71
C LEU F 57 -42.13 -42.55 -17.12
N SER F 58 -43.08 -42.58 -16.21
CA SER F 58 -43.52 -41.36 -15.55
C SER F 58 -43.70 -41.65 -14.08
N TYR F 59 -43.24 -40.73 -13.25
CA TYR F 59 -43.34 -40.84 -11.78
C TYR F 59 -43.67 -39.49 -11.12
N ARG F 60 -44.32 -39.58 -9.97
CA ARG F 60 -44.80 -38.44 -9.18
C ARG F 60 -43.90 -38.18 -7.96
N THR F 61 -43.34 -36.98 -7.90
CA THR F 61 -42.43 -36.56 -6.85
C THR F 61 -43.00 -35.36 -6.09
N GLY F 62 -44.13 -35.58 -5.42
CA GLY F 62 -44.84 -34.54 -4.65
C GLY F 62 -45.09 -33.23 -5.38
N LEU F 63 -46.25 -33.12 -6.02
CA LEU F 63 -46.68 -31.91 -6.79
C LEU F 63 -46.00 -31.84 -8.16
N LYS F 64 -45.00 -32.68 -8.35
CA LYS F 64 -44.28 -32.73 -9.60
C LYS F 64 -44.46 -34.10 -10.23
N ILE F 65 -44.47 -34.12 -11.55
CA ILE F 65 -44.55 -35.34 -12.32
C ILE F 65 -43.50 -35.24 -13.40
N THR F 66 -42.71 -36.31 -13.51
CA THR F 66 -41.66 -36.42 -14.50
C THR F 66 -42.09 -37.44 -15.55
N SER F 67 -42.03 -37.07 -16.82
CA SER F 67 -42.41 -37.98 -17.89
C SER F 67 -41.32 -38.18 -18.90
N LEU F 68 -40.69 -39.33 -18.80
CA LEU F 68 -39.67 -39.68 -19.76
C LEU F 68 -40.30 -40.52 -20.85
N THR F 69 -39.92 -40.23 -22.06
CA THR F 69 -40.40 -40.96 -23.20
C THR F 69 -39.29 -41.11 -24.25
N GLU F 70 -39.31 -42.20 -25.00
CA GLU F 70 -38.32 -42.38 -26.05
C GLU F 70 -38.93 -43.12 -27.21
N VAL F 71 -38.71 -42.59 -28.40
CA VAL F 71 -39.27 -43.15 -29.60
C VAL F 71 -38.18 -43.37 -30.65
N VAL F 72 -38.20 -44.55 -31.25
CA VAL F 72 -37.22 -44.88 -32.26
C VAL F 72 -37.86 -45.26 -33.56
N CYS F 73 -37.24 -44.82 -34.63
CA CYS F 73 -37.69 -45.14 -35.98
C CYS F 73 -36.45 -45.42 -36.83
N GLY F 74 -36.63 -45.91 -38.05
CA GLY F 74 -35.46 -46.25 -38.86
C GLY F 74 -35.49 -45.86 -40.32
N LEU F 75 -35.83 -44.61 -40.57
CA LEU F 75 -35.89 -44.05 -41.92
C LEU F 75 -35.28 -42.66 -41.90
N ASP F 76 -34.82 -42.19 -43.05
CA ASP F 76 -34.18 -40.90 -43.11
C ASP F 76 -34.95 -39.81 -42.39
N LEU F 77 -34.26 -39.21 -41.44
CA LEU F 77 -34.76 -38.11 -40.64
C LEU F 77 -36.10 -38.31 -39.93
N CYS F 78 -36.55 -39.56 -39.79
CA CYS F 78 -37.82 -39.86 -39.09
C CYS F 78 -37.85 -39.30 -37.67
N ASN F 79 -36.72 -38.74 -37.28
CA ASN F 79 -36.42 -38.14 -35.99
C ASN F 79 -36.84 -36.67 -35.98
N GLN F 80 -37.60 -36.25 -36.96
CA GLN F 80 -37.87 -34.83 -37.07
C GLN F 80 -39.24 -34.39 -36.58
N GLY F 81 -40.23 -35.28 -36.75
CA GLY F 81 -41.64 -35.05 -36.37
C GLY F 81 -41.99 -34.20 -35.14
N ASN F 82 -43.24 -33.74 -35.07
CA ASN F 82 -43.70 -32.93 -33.93
C ASN F 82 -45.23 -32.67 -33.91
N SER F 83 -45.78 -31.96 -34.90
CA SER F 83 -47.23 -31.67 -34.89
C SER F 83 -48.03 -32.25 -36.07
N GLY F 84 -48.14 -33.58 -36.07
CA GLY F 84 -48.94 -34.34 -37.04
C GLY F 84 -49.84 -35.16 -36.13
N ARG F 85 -49.47 -35.14 -34.84
CA ARG F 85 -50.15 -35.81 -33.73
C ARG F 85 -50.02 -37.33 -33.76
N ALA F 86 -50.01 -37.94 -32.57
CA ALA F 86 -49.94 -39.38 -32.41
C ALA F 86 -51.35 -39.99 -32.17
N VAL F 87 -51.46 -40.88 -31.19
CA VAL F 87 -52.73 -41.55 -30.86
C VAL F 87 -53.33 -41.02 -29.54
N THR F 88 -54.39 -40.22 -29.67
CA THR F 88 -55.15 -39.65 -28.53
C THR F 88 -56.05 -40.68 -27.82
N TYR F 89 -55.63 -41.15 -26.64
CA TYR F 89 -56.41 -42.12 -25.86
C TYR F 89 -57.46 -41.51 -24.94
N SER F 90 -58.39 -42.36 -24.51
CA SER F 90 -59.47 -41.99 -23.61
C SER F 90 -60.06 -43.27 -23.09
N ARG F 91 -59.81 -43.59 -21.83
CA ARG F 91 -60.35 -44.81 -21.22
C ARG F 91 -61.41 -44.46 -20.19
N SER F 92 -62.25 -45.43 -19.85
CA SER F 92 -63.27 -45.20 -18.84
C SER F 92 -62.57 -45.36 -17.51
N ARG F 93 -61.75 -46.40 -17.43
CA ARG F 93 -61.01 -46.71 -16.21
C ARG F 93 -59.53 -46.93 -16.44
N TYR F 94 -58.77 -45.83 -16.38
CA TYR F 94 -57.32 -45.87 -16.53
C TYR F 94 -56.67 -46.69 -15.41
N LEU F 95 -55.55 -47.36 -15.70
CA LEU F 95 -54.84 -48.13 -14.67
C LEU F 95 -54.13 -47.21 -13.67
N GLU F 96 -54.34 -47.46 -12.38
CA GLU F 96 -53.65 -46.67 -11.35
C GLU F 96 -52.52 -47.43 -10.66
N CYS F 97 -51.36 -46.78 -10.57
CA CYS F 97 -50.23 -47.40 -9.92
C CYS F 97 -49.83 -46.50 -8.76
N ILE F 98 -48.95 -47.03 -7.90
CA ILE F 98 -48.41 -46.27 -6.79
C ILE F 98 -47.24 -45.58 -7.42
N SER F 99 -46.88 -44.41 -6.91
CA SER F 99 -45.79 -43.69 -7.51
C SER F 99 -44.97 -42.92 -6.48
N CYS F 100 -43.67 -42.82 -6.77
CA CYS F 100 -42.70 -42.10 -5.93
C CYS F 100 -41.31 -42.10 -6.55
N GLY F 101 -40.42 -41.30 -5.95
CA GLY F 101 -39.03 -41.20 -6.38
C GLY F 101 -38.07 -40.99 -5.21
N SER F 102 -36.78 -41.26 -5.42
CA SER F 102 -35.76 -41.06 -4.40
C SER F 102 -35.45 -39.56 -4.24
N SER F 103 -35.62 -38.83 -5.35
CA SER F 103 -35.36 -37.40 -5.41
C SER F 103 -35.81 -36.66 -4.16
N ASP F 104 -37.12 -36.68 -3.87
CA ASP F 104 -37.61 -36.01 -2.66
C ASP F 104 -37.77 -37.02 -1.53
N MET F 105 -37.03 -38.13 -1.66
CA MET F 105 -37.07 -39.28 -0.74
C MET F 105 -38.47 -39.75 -0.41
N SER F 106 -39.39 -39.55 -1.35
CA SER F 106 -40.76 -39.99 -1.18
C SER F 106 -40.84 -41.50 -1.08
N CYS F 107 -40.03 -42.21 -1.88
CA CYS F 107 -39.97 -43.68 -1.79
C CYS F 107 -39.08 -43.96 -0.59
N HIS F 112 -46.59 -43.15 0.20
CA HIS F 112 -46.46 -42.61 -1.20
C HIS F 112 -47.78 -42.32 -1.96
N GLN F 113 -47.66 -41.46 -2.96
CA GLN F 113 -48.76 -40.98 -3.82
C GLN F 113 -49.33 -41.98 -4.86
N SER F 114 -50.27 -41.51 -5.68
CA SER F 114 -50.93 -42.34 -6.70
C SER F 114 -50.84 -41.76 -8.11
N LEU F 115 -50.85 -42.64 -9.12
CA LEU F 115 -50.73 -42.20 -10.51
C LEU F 115 -51.58 -42.94 -11.54
N GLN F 116 -52.34 -42.14 -12.29
CA GLN F 116 -53.20 -42.58 -13.36
C GLN F 116 -52.35 -42.73 -14.60
N CYS F 117 -52.28 -43.91 -15.22
CA CYS F 117 -51.51 -44.05 -16.47
C CYS F 117 -52.36 -43.63 -17.69
N ARG F 118 -51.89 -42.65 -18.45
CA ARG F 118 -52.67 -42.13 -19.59
C ARG F 118 -52.74 -43.02 -20.85
N SER F 119 -52.07 -44.17 -20.86
CA SER F 119 -52.07 -45.08 -22.03
C SER F 119 -52.33 -46.52 -21.62
N PRO F 120 -52.91 -47.31 -22.54
CA PRO F 120 -53.26 -48.66 -22.14
C PRO F 120 -52.12 -49.63 -22.18
N GLU F 121 -51.05 -49.37 -22.95
CA GLU F 121 -49.90 -50.30 -22.92
C GLU F 121 -48.98 -50.11 -21.69
N GLU F 122 -49.13 -48.95 -21.02
CA GLU F 122 -48.37 -48.63 -19.82
C GLU F 122 -48.71 -49.60 -18.70
N GLN F 123 -47.73 -49.88 -17.85
CA GLN F 123 -47.94 -50.78 -16.71
C GLN F 123 -47.34 -50.12 -15.49
N CYS F 124 -47.48 -50.77 -14.34
CA CYS F 124 -46.96 -50.23 -13.07
C CYS F 124 -45.51 -50.60 -12.93
N LEU F 125 -44.73 -49.67 -12.42
CA LEU F 125 -43.30 -49.91 -12.38
C LEU F 125 -42.63 -49.68 -11.04
N ASP F 126 -41.63 -50.51 -10.79
CA ASP F 126 -40.77 -50.39 -9.62
C ASP F 126 -39.37 -50.55 -10.23
N VAL F 127 -38.60 -49.47 -10.24
CA VAL F 127 -37.27 -49.54 -10.82
C VAL F 127 -36.28 -49.24 -9.75
N VAL F 128 -35.48 -50.24 -9.39
CA VAL F 128 -34.41 -50.07 -8.42
C VAL F 128 -33.11 -49.99 -9.19
N THR F 129 -32.28 -49.02 -8.87
CA THR F 129 -31.01 -48.85 -9.54
C THR F 129 -30.08 -48.42 -8.47
N HIS F 130 -29.18 -49.32 -8.08
CA HIS F 130 -28.29 -48.99 -6.99
C HIS F 130 -26.78 -49.09 -7.29
N TRP F 131 -26.13 -47.98 -6.92
CA TRP F 131 -24.68 -47.74 -7.03
C TRP F 131 -24.05 -47.95 -8.42
N ILE F 132 -24.76 -47.54 -9.48
CA ILE F 132 -24.19 -47.67 -10.84
C ILE F 132 -24.45 -46.50 -11.83
N GLN F 133 -23.37 -45.80 -12.18
CA GLN F 133 -23.41 -44.68 -13.15
C GLN F 133 -24.39 -43.53 -12.83
N ARG F 139 -21.11 -36.93 -11.49
CA ARG F 139 -21.71 -36.45 -12.76
C ARG F 139 -23.24 -36.72 -12.56
N PRO F 140 -24.05 -36.95 -13.63
CA PRO F 140 -25.42 -37.28 -13.25
C PRO F 140 -25.51 -38.67 -12.60
N LYS F 141 -26.70 -39.01 -12.10
CA LYS F 141 -26.90 -40.26 -11.38
C LYS F 141 -28.37 -40.65 -11.46
N ASP F 142 -28.63 -41.91 -11.72
CA ASP F 142 -29.99 -42.43 -11.86
C ASP F 142 -30.65 -42.38 -10.46
N ASP F 143 -31.97 -42.43 -10.34
CA ASP F 143 -32.52 -42.45 -8.96
C ASP F 143 -32.49 -43.86 -8.35
N ARG F 144 -32.36 -43.91 -7.04
CA ARG F 144 -32.26 -45.16 -6.37
C ARG F 144 -33.53 -45.97 -6.56
N HIS F 145 -34.65 -45.35 -6.20
CA HIS F 145 -35.95 -45.98 -6.32
C HIS F 145 -36.89 -45.12 -7.11
N LEU F 146 -37.76 -45.77 -7.86
CA LEU F 146 -38.65 -45.05 -8.72
C LEU F 146 -39.87 -45.95 -8.86
N ARG F 147 -41.03 -45.33 -8.73
CA ARG F 147 -42.30 -46.07 -8.91
C ARG F 147 -43.26 -45.28 -9.74
N GLY F 148 -43.91 -45.95 -10.70
CA GLY F 148 -44.84 -45.24 -11.57
C GLY F 148 -45.43 -46.02 -12.71
N CYS F 149 -45.82 -45.29 -13.75
CA CYS F 149 -46.43 -45.82 -14.96
C CYS F 149 -45.44 -45.82 -16.09
N GLY F 150 -45.60 -46.76 -17.01
CA GLY F 150 -44.77 -46.78 -18.21
C GLY F 150 -44.62 -48.12 -18.87
N TYR F 151 -43.81 -48.17 -19.92
CA TYR F 151 -43.53 -49.42 -20.61
C TYR F 151 -42.03 -49.45 -20.92
N LEU F 152 -41.35 -50.51 -20.48
CA LEU F 152 -39.90 -50.69 -20.63
C LEU F 152 -39.56 -52.14 -20.93
N PRO F 153 -38.38 -52.40 -21.53
CA PRO F 153 -37.93 -53.73 -21.91
C PRO F 153 -38.52 -54.90 -21.13
N GLY F 154 -38.04 -55.11 -19.91
CA GLY F 154 -38.54 -56.20 -19.08
C GLY F 154 -40.03 -56.51 -19.04
N CYS F 155 -40.87 -55.51 -19.31
CA CYS F 155 -42.32 -55.70 -19.28
C CYS F 155 -42.83 -56.77 -20.22
N PRO F 156 -43.70 -57.66 -19.69
CA PRO F 156 -44.08 -57.59 -18.28
C PRO F 156 -43.28 -58.59 -17.48
N GLY F 157 -43.50 -58.60 -16.19
CA GLY F 157 -42.79 -59.51 -15.35
C GLY F 157 -41.82 -58.68 -14.56
N SER F 158 -40.72 -59.30 -14.17
CA SER F 158 -39.76 -58.62 -13.37
C SER F 158 -38.37 -59.20 -13.59
N ASN F 159 -37.36 -58.34 -13.53
CA ASN F 159 -36.00 -58.83 -13.69
C ASN F 159 -35.02 -58.20 -12.70
N GLY F 160 -33.90 -58.88 -12.47
CA GLY F 160 -32.96 -58.43 -11.47
C GLY F 160 -31.54 -58.87 -11.71
N PHE F 161 -30.62 -58.09 -11.17
CA PHE F 161 -29.20 -58.37 -11.30
C PHE F 161 -28.52 -57.69 -10.15
N HIS F 162 -27.45 -58.30 -9.65
CA HIS F 162 -26.68 -57.72 -8.57
C HIS F 162 -25.33 -58.37 -8.48
N ASN F 163 -24.32 -57.54 -8.21
CA ASN F 163 -22.97 -58.04 -7.98
C ASN F 163 -22.27 -57.21 -6.90
N GLN F 164 -20.96 -57.12 -6.99
CA GLN F 164 -20.21 -56.41 -5.98
C GLN F 164 -20.48 -54.91 -6.07
N ASP F 165 -20.70 -54.41 -7.28
CA ASP F 165 -20.92 -52.99 -7.49
C ASP F 165 -22.34 -52.54 -7.75
N THR F 166 -23.23 -53.47 -8.09
CA THR F 166 -24.57 -53.01 -8.44
C THR F 166 -25.72 -53.94 -8.12
N PHE F 167 -26.90 -53.33 -8.07
CA PHE F 167 -28.17 -54.00 -7.90
C PHE F 167 -29.16 -53.26 -8.80
N HIS F 168 -29.78 -54.00 -9.71
CA HIS F 168 -30.78 -53.48 -10.64
C HIS F 168 -31.99 -54.34 -10.56
N PHE F 169 -33.15 -53.71 -10.42
CA PHE F 169 -34.40 -54.47 -10.39
C PHE F 169 -35.50 -53.67 -11.01
N LEU F 170 -36.27 -54.36 -11.82
CA LEU F 170 -37.40 -53.80 -12.51
C LEU F 170 -38.57 -54.74 -12.35
N LYS F 171 -39.65 -54.24 -11.75
CA LYS F 171 -40.87 -55.03 -11.66
C LYS F 171 -41.88 -54.28 -12.50
N CYS F 172 -42.45 -55.02 -13.45
CA CYS F 172 -43.40 -54.44 -14.39
C CYS F 172 -44.64 -55.30 -14.34
N CYS F 173 -45.77 -54.66 -14.11
CA CYS F 173 -47.01 -55.37 -13.86
C CYS F 173 -48.28 -54.59 -14.23
N GLN F 174 -49.33 -55.32 -14.71
CA GLN F 174 -50.65 -54.76 -15.20
C GLN F 174 -51.82 -54.57 -14.23
N THR F 175 -51.80 -55.26 -13.09
CA THR F 175 -52.85 -55.19 -12.07
C THR F 175 -52.89 -53.83 -11.36
N THR F 176 -54.06 -53.41 -10.89
CA THR F 176 -54.22 -52.16 -10.12
C THR F 176 -53.32 -52.06 -8.85
N LYS F 177 -52.65 -50.91 -8.70
CA LYS F 177 -51.76 -50.59 -7.58
C LYS F 177 -50.84 -51.75 -7.28
N CYS F 178 -50.53 -52.54 -8.30
CA CYS F 178 -49.74 -53.75 -8.15
C CYS F 178 -48.26 -53.54 -7.86
N ASN F 179 -47.80 -52.30 -8.02
CA ASN F 179 -46.40 -52.01 -7.77
C ASN F 179 -46.14 -51.59 -6.31
N GLU F 180 -47.18 -51.66 -5.49
CA GLU F 180 -47.12 -51.28 -4.08
C GLU F 180 -46.39 -52.31 -3.26
N GLY F 181 -46.01 -51.89 -2.05
CA GLY F 181 -45.27 -52.74 -1.13
C GLY F 181 -44.09 -52.03 -0.52
N PRO F 182 -43.35 -52.72 0.36
CA PRO F 182 -42.22 -52.02 0.97
C PRO F 182 -41.06 -51.84 0.00
N ILE F 183 -40.38 -50.69 0.12
CA ILE F 183 -39.23 -50.35 -0.70
C ILE F 183 -38.28 -51.54 -0.67
N LEU F 184 -37.89 -52.02 -1.85
CA LEU F 184 -37.02 -53.19 -1.96
C LEU F 184 -35.51 -52.89 -1.83
N GLU F 185 -34.91 -53.17 -0.69
CA GLU F 185 -33.46 -52.98 -0.58
C GLU F 185 -32.78 -54.34 -0.72
N LEU F 186 -31.56 -54.38 -1.28
CA LEU F 186 -30.90 -55.67 -1.53
C LEU F 186 -30.82 -56.52 -0.27
N GLU F 187 -30.23 -55.94 0.78
CA GLU F 187 -29.97 -56.61 2.09
C GLU F 187 -31.18 -57.17 2.83
N ASN F 188 -32.33 -57.19 2.18
CA ASN F 188 -33.54 -57.71 2.79
C ASN F 188 -34.07 -58.86 1.93
N LEU F 189 -33.22 -59.30 1.02
CA LEU F 189 -33.53 -60.44 0.18
C LEU F 189 -32.84 -61.58 0.89
N PRO F 190 -33.49 -62.75 0.96
CA PRO F 190 -32.85 -63.79 1.72
C PRO F 190 -31.83 -64.56 0.89
N GLN F 191 -30.76 -64.99 1.56
CA GLN F 191 -29.72 -65.79 0.91
C GLN F 191 -30.30 -66.83 -0.05
N ASN F 192 -30.05 -66.61 -1.32
CA ASN F 192 -30.50 -67.44 -2.41
C ASN F 192 -29.97 -68.87 -2.36
N GLY F 193 -28.84 -69.08 -1.66
CA GLY F 193 -28.23 -70.40 -1.56
C GLY F 193 -27.27 -70.70 -2.70
N ARG F 194 -27.33 -69.92 -3.76
CA ARG F 194 -26.43 -70.05 -4.90
C ARG F 194 -25.28 -69.05 -4.77
N GLN F 195 -24.13 -69.38 -5.36
CA GLN F 195 -22.97 -68.49 -5.38
C GLN F 195 -22.50 -68.34 -6.81
N CYS F 196 -22.16 -67.11 -7.21
CA CYS F 196 -21.74 -66.83 -8.58
C CYS F 196 -20.62 -65.82 -8.53
N TYR F 197 -19.93 -65.64 -9.65
CA TYR F 197 -18.80 -64.70 -9.67
C TYR F 197 -19.22 -63.31 -9.96
N SER F 198 -18.36 -62.38 -9.55
CA SER F 198 -18.64 -60.97 -9.69
C SER F 198 -17.46 -60.19 -10.25
N CYS F 199 -17.74 -59.32 -11.24
CA CYS F 199 -16.72 -58.41 -11.83
C CYS F 199 -17.32 -57.38 -12.76
N LYS F 200 -16.48 -56.51 -13.31
CA LYS F 200 -16.87 -55.43 -14.24
C LYS F 200 -15.66 -55.03 -15.03
N GLY F 201 -15.77 -53.91 -15.74
CA GLY F 201 -14.63 -53.42 -16.52
C GLY F 201 -14.04 -54.32 -17.60
N GLN F 202 -12.84 -53.95 -18.04
CA GLN F 202 -12.11 -54.61 -19.13
C GLN F 202 -11.80 -56.08 -18.83
N SER F 203 -11.59 -56.82 -19.91
CA SER F 203 -11.26 -58.23 -19.86
C SER F 203 -10.14 -58.50 -18.85
N THR F 204 -8.91 -58.40 -19.33
CA THR F 204 -7.74 -58.61 -18.51
C THR F 204 -7.52 -57.44 -17.55
N HIS F 205 -8.42 -56.46 -17.59
CA HIS F 205 -8.33 -55.29 -16.74
C HIS F 205 -9.64 -55.03 -16.00
N GLY F 206 -9.94 -55.88 -15.03
CA GLY F 206 -11.18 -55.71 -14.24
C GLY F 206 -12.03 -56.96 -14.14
N CYS F 207 -11.78 -57.91 -15.04
CA CYS F 207 -12.51 -59.15 -15.07
C CYS F 207 -11.57 -60.33 -15.24
N SER F 208 -10.38 -60.18 -14.68
CA SER F 208 -9.37 -61.23 -14.76
C SER F 208 -9.74 -62.40 -13.85
N SER F 209 -9.13 -63.55 -14.08
CA SER F 209 -9.39 -64.73 -13.27
C SER F 209 -9.24 -64.45 -11.78
N GLU F 210 -8.34 -63.53 -11.46
CA GLU F 210 -8.02 -63.14 -10.08
C GLU F 210 -8.47 -61.74 -9.62
N GLU F 211 -9.66 -61.32 -10.03
CA GLU F 211 -10.25 -60.05 -9.61
C GLU F 211 -11.72 -60.33 -9.47
N THR F 212 -12.08 -61.57 -9.78
CA THR F 212 -13.45 -61.96 -9.68
C THR F 212 -13.48 -62.98 -8.55
N PHE F 213 -14.51 -62.85 -7.72
CA PHE F 213 -14.66 -63.70 -6.56
C PHE F 213 -16.10 -64.09 -6.46
N LEU F 214 -16.36 -65.08 -5.62
CA LEU F 214 -17.73 -65.55 -5.42
C LEU F 214 -18.48 -64.62 -4.50
N ILE F 215 -19.68 -64.24 -4.94
CA ILE F 215 -20.57 -63.42 -4.12
C ILE F 215 -21.70 -64.39 -3.75
N ASP F 216 -22.34 -64.21 -2.60
CA ASP F 216 -23.51 -65.08 -2.25
C ASP F 216 -24.74 -64.36 -2.82
N CYS F 217 -25.42 -64.96 -3.81
CA CYS F 217 -26.62 -64.36 -4.44
C CYS F 217 -27.78 -64.17 -3.47
N ARG F 218 -28.76 -63.37 -3.85
CA ARG F 218 -29.90 -63.11 -3.00
C ARG F 218 -31.23 -63.11 -3.75
N GLY F 219 -32.29 -63.38 -3.01
CA GLY F 219 -33.64 -63.40 -3.58
C GLY F 219 -33.77 -64.21 -4.86
N PRO F 220 -34.61 -63.73 -5.78
CA PRO F 220 -34.92 -64.39 -7.03
C PRO F 220 -33.75 -64.44 -8.01
N MET F 221 -32.59 -63.96 -7.58
CA MET F 221 -31.42 -63.92 -8.43
C MET F 221 -30.54 -65.14 -8.22
N ASN F 222 -30.81 -66.17 -9.03
CA ASN F 222 -30.12 -67.45 -8.84
C ASN F 222 -29.33 -67.96 -10.01
N GLN F 223 -29.56 -67.37 -11.19
CA GLN F 223 -28.75 -67.68 -12.37
C GLN F 223 -27.39 -67.00 -12.17
N CYS F 224 -26.35 -67.48 -12.83
CA CYS F 224 -25.04 -66.84 -12.73
C CYS F 224 -24.75 -66.27 -14.09
N LEU F 225 -24.70 -64.95 -14.21
CA LEU F 225 -24.45 -64.46 -15.55
C LEU F 225 -23.07 -63.91 -15.86
N VAL F 226 -22.85 -63.79 -17.16
CA VAL F 226 -21.70 -63.20 -17.74
C VAL F 226 -22.32 -62.47 -18.91
N ALA F 227 -21.82 -61.29 -19.22
CA ALA F 227 -22.37 -60.48 -20.29
C ALA F 227 -21.22 -59.75 -20.88
N THR F 228 -21.23 -59.60 -22.19
CA THR F 228 -20.16 -58.86 -22.85
C THR F 228 -20.76 -57.93 -23.88
N GLY F 229 -20.08 -56.82 -24.11
CA GLY F 229 -20.59 -55.85 -25.06
C GLY F 229 -19.68 -54.66 -25.07
N THR F 230 -20.27 -53.49 -25.28
CA THR F 230 -19.52 -52.25 -25.35
C THR F 230 -20.07 -51.21 -24.40
N HIS F 231 -19.20 -50.51 -23.66
CA HIS F 231 -19.65 -49.51 -22.67
C HIS F 231 -19.21 -48.10 -23.07
N GLU F 232 -18.44 -47.47 -22.18
CA GLU F 232 -17.91 -46.12 -22.32
C GLU F 232 -16.47 -46.19 -21.72
N PRO F 233 -15.73 -45.06 -21.64
CA PRO F 233 -15.98 -43.64 -22.03
C PRO F 233 -16.09 -43.51 -23.54
N LYS F 234 -15.25 -44.26 -24.24
CA LYS F 234 -15.24 -44.31 -25.70
C LYS F 234 -16.29 -45.39 -26.01
N GLN F 235 -15.84 -46.55 -26.51
CA GLN F 235 -16.70 -47.73 -26.76
C GLN F 235 -15.89 -49.01 -26.75
N GLN F 236 -15.20 -49.23 -25.62
CA GLN F 236 -14.32 -50.39 -25.44
C GLN F 236 -15.14 -51.63 -25.06
N SER F 237 -14.52 -52.80 -25.20
CA SER F 237 -15.15 -54.05 -24.82
C SER F 237 -15.38 -53.96 -23.32
N TYR F 238 -16.34 -54.72 -22.79
CA TYR F 238 -16.72 -54.61 -21.39
C TYR F 238 -17.52 -55.82 -20.91
N MET F 239 -16.99 -56.50 -19.90
CA MET F 239 -17.58 -57.70 -19.34
C MET F 239 -18.27 -57.40 -18.01
N VAL F 240 -19.18 -58.30 -17.61
CA VAL F 240 -19.91 -58.20 -16.34
C VAL F 240 -20.30 -59.59 -15.89
N ARG F 241 -20.02 -59.90 -14.63
CA ARG F 241 -20.38 -61.17 -14.03
C ARG F 241 -21.18 -60.90 -12.75
N GLY F 242 -22.21 -61.70 -12.48
CA GLY F 242 -23.03 -61.49 -11.30
C GLY F 242 -24.13 -62.52 -11.12
N CYS F 243 -25.17 -62.13 -10.35
CA CYS F 243 -26.33 -63.00 -10.04
C CYS F 243 -27.56 -62.43 -10.73
N ALA F 244 -28.38 -63.28 -11.33
CA ALA F 244 -29.51 -62.75 -12.09
C ALA F 244 -30.79 -63.59 -12.00
N THR F 245 -31.85 -63.08 -12.65
CA THR F 245 -33.15 -63.75 -12.74
C THR F 245 -33.38 -64.22 -14.17
N ALA F 246 -34.10 -63.37 -14.92
CA ALA F 246 -34.43 -63.60 -16.33
C ALA F 246 -33.85 -62.44 -17.15
N SER F 247 -32.70 -61.96 -16.70
CA SER F 247 -31.89 -60.99 -17.43
C SER F 247 -31.05 -61.84 -18.40
N ALA F 252 -30.69 -59.97 -21.18
CA ALA F 252 -31.00 -60.71 -22.43
C ALA F 252 -30.99 -59.71 -23.58
N HIS F 253 -31.53 -58.53 -23.29
CA HIS F 253 -31.70 -57.39 -24.20
C HIS F 253 -31.74 -56.20 -23.25
N LEU F 254 -31.68 -56.56 -21.98
CA LEU F 254 -31.71 -55.67 -20.87
C LEU F 254 -30.25 -55.28 -20.56
N GLY F 255 -29.70 -54.39 -21.40
CA GLY F 255 -28.32 -53.93 -21.26
C GLY F 255 -28.21 -52.44 -20.99
N ASP F 256 -29.28 -51.69 -21.21
CA ASP F 256 -29.26 -50.26 -20.90
C ASP F 256 -29.21 -50.07 -19.40
N ALA F 257 -29.43 -51.15 -18.66
CA ALA F 257 -29.27 -51.17 -17.22
C ALA F 257 -27.79 -51.39 -16.93
N PHE F 258 -26.97 -50.93 -17.88
CA PHE F 258 -25.50 -50.96 -17.89
C PHE F 258 -25.00 -50.12 -19.04
N SER F 259 -25.93 -49.47 -19.75
CA SER F 259 -25.58 -48.74 -20.95
C SER F 259 -24.50 -49.52 -21.71
N MET F 260 -24.79 -50.79 -21.91
CA MET F 260 -23.98 -51.68 -22.70
C MET F 260 -24.78 -51.97 -23.95
N ASN F 261 -24.11 -51.94 -25.11
CA ASN F 261 -24.75 -52.30 -26.38
C ASN F 261 -24.00 -53.42 -27.10
N HIS F 262 -24.44 -53.82 -28.30
CA HIS F 262 -23.83 -54.96 -29.01
C HIS F 262 -23.46 -56.01 -28.00
N ILE F 263 -24.47 -56.35 -27.19
CA ILE F 263 -24.39 -57.23 -26.02
C ILE F 263 -24.85 -58.66 -26.19
N ASP F 264 -24.13 -59.60 -25.57
CA ASP F 264 -24.53 -61.00 -25.59
C ASP F 264 -24.39 -61.71 -24.23
N VAL F 265 -25.47 -61.69 -23.47
CA VAL F 265 -25.56 -62.29 -22.12
C VAL F 265 -25.49 -63.82 -22.12
N SER F 266 -25.53 -64.41 -20.94
CA SER F 266 -25.43 -65.87 -20.72
C SER F 266 -25.70 -66.24 -19.26
N CYS F 267 -26.53 -67.25 -19.01
CA CYS F 267 -26.81 -67.68 -17.64
C CYS F 267 -26.65 -69.19 -17.53
N CYS F 268 -26.36 -69.66 -16.33
CA CYS F 268 -26.19 -71.08 -16.00
C CYS F 268 -26.59 -71.22 -14.56
N THR F 269 -27.20 -72.34 -14.20
CA THR F 269 -27.69 -72.51 -12.83
C THR F 269 -26.90 -73.41 -11.88
N LYS F 270 -25.58 -73.27 -11.86
CA LYS F 270 -24.72 -74.06 -11.00
C LYS F 270 -23.72 -73.15 -10.27
N SER F 271 -23.54 -73.33 -8.98
CA SER F 271 -22.64 -72.45 -8.24
C SER F 271 -21.25 -72.32 -8.84
N GLY F 272 -20.83 -71.09 -9.03
CA GLY F 272 -19.52 -70.79 -9.61
C GLY F 272 -19.46 -71.05 -11.10
N CYS F 273 -20.57 -71.50 -11.69
CA CYS F 273 -20.58 -71.83 -13.12
C CYS F 273 -20.12 -70.74 -14.08
N ASN F 274 -20.14 -69.48 -13.64
CA ASN F 274 -19.73 -68.39 -14.52
C ASN F 274 -18.29 -67.94 -14.33
N HIS F 275 -17.40 -68.90 -14.10
CA HIS F 275 -15.97 -68.68 -13.94
C HIS F 275 -15.38 -68.15 -15.24
N PRO F 276 -14.43 -67.18 -15.16
CA PRO F 276 -13.76 -66.71 -16.38
C PRO F 276 -13.03 -67.85 -17.10
N ASP F 277 -12.48 -68.81 -16.36
CA ASP F 277 -11.84 -69.96 -16.96
C ASP F 277 -12.88 -70.81 -17.70
N LEU F 278 -14.09 -70.91 -17.16
CA LEU F 278 -15.19 -71.63 -17.82
C LEU F 278 -15.82 -70.71 -18.86
N ASP F 279 -14.97 -69.90 -19.49
CA ASP F 279 -15.31 -68.92 -20.55
C ASP F 279 -16.23 -67.78 -20.03
N LEU G 3 20.83 -29.73 -12.49
CA LEU G 3 21.64 -28.64 -13.11
C LEU G 3 21.85 -27.46 -12.13
N ARG G 4 22.89 -26.67 -12.36
CA ARG G 4 23.22 -25.50 -11.54
C ARG G 4 23.81 -24.31 -12.32
N CYS G 5 23.39 -23.09 -11.96
CA CYS G 5 23.86 -21.87 -12.63
C CYS G 5 24.63 -20.96 -11.69
N MET G 6 25.15 -19.87 -12.24
CA MET G 6 25.84 -18.83 -11.48
C MET G 6 24.79 -17.76 -11.27
N GLN G 7 24.77 -17.11 -10.10
CA GLN G 7 23.81 -16.03 -9.87
C GLN G 7 24.48 -14.80 -9.34
N CYS G 8 24.44 -13.74 -10.15
CA CYS G 8 25.10 -12.51 -9.80
C CYS G 8 24.15 -11.36 -9.57
N LYS G 9 24.38 -10.61 -8.51
CA LYS G 9 23.57 -9.43 -8.23
C LYS G 9 24.05 -8.38 -9.22
N THR G 10 23.19 -7.40 -9.52
CA THR G 10 23.47 -6.40 -10.56
C THR G 10 24.56 -5.34 -10.24
N ASN G 11 25.50 -5.71 -9.37
CA ASN G 11 26.60 -4.82 -8.96
C ASN G 11 27.98 -5.45 -9.16
N GLY G 12 28.02 -6.78 -9.18
CA GLY G 12 29.28 -7.48 -9.39
C GLY G 12 29.60 -8.73 -8.57
N ASP G 13 28.72 -9.13 -7.65
CA ASP G 13 29.01 -10.33 -6.84
C ASP G 13 28.07 -11.50 -7.00
N CYS G 14 28.65 -12.69 -7.10
CA CYS G 14 27.88 -13.91 -7.40
C CYS G 14 28.07 -15.09 -6.45
N ARG G 15 27.48 -16.22 -6.84
CA ARG G 15 27.62 -17.52 -6.18
C ARG G 15 26.94 -18.56 -7.07
N VAL G 16 27.10 -19.84 -6.72
CA VAL G 16 26.49 -20.93 -7.46
C VAL G 16 25.08 -21.25 -6.96
N GLU G 17 24.12 -21.09 -7.85
CA GLU G 17 22.74 -21.38 -7.54
C GLU G 17 22.49 -22.83 -7.88
N GLU G 18 21.95 -23.59 -6.92
CA GLU G 18 21.61 -24.99 -7.18
C GLU G 18 20.25 -25.05 -7.87
N CYS G 19 20.24 -24.53 -9.09
CA CYS G 19 19.09 -24.44 -10.00
C CYS G 19 17.83 -25.26 -9.65
N ALA G 20 16.72 -24.57 -9.42
CA ALA G 20 15.43 -25.21 -9.07
C ALA G 20 14.95 -26.26 -10.07
N LEU G 21 14.63 -27.44 -9.55
CA LEU G 21 14.15 -28.57 -10.37
C LEU G 21 12.86 -28.25 -11.15
N GLY G 22 13.03 -27.40 -12.17
CA GLY G 22 11.95 -26.95 -13.04
C GLY G 22 12.47 -25.81 -13.90
N GLN G 23 13.77 -25.54 -13.77
CA GLN G 23 14.45 -24.49 -14.52
C GLN G 23 15.72 -25.03 -15.17
N ASP G 24 15.58 -25.62 -16.36
CA ASP G 24 16.72 -26.24 -17.07
C ASP G 24 17.68 -25.30 -17.82
N LEU G 25 17.33 -24.01 -17.93
CA LEU G 25 18.21 -23.03 -18.60
C LEU G 25 18.83 -21.96 -17.69
N CYS G 26 20.07 -21.58 -17.98
CA CYS G 26 20.76 -20.50 -17.22
C CYS G 26 20.74 -19.21 -18.05
N ARG G 27 20.50 -18.09 -17.38
CA ARG G 27 20.42 -16.80 -18.08
C ARG G 27 21.55 -15.85 -17.76
N THR G 28 21.60 -14.76 -18.53
CA THR G 28 22.52 -13.65 -18.33
C THR G 28 21.80 -12.44 -18.90
N THR G 29 21.51 -11.49 -18.02
CA THR G 29 20.79 -10.29 -18.41
C THR G 29 21.67 -9.05 -18.26
N ILE G 30 22.00 -8.46 -19.40
CA ILE G 30 22.84 -7.28 -19.43
C ILE G 30 22.06 -6.07 -19.91
N VAL G 31 22.26 -4.94 -19.24
CA VAL G 31 21.68 -3.68 -19.66
C VAL G 31 22.84 -2.73 -19.94
N ARG G 32 22.95 -2.36 -21.21
CA ARG G 32 24.03 -1.52 -21.70
C ARG G 32 23.54 -0.10 -21.94
N LEU G 33 24.23 0.87 -21.37
CA LEU G 33 23.86 2.28 -21.57
C LEU G 33 25.02 3.09 -22.15
N GLY G 37 30.25 10.25 -25.01
CA GLY G 37 30.26 8.96 -25.78
C GLY G 37 30.70 7.78 -24.93
N GLU G 38 30.14 7.67 -23.73
CA GLU G 38 30.48 6.57 -22.80
C GLU G 38 29.40 5.47 -22.71
N GLU G 39 29.69 4.42 -21.94
CA GLU G 39 28.78 3.29 -21.81
C GLU G 39 28.82 2.59 -20.44
N LEU G 40 27.67 2.49 -19.79
CA LEU G 40 27.52 1.86 -18.47
C LEU G 40 26.98 0.45 -18.62
N GLU G 41 27.39 -0.45 -17.72
CA GLU G 41 27.00 -1.86 -17.84
C GLU G 41 26.57 -2.56 -16.55
N LEU G 42 25.34 -3.07 -16.55
CA LEU G 42 24.82 -3.83 -15.42
C LEU G 42 24.54 -5.23 -15.91
N VAL G 43 25.11 -6.20 -15.20
CA VAL G 43 24.97 -7.59 -15.58
C VAL G 43 24.30 -8.34 -14.45
N GLU G 44 23.35 -9.19 -14.80
CA GLU G 44 22.69 -9.99 -13.81
C GLU G 44 22.64 -11.42 -14.34
N LYS G 45 22.93 -12.38 -13.46
CA LYS G 45 22.94 -13.78 -13.86
C LYS G 45 22.17 -14.64 -12.85
N SER G 46 21.69 -15.79 -13.32
CA SER G 46 20.96 -16.76 -12.52
C SER G 46 20.38 -17.79 -13.47
N CYS G 47 19.60 -18.73 -12.93
CA CYS G 47 18.92 -19.70 -13.76
C CYS G 47 17.58 -19.11 -14.18
N THR G 48 16.83 -19.85 -14.99
CA THR G 48 15.52 -19.40 -15.45
C THR G 48 14.66 -20.57 -15.91
N HIS G 49 13.34 -20.41 -15.81
CA HIS G 49 12.40 -21.45 -16.24
C HIS G 49 12.64 -21.85 -17.72
N SER G 50 12.56 -23.15 -17.96
CA SER G 50 12.78 -23.80 -19.26
C SER G 50 12.30 -23.11 -20.54
N GLU G 51 11.20 -22.37 -20.47
CA GLU G 51 10.63 -21.73 -21.66
C GLU G 51 11.35 -20.46 -22.17
N LYS G 52 12.31 -19.93 -21.41
CA LYS G 52 13.04 -18.71 -21.82
C LYS G 52 13.91 -18.86 -23.09
N THR G 53 14.10 -17.74 -23.79
CA THR G 53 14.94 -17.68 -25.02
C THR G 53 15.72 -16.37 -25.19
N ASN G 54 16.76 -16.41 -26.05
CA ASN G 54 17.58 -15.23 -26.37
C ASN G 54 16.73 -14.05 -26.84
N ARG G 55 16.93 -12.90 -26.22
CA ARG G 55 16.16 -11.72 -26.58
C ARG G 55 16.96 -10.43 -26.44
N THR G 56 16.71 -9.50 -27.35
CA THR G 56 17.42 -8.24 -27.36
C THR G 56 16.47 -7.06 -27.63
N LEU G 57 16.81 -5.89 -27.12
CA LEU G 57 15.96 -4.70 -27.32
C LEU G 57 16.79 -3.45 -27.14
N SER G 58 16.73 -2.57 -28.13
CA SER G 58 17.47 -1.32 -28.11
C SER G 58 16.58 -0.11 -28.43
N TYR G 59 16.74 0.97 -27.69
CA TYR G 59 15.99 2.21 -27.93
C TYR G 59 16.75 3.46 -27.52
N ARG G 60 16.89 4.40 -28.47
CA ARG G 60 17.52 5.67 -28.15
C ARG G 60 16.52 6.55 -27.38
N THR G 61 16.94 7.02 -26.20
CA THR G 61 16.09 7.86 -25.36
C THR G 61 16.33 9.37 -25.58
N GLY G 62 17.60 9.75 -25.81
CA GLY G 62 17.97 11.13 -26.08
C GLY G 62 19.48 11.28 -26.06
N LEU G 63 20.13 10.88 -27.15
CA LEU G 63 21.60 10.88 -27.24
C LEU G 63 22.20 9.76 -26.38
N LYS G 64 21.34 8.91 -25.82
CA LYS G 64 21.76 7.77 -25.01
C LYS G 64 21.18 6.51 -25.62
N ILE G 65 21.88 5.39 -25.50
CA ILE G 65 21.44 4.10 -26.03
C ILE G 65 21.17 3.11 -24.89
N THR G 66 19.99 2.48 -24.92
CA THR G 66 19.65 1.50 -23.93
C THR G 66 19.60 0.13 -24.60
N SER G 67 20.54 -0.74 -24.27
CA SER G 67 20.54 -2.08 -24.85
C SER G 67 20.31 -3.15 -23.81
N LEU G 68 19.15 -3.80 -23.88
CA LEU G 68 18.86 -4.88 -22.99
C LEU G 68 19.23 -6.16 -23.72
N THR G 69 19.85 -7.09 -23.02
CA THR G 69 20.28 -8.34 -23.62
C THR G 69 20.14 -9.50 -22.66
N GLU G 70 19.62 -10.63 -23.14
CA GLU G 70 19.52 -11.82 -22.31
C GLU G 70 19.85 -13.02 -23.14
N VAL G 71 20.80 -13.79 -22.67
CA VAL G 71 21.29 -14.95 -23.39
C VAL G 71 21.00 -16.19 -22.55
N VAL G 72 20.53 -17.25 -23.20
CA VAL G 72 20.32 -18.53 -22.52
C VAL G 72 21.19 -19.64 -23.10
N CYS G 73 21.64 -20.53 -22.21
CA CYS G 73 22.48 -21.66 -22.56
C CYS G 73 22.01 -22.90 -21.79
N GLY G 74 22.35 -24.07 -22.29
CA GLY G 74 21.94 -25.34 -21.69
C GLY G 74 22.86 -25.99 -20.67
N LEU G 75 23.97 -26.57 -21.14
CA LEU G 75 24.92 -27.33 -20.31
C LEU G 75 25.28 -26.75 -18.95
N ASP G 76 25.83 -27.59 -18.08
CA ASP G 76 26.19 -27.21 -16.71
C ASP G 76 27.06 -25.96 -16.61
N LEU G 77 26.73 -25.09 -15.64
CA LEU G 77 27.44 -23.82 -15.35
C LEU G 77 27.84 -22.92 -16.55
N CYS G 78 27.22 -23.15 -17.70
CA CYS G 78 27.46 -22.40 -18.95
C CYS G 78 27.23 -20.90 -18.83
N ASN G 79 27.10 -20.44 -17.61
CA ASN G 79 26.78 -19.06 -17.34
C ASN G 79 28.02 -18.16 -17.37
N GLN G 80 29.16 -18.70 -16.94
CA GLN G 80 30.49 -18.05 -16.86
C GLN G 80 30.75 -16.88 -17.82
N GLY G 81 30.06 -16.89 -18.97
CA GLY G 81 30.19 -15.85 -20.00
C GLY G 81 30.31 -14.38 -19.56
N ASN G 82 31.54 -14.00 -19.25
CA ASN G 82 31.86 -12.61 -18.94
C ASN G 82 31.65 -11.90 -20.27
N SER G 83 32.35 -12.41 -21.30
CA SER G 83 32.28 -11.95 -22.69
C SER G 83 32.76 -10.50 -22.89
N GLY G 84 32.23 -9.59 -22.06
CA GLY G 84 32.53 -8.17 -22.09
C GLY G 84 31.34 -7.37 -21.57
N GLU G 96 17.20 -0.75 -40.43
CA GLU G 96 16.96 0.43 -39.55
C GLU G 96 15.47 0.72 -39.29
N CYS G 97 15.19 1.25 -38.10
CA CYS G 97 13.83 1.58 -37.65
C CYS G 97 13.82 2.93 -36.93
N ILE G 98 12.65 3.36 -36.48
CA ILE G 98 12.55 4.63 -35.77
C ILE G 98 12.52 4.33 -34.27
N SER G 99 12.72 5.34 -33.43
CA SER G 99 12.71 5.14 -31.98
C SER G 99 12.25 6.36 -31.20
N CYS G 100 11.60 6.09 -30.07
CA CYS G 100 11.16 7.12 -29.13
C CYS G 100 11.01 6.40 -27.80
N GLY G 101 10.35 7.03 -26.84
CA GLY G 101 10.13 6.42 -25.52
C GLY G 101 9.21 7.26 -24.65
N SER G 102 8.64 6.63 -23.62
CA SER G 102 7.80 7.36 -22.68
C SER G 102 8.75 8.03 -21.69
N SER G 103 9.88 7.38 -21.45
CA SER G 103 10.94 7.85 -20.56
C SER G 103 10.97 9.38 -20.41
N ASP G 104 10.88 10.10 -21.54
CA ASP G 104 10.85 11.57 -21.52
C ASP G 104 9.91 12.15 -22.60
N MET G 105 8.73 11.55 -22.72
CA MET G 105 7.72 11.95 -23.71
C MET G 105 8.29 12.04 -25.14
N SER G 106 9.32 11.24 -25.45
CA SER G 106 9.97 11.25 -26.77
C SER G 106 8.94 11.05 -27.87
N CYS G 107 7.93 10.27 -27.55
CA CYS G 107 6.86 9.97 -28.47
C CYS G 107 5.84 11.12 -28.49
N HIS G 112 9.47 11.14 -34.32
CA HIS G 112 10.55 10.32 -33.69
C HIS G 112 11.87 10.19 -34.46
N GLN G 113 12.88 9.68 -33.74
CA GLN G 113 14.27 9.55 -34.22
C GLN G 113 14.67 8.17 -34.77
N SER G 114 15.51 8.18 -35.81
CA SER G 114 16.04 6.98 -36.45
C SER G 114 17.04 6.24 -35.57
N LEU G 115 17.06 4.92 -35.71
CA LEU G 115 17.97 4.02 -34.98
C LEU G 115 18.34 2.87 -35.93
N GLN G 116 19.62 2.51 -36.01
CA GLN G 116 20.01 1.41 -36.91
C GLN G 116 20.29 0.13 -36.14
N CYS G 117 19.55 -0.92 -36.48
CA CYS G 117 19.73 -2.21 -35.82
C CYS G 117 21.01 -2.85 -36.32
N ARG G 118 22.00 -2.96 -35.43
CA ARG G 118 23.31 -3.52 -35.79
C ARG G 118 23.37 -5.05 -35.93
N SER G 119 22.20 -5.71 -36.01
CA SER G 119 22.13 -7.16 -36.10
C SER G 119 21.07 -7.63 -37.10
N PRO G 120 21.39 -8.67 -37.89
CA PRO G 120 20.46 -9.29 -38.84
C PRO G 120 19.16 -9.77 -38.20
N GLU G 121 19.26 -10.58 -37.14
CA GLU G 121 18.08 -11.12 -36.45
C GLU G 121 17.16 -9.99 -35.99
N GLU G 122 17.77 -8.91 -35.51
CA GLU G 122 17.02 -7.76 -34.99
C GLU G 122 16.01 -7.12 -35.93
N GLN G 123 14.88 -6.73 -35.34
CA GLN G 123 13.77 -6.13 -36.07
C GLN G 123 13.18 -4.91 -35.37
N CYS G 124 12.28 -4.23 -36.05
CA CYS G 124 11.61 -3.05 -35.51
C CYS G 124 10.56 -3.51 -34.51
N LEU G 125 10.54 -2.84 -33.37
CA LEU G 125 9.64 -3.19 -32.29
C LEU G 125 8.91 -1.97 -31.77
N ASP G 126 7.73 -2.20 -31.21
CA ASP G 126 6.95 -1.17 -30.56
C ASP G 126 6.29 -1.80 -29.35
N VAL G 127 6.91 -1.65 -28.20
CA VAL G 127 6.39 -2.27 -26.99
C VAL G 127 5.51 -1.33 -26.16
N VAL G 128 4.24 -1.70 -26.06
CA VAL G 128 3.27 -0.96 -25.28
C VAL G 128 3.06 -1.72 -23.98
N THR G 129 3.02 -0.98 -22.89
CA THR G 129 2.83 -1.57 -21.59
C THR G 129 2.22 -0.53 -20.70
N HIS G 130 0.98 -0.78 -20.29
CA HIS G 130 0.28 0.15 -19.43
C HIS G 130 -0.27 -0.54 -18.18
N TRP G 131 -0.01 0.12 -17.05
CA TRP G 131 -0.46 -0.27 -15.70
C TRP G 131 -0.05 -1.69 -15.20
N ILE G 132 1.05 -2.24 -15.73
CA ILE G 132 1.51 -3.52 -15.18
C ILE G 132 2.82 -3.27 -14.41
N GLN G 133 2.90 -3.83 -13.20
CA GLN G 133 4.04 -3.72 -12.22
C GLN G 133 4.97 -2.49 -12.31
N LYS G 141 6.58 0.77 -13.53
CA LYS G 141 8.05 0.60 -13.45
C LYS G 141 8.56 0.46 -14.88
N ASP G 142 7.95 -0.45 -15.62
CA ASP G 142 8.29 -0.70 -17.01
C ASP G 142 7.95 0.55 -17.84
N ASP G 143 8.85 0.95 -18.75
CA ASP G 143 8.60 2.12 -19.60
C ASP G 143 7.30 1.97 -20.43
N ARG G 144 6.40 2.93 -20.24
CA ARG G 144 5.07 2.98 -20.87
C ARG G 144 4.99 2.63 -22.39
N HIS G 145 5.63 3.44 -23.25
CA HIS G 145 5.69 3.16 -24.70
C HIS G 145 7.14 3.01 -25.09
N LEU G 146 7.46 2.12 -26.01
CA LEU G 146 8.87 1.89 -26.33
C LEU G 146 9.06 1.45 -27.78
N ARG G 147 9.92 2.14 -28.53
CA ARG G 147 10.20 1.80 -29.95
C ARG G 147 11.71 1.77 -30.25
N GLY G 148 12.12 0.84 -31.11
CA GLY G 148 13.54 0.70 -31.46
C GLY G 148 13.84 -0.63 -32.12
N CYS G 149 14.99 -1.21 -31.79
CA CYS G 149 15.40 -2.48 -32.39
C CYS G 149 15.36 -3.65 -31.42
N GLY G 150 15.53 -4.85 -31.95
CA GLY G 150 15.58 -6.04 -31.11
C GLY G 150 14.75 -7.22 -31.54
N TYR G 151 14.99 -8.35 -30.89
CA TYR G 151 14.28 -9.59 -31.15
C TYR G 151 13.64 -10.01 -29.83
N LEU G 152 12.35 -10.36 -29.88
CA LEU G 152 11.57 -10.77 -28.71
C LEU G 152 10.76 -12.04 -29.02
N PRO G 153 10.15 -12.67 -27.98
CA PRO G 153 9.37 -13.90 -28.19
C PRO G 153 8.19 -13.76 -29.15
N GLY G 154 7.44 -12.68 -28.99
CA GLY G 154 6.28 -12.44 -29.86
C GLY G 154 6.58 -12.46 -31.35
N CYS G 155 7.72 -11.86 -31.73
CA CYS G 155 8.21 -11.75 -33.12
C CYS G 155 8.18 -13.07 -33.88
N PRO G 156 8.02 -13.02 -35.22
CA PRO G 156 7.90 -11.81 -36.05
C PRO G 156 6.50 -11.25 -36.17
N GLY G 157 5.58 -11.76 -35.35
CA GLY G 157 4.18 -11.33 -35.38
C GLY G 157 3.84 -9.94 -34.87
N SER G 158 2.69 -9.87 -34.19
CA SER G 158 2.13 -8.63 -33.65
C SER G 158 0.93 -8.96 -32.76
N ASN G 159 1.17 -9.18 -31.47
CA ASN G 159 0.12 -9.55 -30.51
C ASN G 159 -0.20 -8.52 -29.39
N GLY G 160 -1.39 -8.67 -28.82
CA GLY G 160 -1.83 -7.78 -27.75
C GLY G 160 -2.78 -8.44 -26.77
N PHE G 161 -3.00 -7.74 -25.65
CA PHE G 161 -3.92 -8.12 -24.59
C PHE G 161 -4.39 -6.87 -23.87
N HIS G 162 -5.59 -6.93 -23.30
CA HIS G 162 -6.08 -5.83 -22.49
C HIS G 162 -7.24 -6.26 -21.60
N ASN G 163 -7.42 -5.55 -20.49
CA ASN G 163 -8.54 -5.78 -19.58
C ASN G 163 -8.82 -4.50 -18.82
N GLN G 164 -9.52 -4.58 -17.68
CA GLN G 164 -9.93 -3.36 -16.96
C GLN G 164 -8.70 -2.57 -16.62
N ASP G 165 -7.77 -3.24 -15.93
CA ASP G 165 -6.53 -2.70 -15.41
C ASP G 165 -5.34 -2.52 -16.32
N THR G 166 -5.25 -3.30 -17.37
CA THR G 166 -4.03 -3.24 -18.16
C THR G 166 -4.16 -3.41 -19.64
N PHE G 167 -3.18 -2.85 -20.35
CA PHE G 167 -3.09 -2.96 -21.79
C PHE G 167 -1.66 -3.27 -22.22
N HIS G 168 -1.47 -4.40 -22.90
CA HIS G 168 -0.18 -4.77 -23.41
C HIS G 168 -0.27 -4.94 -24.90
N PHE G 169 0.77 -4.49 -25.59
CA PHE G 169 0.84 -4.70 -27.01
C PHE G 169 2.30 -4.85 -27.36
N LEU G 170 2.56 -5.71 -28.34
CA LEU G 170 3.90 -6.01 -28.82
C LEU G 170 3.82 -6.10 -30.31
N LYS G 171 4.41 -5.13 -30.99
CA LYS G 171 4.34 -5.10 -32.44
C LYS G 171 5.73 -5.28 -33.07
N CYS G 172 5.86 -6.28 -33.93
CA CYS G 172 7.11 -6.55 -34.67
C CYS G 172 6.86 -6.33 -36.15
N CYS G 173 7.84 -5.76 -36.85
CA CYS G 173 7.69 -5.55 -38.27
C CYS G 173 9.07 -5.63 -38.97
N GLN G 174 9.09 -5.50 -40.29
CA GLN G 174 10.32 -5.66 -41.07
C GLN G 174 10.86 -4.45 -41.86
N THR G 175 9.96 -3.72 -42.52
CA THR G 175 10.30 -2.59 -43.41
C THR G 175 11.06 -1.36 -42.84
N THR G 176 11.24 -0.32 -43.67
CA THR G 176 11.96 0.90 -43.28
C THR G 176 11.10 1.90 -42.49
N LYS G 177 11.66 2.43 -41.38
CA LYS G 177 10.95 3.35 -40.45
C LYS G 177 9.61 2.69 -40.11
N CYS G 178 9.66 1.38 -40.30
CA CYS G 178 8.62 0.41 -40.12
C CYS G 178 7.72 0.68 -38.94
N ASN G 179 8.30 0.69 -37.75
CA ASN G 179 7.56 0.90 -36.50
C ASN G 179 7.04 2.33 -36.26
N GLU G 180 7.21 3.21 -37.26
CA GLU G 180 6.74 4.59 -37.15
C GLU G 180 5.21 4.65 -37.28
N GLY G 181 4.63 5.81 -36.98
CA GLY G 181 3.18 5.98 -37.09
C GLY G 181 2.52 6.58 -35.86
N PRO G 182 1.20 6.44 -35.76
CA PRO G 182 0.46 6.95 -34.62
C PRO G 182 0.80 6.16 -33.38
N ILE G 183 0.82 6.84 -32.24
CA ILE G 183 1.07 6.20 -30.95
C ILE G 183 -0.09 5.22 -30.79
N LEU G 184 0.13 4.12 -30.09
CA LEU G 184 -0.94 3.14 -29.99
C LEU G 184 -1.56 3.08 -28.60
N GLU G 185 -2.31 4.11 -28.23
CA GLU G 185 -3.00 4.12 -26.93
C GLU G 185 -4.32 3.35 -27.06
N LEU G 186 -4.73 2.64 -26.01
CA LEU G 186 -5.95 1.82 -26.03
C LEU G 186 -7.26 2.56 -26.28
N GLU G 187 -7.44 3.73 -25.66
CA GLU G 187 -8.69 4.46 -25.86
C GLU G 187 -8.92 4.93 -27.31
N ASN G 188 -7.92 4.73 -28.18
CA ASN G 188 -8.04 5.05 -29.61
C ASN G 188 -8.75 3.91 -30.32
N LEU G 189 -8.56 2.71 -29.77
CA LEU G 189 -9.03 1.49 -30.40
C LEU G 189 -10.55 1.24 -30.32
N PRO G 190 -11.18 1.07 -31.49
CA PRO G 190 -12.61 0.85 -31.66
C PRO G 190 -13.05 -0.49 -31.13
N GLN G 191 -14.15 -0.50 -30.37
CA GLN G 191 -14.69 -1.76 -29.87
C GLN G 191 -15.14 -2.64 -31.02
N ASN G 192 -14.81 -3.91 -30.93
CA ASN G 192 -15.10 -4.88 -31.96
C ASN G 192 -16.33 -5.74 -31.67
N GLY G 193 -17.23 -5.24 -30.83
CA GLY G 193 -18.49 -5.93 -30.52
C GLY G 193 -18.44 -7.09 -29.54
N ARG G 194 -17.27 -7.72 -29.44
CA ARG G 194 -17.06 -8.87 -28.56
C ARG G 194 -16.96 -8.46 -27.09
N GLN G 195 -17.46 -9.31 -26.20
CA GLN G 195 -17.32 -9.03 -24.78
C GLN G 195 -16.62 -10.17 -24.09
N CYS G 196 -15.76 -9.83 -23.14
CA CYS G 196 -14.99 -10.82 -22.43
C CYS G 196 -14.88 -10.39 -20.98
N TYR G 197 -14.69 -11.37 -20.10
CA TYR G 197 -14.53 -11.12 -18.68
C TYR G 197 -13.14 -10.60 -18.37
N SER G 198 -13.03 -9.82 -17.29
CA SER G 198 -11.77 -9.19 -16.87
C SER G 198 -11.45 -9.46 -15.41
N CYS G 199 -10.23 -9.92 -15.14
CA CYS G 199 -9.76 -10.14 -13.77
C CYS G 199 -8.25 -10.28 -13.73
N LYS G 200 -7.72 -10.32 -12.51
CA LYS G 200 -6.27 -10.42 -12.35
C LYS G 200 -5.90 -10.69 -10.88
N GLY G 201 -5.25 -11.83 -10.62
CA GLY G 201 -4.80 -12.16 -9.26
C GLY G 201 -5.16 -13.55 -8.77
N GLN G 202 -5.06 -13.76 -7.45
CA GLN G 202 -5.37 -15.04 -6.80
C GLN G 202 -6.83 -15.39 -7.07
N SER G 203 -7.20 -16.64 -6.80
CA SER G 203 -8.58 -17.07 -6.98
C SER G 203 -9.40 -16.45 -5.84
N THR G 204 -8.73 -16.18 -4.72
CA THR G 204 -9.35 -15.51 -3.59
C THR G 204 -9.45 -14.01 -3.81
N HIS G 205 -8.40 -13.40 -4.35
CA HIS G 205 -8.39 -11.95 -4.60
C HIS G 205 -7.97 -11.50 -6.00
N GLY G 206 -8.79 -10.62 -6.58
CA GLY G 206 -8.51 -10.12 -7.92
C GLY G 206 -9.29 -10.87 -8.99
N CYS G 207 -9.59 -12.16 -8.74
CA CYS G 207 -10.33 -12.99 -9.68
C CYS G 207 -11.48 -13.79 -9.06
N SER G 208 -12.00 -13.34 -7.93
CA SER G 208 -13.16 -14.01 -7.31
C SER G 208 -14.33 -13.80 -8.25
N SER G 209 -15.17 -14.83 -8.41
CA SER G 209 -16.27 -14.77 -9.39
C SER G 209 -16.92 -13.38 -9.50
N GLU G 210 -17.46 -12.87 -8.39
CA GLU G 210 -17.99 -11.51 -8.41
C GLU G 210 -16.87 -10.52 -8.10
N GLU G 211 -16.13 -10.17 -9.15
CA GLU G 211 -14.99 -9.23 -9.13
C GLU G 211 -14.43 -9.31 -10.55
N THR G 212 -15.06 -10.19 -11.33
CA THR G 212 -14.73 -10.38 -12.73
C THR G 212 -16.00 -9.93 -13.41
N PHE G 213 -15.87 -9.04 -14.38
CA PHE G 213 -17.02 -8.44 -15.04
C PHE G 213 -16.80 -8.29 -16.54
N LEU G 214 -17.89 -8.21 -17.28
CA LEU G 214 -17.80 -8.06 -18.70
C LEU G 214 -17.13 -6.75 -19.06
N ILE G 215 -16.24 -6.81 -20.05
CA ILE G 215 -15.55 -5.65 -20.51
C ILE G 215 -15.65 -5.68 -22.04
N ASP G 216 -15.72 -4.51 -22.68
CA ASP G 216 -15.84 -4.42 -24.14
C ASP G 216 -14.46 -4.39 -24.79
N CYS G 217 -14.16 -5.44 -25.53
CA CYS G 217 -12.88 -5.59 -26.23
C CYS G 217 -12.74 -4.54 -27.31
N ARG G 218 -11.51 -4.14 -27.56
CA ARG G 218 -11.27 -3.11 -28.57
C ARG G 218 -10.24 -3.58 -29.60
N GLY G 219 -10.22 -2.92 -30.75
CA GLY G 219 -9.26 -3.23 -31.80
C GLY G 219 -9.16 -4.69 -32.20
N PRO G 220 -7.92 -5.19 -32.44
CA PRO G 220 -7.67 -6.56 -32.90
C PRO G 220 -7.88 -7.61 -31.85
N MET G 221 -8.03 -7.18 -30.60
CA MET G 221 -8.22 -8.11 -29.50
C MET G 221 -9.65 -8.58 -29.39
N ASN G 222 -10.01 -9.49 -30.29
CA ASN G 222 -11.36 -10.02 -30.38
C ASN G 222 -11.49 -11.46 -29.90
N GLN G 223 -10.58 -11.87 -29.03
CA GLN G 223 -10.48 -13.24 -28.55
C GLN G 223 -10.46 -13.23 -27.01
N CYS G 224 -11.43 -13.88 -26.36
CA CYS G 224 -11.43 -13.88 -24.89
C CYS G 224 -10.42 -14.85 -24.35
N LEU G 225 -9.63 -14.43 -23.37
CA LEU G 225 -8.66 -15.35 -22.80
C LEU G 225 -8.59 -15.37 -21.29
N VAL G 226 -8.13 -16.51 -20.79
CA VAL G 226 -7.89 -16.76 -19.40
C VAL G 226 -6.49 -17.36 -19.39
N ALA G 227 -5.69 -17.00 -18.39
CA ALA G 227 -4.33 -17.51 -18.32
C ALA G 227 -3.96 -17.80 -16.89
N THR G 228 -3.27 -18.91 -16.67
CA THR G 228 -2.83 -19.31 -15.34
C THR G 228 -1.40 -19.81 -15.25
N GLY G 229 -0.57 -18.97 -14.65
CA GLY G 229 0.83 -19.32 -14.43
C GLY G 229 1.15 -18.98 -13.00
N THR G 230 2.29 -18.31 -12.78
CA THR G 230 2.72 -17.87 -11.45
C THR G 230 3.36 -16.49 -11.52
N HIS G 231 3.19 -15.69 -10.47
CA HIS G 231 3.68 -14.30 -10.43
C HIS G 231 4.64 -14.13 -9.24
N GLU G 232 5.11 -12.89 -9.04
CA GLU G 232 6.00 -12.54 -7.92
C GLU G 232 5.15 -12.54 -6.63
N PRO G 233 5.75 -12.88 -5.47
CA PRO G 233 7.15 -13.27 -5.24
C PRO G 233 7.35 -14.78 -5.46
N LYS G 234 7.93 -15.46 -4.46
CA LYS G 234 8.19 -16.92 -4.48
C LYS G 234 7.08 -17.68 -5.24
N GLN G 235 7.34 -17.93 -6.54
CA GLN G 235 6.42 -18.59 -7.51
C GLN G 235 4.98 -18.79 -6.97
N GLN G 236 4.28 -17.67 -6.82
CA GLN G 236 2.91 -17.65 -6.31
C GLN G 236 1.90 -17.69 -7.44
N SER G 237 0.89 -18.54 -7.26
CA SER G 237 -0.23 -18.73 -8.19
C SER G 237 -0.85 -17.41 -8.65
N TYR G 238 -1.33 -17.38 -9.90
CA TYR G 238 -1.85 -16.15 -10.47
C TYR G 238 -2.84 -16.43 -11.61
N MET G 239 -3.68 -15.46 -11.92
CA MET G 239 -4.68 -15.61 -12.98
C MET G 239 -5.04 -14.29 -13.66
N VAL G 240 -5.19 -14.32 -14.98
CA VAL G 240 -5.54 -13.13 -15.76
C VAL G 240 -6.65 -13.40 -16.75
N ARG G 241 -7.55 -12.44 -16.93
CA ARG G 241 -8.63 -12.53 -17.93
C ARG G 241 -8.85 -11.19 -18.61
N GLY G 242 -9.13 -11.23 -19.91
CA GLY G 242 -9.34 -10.03 -20.71
C GLY G 242 -9.38 -10.40 -22.18
N CYS G 243 -9.21 -9.40 -23.05
CA CYS G 243 -9.28 -9.58 -24.48
C CYS G 243 -7.90 -9.74 -25.14
N ALA G 244 -7.79 -10.66 -26.12
CA ALA G 244 -6.49 -10.94 -26.77
C ALA G 244 -6.52 -11.17 -28.29
N THR G 245 -5.37 -11.55 -28.84
CA THR G 245 -5.16 -11.77 -30.29
C THR G 245 -4.41 -13.05 -30.69
N ALA G 246 -3.07 -12.95 -30.66
CA ALA G 246 -2.16 -14.03 -31.01
C ALA G 246 -1.42 -14.56 -29.77
N SER G 247 -1.82 -14.10 -28.58
CA SER G 247 -1.27 -14.64 -27.35
C SER G 247 -1.92 -16.03 -27.13
N ALA G 252 0.58 -19.01 -28.02
CA ALA G 252 1.21 -20.31 -27.61
C ALA G 252 2.45 -20.11 -26.73
N HIS G 253 2.21 -19.94 -25.42
CA HIS G 253 3.24 -19.77 -24.36
C HIS G 253 4.05 -18.44 -24.40
N LEU G 254 3.33 -17.33 -24.61
CA LEU G 254 3.91 -15.98 -24.65
C LEU G 254 3.53 -15.25 -23.38
N GLY G 255 4.16 -15.63 -22.27
CA GLY G 255 3.80 -15.11 -20.95
C GLY G 255 4.55 -14.00 -20.24
N ASP G 256 5.57 -13.40 -20.87
CA ASP G 256 6.26 -12.30 -20.20
C ASP G 256 5.47 -11.01 -20.10
N ALA G 257 4.41 -10.92 -20.90
CA ALA G 257 3.54 -9.75 -20.94
C ALA G 257 3.03 -9.43 -19.54
N PHE G 258 2.03 -10.19 -19.09
CA PHE G 258 1.51 -10.05 -17.73
C PHE G 258 2.41 -10.83 -16.78
N SER G 259 3.70 -10.76 -17.11
CA SER G 259 4.83 -11.40 -16.42
C SER G 259 4.56 -12.58 -15.48
N MET G 260 4.56 -13.77 -16.06
CA MET G 260 4.28 -15.02 -15.31
C MET G 260 4.96 -16.24 -15.96
N ASN G 261 5.19 -17.28 -15.15
CA ASN G 261 5.83 -18.53 -15.63
C ASN G 261 4.98 -19.81 -15.44
N HIS G 262 5.49 -20.95 -15.93
CA HIS G 262 4.79 -22.26 -15.88
C HIS G 262 3.35 -22.14 -16.43
N ILE G 263 3.13 -21.09 -17.22
CA ILE G 263 1.83 -20.70 -17.81
C ILE G 263 1.13 -21.66 -18.77
N ASP G 264 -0.15 -21.37 -19.02
CA ASP G 264 -0.98 -22.04 -20.04
C ASP G 264 -2.24 -21.19 -20.25
N VAL G 265 -2.28 -20.55 -21.41
CA VAL G 265 -3.35 -19.64 -21.75
C VAL G 265 -4.39 -20.26 -22.67
N SER G 266 -5.66 -20.03 -22.35
CA SER G 266 -6.77 -20.49 -23.17
C SER G 266 -7.47 -19.30 -23.84
N CYS G 267 -8.00 -19.50 -25.03
CA CYS G 267 -8.71 -18.44 -25.74
C CYS G 267 -10.00 -19.02 -26.36
N CYS G 268 -11.01 -18.17 -26.53
CA CYS G 268 -12.25 -18.62 -27.14
C CYS G 268 -12.78 -17.44 -27.95
N THR G 269 -13.70 -17.71 -28.87
CA THR G 269 -14.16 -16.71 -29.84
C THR G 269 -15.55 -16.12 -29.64
N LYS G 270 -16.35 -16.70 -28.74
CA LYS G 270 -17.70 -16.20 -28.44
C LYS G 270 -17.73 -15.30 -27.19
N SER G 271 -18.51 -14.23 -27.25
CA SER G 271 -18.64 -13.29 -26.13
C SER G 271 -19.01 -13.94 -24.82
N GLY G 272 -18.26 -13.59 -23.78
CA GLY G 272 -18.49 -14.10 -22.43
C GLY G 272 -18.03 -15.50 -22.18
N CYS G 273 -17.38 -16.08 -23.18
CA CYS G 273 -16.98 -17.48 -23.13
C CYS G 273 -15.89 -17.85 -22.16
N ASN G 274 -15.26 -16.86 -21.54
CA ASN G 274 -14.21 -17.15 -20.54
C ASN G 274 -14.65 -16.97 -19.09
N HIS G 275 -15.93 -17.14 -18.82
CA HIS G 275 -16.41 -16.98 -17.46
C HIS G 275 -15.72 -18.02 -16.58
N PRO G 276 -15.40 -17.68 -15.34
CA PRO G 276 -14.76 -18.70 -14.51
C PRO G 276 -15.54 -20.01 -14.44
N ASP G 277 -16.85 -19.93 -14.29
CA ASP G 277 -17.69 -21.13 -14.25
C ASP G 277 -17.54 -22.02 -15.50
N LEU G 278 -17.14 -21.43 -16.62
CA LEU G 278 -17.00 -22.18 -17.87
C LEU G 278 -15.58 -22.71 -18.03
N ASP G 279 -14.73 -22.42 -17.04
CA ASP G 279 -13.30 -22.86 -16.93
C ASP G 279 -12.26 -21.74 -16.93
N LEU H 3 -21.46 28.34 14.56
CA LEU H 3 -21.61 28.66 13.10
C LEU H 3 -21.85 27.40 12.26
N ARG H 4 -22.48 27.56 11.10
CA ARG H 4 -22.77 26.45 10.17
C ARG H 4 -22.67 26.83 8.68
N CYS H 5 -22.09 25.93 7.87
CA CYS H 5 -21.91 26.15 6.42
C CYS H 5 -22.72 25.18 5.58
N MET H 6 -22.65 25.37 4.26
CA MET H 6 -23.27 24.47 3.28
C MET H 6 -22.15 23.58 2.80
N GLN H 7 -22.41 22.29 2.59
CA GLN H 7 -21.36 21.41 2.07
C GLN H 7 -21.83 20.65 0.86
N CYS H 8 -21.20 20.93 -0.27
CA CYS H 8 -21.58 20.32 -1.53
C CYS H 8 -20.52 19.41 -2.09
N LYS H 9 -20.93 18.23 -2.54
CA LYS H 9 -20.01 17.30 -3.19
C LYS H 9 -19.76 17.89 -4.58
N THR H 10 -18.62 17.53 -5.19
CA THR H 10 -18.19 18.12 -6.45
C THR H 10 -18.97 17.73 -7.72
N ASN H 11 -20.25 17.38 -7.55
CA ASN H 11 -21.12 16.96 -8.65
C ASN H 11 -22.41 17.77 -8.68
N GLY H 12 -22.83 18.29 -7.53
CA GLY H 12 -24.04 19.10 -7.46
C GLY H 12 -24.97 18.96 -6.27
N ASP H 13 -24.69 18.07 -5.33
CA ASP H 13 -25.58 17.90 -4.17
C ASP H 13 -24.99 18.27 -2.81
N CYS H 14 -25.79 18.96 -2.00
CA CYS H 14 -25.32 19.51 -0.71
C CYS H 14 -26.19 19.18 0.49
N ARG H 15 -25.85 19.84 1.60
CA ARG H 15 -26.59 19.81 2.87
C ARG H 15 -25.93 20.81 3.81
N VAL H 16 -26.54 21.04 4.97
CA VAL H 16 -26.00 21.96 5.96
C VAL H 16 -25.05 21.25 6.92
N GLU H 17 -23.81 21.72 6.94
CA GLU H 17 -22.80 21.18 7.81
C GLU H 17 -22.86 21.97 9.10
N GLU H 18 -22.91 21.29 10.23
CA GLU H 18 -22.91 21.97 11.53
C GLU H 18 -21.46 22.23 11.94
N CYS H 19 -20.82 23.10 11.15
CA CYS H 19 -19.44 23.55 11.26
C CYS H 19 -18.70 23.24 12.58
N ALA H 20 -17.61 22.47 12.47
CA ALA H 20 -16.78 22.05 13.63
C ALA H 20 -16.25 23.21 14.46
N LEU H 21 -16.51 23.15 15.77
CA LEU H 21 -16.07 24.17 16.73
C LEU H 21 -14.54 24.39 16.74
N GLY H 22 -14.06 24.98 15.66
CA GLY H 22 -12.66 25.27 15.44
C GLY H 22 -12.48 25.72 14.00
N GLN H 23 -13.61 25.86 13.30
CA GLN H 23 -13.65 26.28 11.90
C GLN H 23 -14.64 27.44 11.71
N ASP H 24 -14.19 28.67 11.97
CA ASP H 24 -15.07 29.85 11.86
C ASP H 24 -15.38 30.37 10.44
N LEU H 25 -14.67 29.88 9.42
CA LEU H 25 -14.92 30.33 8.03
C LEU H 25 -15.52 29.28 7.09
N CYS H 26 -16.40 29.70 6.20
CA CYS H 26 -17.00 28.80 5.20
C CYS H 26 -16.31 29.01 3.85
N ARG H 27 -16.04 27.92 3.13
CA ARG H 27 -15.33 28.01 1.84
C ARG H 27 -16.21 27.65 0.65
N THR H 28 -15.66 27.90 -0.53
CA THR H 28 -16.27 27.54 -1.81
C THR H 28 -15.10 27.37 -2.75
N THR H 29 -14.91 26.15 -3.24
CA THR H 29 -13.82 25.84 -4.12
C THR H 29 -14.31 25.47 -5.51
N ILE H 30 -13.97 26.31 -6.47
CA ILE H 30 -14.38 26.11 -7.85
C ILE H 30 -13.18 25.85 -8.75
N VAL H 31 -13.31 24.86 -9.62
CA VAL H 31 -12.30 24.59 -10.63
C VAL H 31 -12.96 24.78 -12.00
N ARG H 32 -12.46 25.78 -12.72
CA ARG H 32 -13.00 26.18 -14.00
C ARG H 32 -12.07 25.70 -15.10
N LEU H 33 -12.63 24.97 -16.07
CA LEU H 33 -11.86 24.49 -17.22
C LEU H 33 -12.42 25.01 -18.56
N GLY H 37 -13.97 26.11 -27.67
CA GLY H 37 -14.00 27.29 -26.77
C GLY H 37 -15.04 27.15 -25.67
N GLU H 38 -15.06 25.98 -25.02
CA GLU H 38 -16.02 25.69 -23.95
C GLU H 38 -15.40 25.76 -22.54
N GLU H 39 -16.24 25.57 -21.52
CA GLU H 39 -15.79 25.66 -20.13
C GLU H 39 -16.58 24.74 -19.18
N LEU H 40 -15.85 23.90 -18.44
CA LEU H 40 -16.43 22.96 -17.47
C LEU H 40 -16.27 23.52 -16.06
N GLU H 41 -17.20 23.16 -15.18
CA GLU H 41 -17.18 23.71 -13.82
C GLU H 41 -17.51 22.73 -12.69
N LEU H 42 -16.58 22.63 -11.74
CA LEU H 42 -16.79 21.78 -10.58
C LEU H 42 -16.76 22.69 -9.37
N VAL H 43 -17.80 22.60 -8.54
CA VAL H 43 -17.89 23.43 -7.37
C VAL H 43 -17.92 22.55 -6.14
N GLU H 44 -17.19 22.93 -5.11
CA GLU H 44 -17.20 22.18 -3.88
C GLU H 44 -17.30 23.17 -2.74
N LYS H 45 -18.18 22.89 -1.79
CA LYS H 45 -18.41 23.78 -0.66
C LYS H 45 -18.35 23.04 0.67
N SER H 46 -18.10 23.79 1.75
CA SER H 46 -18.02 23.27 3.11
C SER H 46 -17.40 24.36 3.96
N CYS H 47 -17.20 24.04 5.24
CA CYS H 47 -16.53 24.96 6.14
C CYS H 47 -15.02 24.73 6.03
N THR H 48 -14.25 25.51 6.76
CA THR H 48 -12.80 25.38 6.76
C THR H 48 -12.18 26.01 8.01
N HIS H 49 -11.00 25.52 8.40
CA HIS H 49 -10.30 26.05 9.57
C HIS H 49 -10.05 27.57 9.42
N SER H 50 -10.23 28.29 10.53
CA SER H 50 -10.10 29.73 10.67
C SER H 50 -8.99 30.46 9.89
N GLU H 51 -7.85 29.81 9.70
CA GLU H 51 -6.71 30.45 9.03
C GLU H 51 -6.78 30.61 7.50
N LYS H 52 -7.76 29.99 6.86
CA LYS H 52 -7.90 30.06 5.39
C LYS H 52 -8.23 31.45 4.82
N THR H 53 -7.80 31.69 3.58
CA THR H 53 -8.04 32.96 2.86
C THR H 53 -8.29 32.79 1.36
N ASN H 54 -8.90 33.81 0.76
CA ASN H 54 -9.19 33.85 -0.68
C ASN H 54 -7.94 33.61 -1.52
N ARG H 55 -8.02 32.65 -2.44
CA ARG H 55 -6.88 32.32 -3.28
C ARG H 55 -7.31 31.90 -4.68
N THR H 56 -6.51 32.28 -5.67
CA THR H 56 -6.79 32.00 -7.06
C THR H 56 -5.54 31.51 -7.79
N LEU H 57 -5.70 30.66 -8.80
CA LEU H 57 -4.55 30.16 -9.55
C LEU H 57 -4.97 29.70 -10.93
N SER H 58 -4.30 30.22 -11.94
CA SER H 58 -4.61 29.90 -13.32
C SER H 58 -3.38 29.50 -14.14
N TYR H 59 -3.53 28.46 -14.95
CA TYR H 59 -2.44 27.98 -15.81
C TYR H 59 -2.93 27.33 -17.08
N ARG H 60 -2.42 27.82 -18.22
CA ARG H 60 -2.76 27.20 -19.50
C ARG H 60 -1.95 25.92 -19.66
N THR H 61 -2.65 24.81 -19.91
CA THR H 61 -2.01 23.50 -20.08
C THR H 61 -1.73 23.18 -21.58
N GLY H 62 -2.65 23.59 -22.46
CA GLY H 62 -2.49 23.38 -23.91
C GLY H 62 -3.80 23.70 -24.61
N LEU H 63 -4.06 24.99 -24.82
CA LEU H 63 -5.32 25.46 -25.42
C LEU H 63 -6.50 25.27 -24.44
N LYS H 64 -6.18 24.91 -23.20
CA LYS H 64 -7.16 24.75 -22.14
C LYS H 64 -6.75 25.62 -20.96
N ILE H 65 -7.74 26.18 -20.26
CA ILE H 65 -7.48 27.03 -19.09
C ILE H 65 -7.97 26.37 -17.81
N THR H 66 -7.11 26.32 -16.81
CA THR H 66 -7.45 25.72 -15.54
C THR H 66 -7.51 26.82 -14.49
N SER H 67 -8.72 27.16 -14.04
CA SER H 67 -8.85 28.19 -13.00
C SER H 67 -9.37 27.65 -11.68
N LEU H 68 -8.48 27.61 -10.71
CA LEU H 68 -8.79 27.17 -9.37
C LEU H 68 -9.21 28.42 -8.61
N THR H 69 -10.25 28.32 -7.81
CA THR H 69 -10.73 29.46 -7.04
C THR H 69 -11.29 29.02 -5.70
N GLU H 70 -11.01 29.77 -4.65
CA GLU H 70 -11.56 29.49 -3.35
C GLU H 70 -11.87 30.81 -2.67
N VAL H 71 -13.09 30.93 -2.21
CA VAL H 71 -13.56 32.14 -1.59
C VAL H 71 -13.97 31.85 -0.16
N VAL H 72 -13.63 32.75 0.76
CA VAL H 72 -14.04 32.58 2.15
C VAL H 72 -14.88 33.76 2.65
N CYS H 73 -15.85 33.44 3.50
CA CYS H 73 -16.77 34.42 4.06
C CYS H 73 -17.00 34.10 5.54
N GLY H 74 -17.41 35.12 6.29
CA GLY H 74 -17.63 34.98 7.74
C GLY H 74 -19.01 34.59 8.24
N LEU H 75 -19.95 35.54 8.19
CA LEU H 75 -21.31 35.36 8.72
C LEU H 75 -22.01 34.03 8.44
N ASP H 76 -23.06 33.75 9.19
CA ASP H 76 -23.80 32.49 9.08
C ASP H 76 -24.26 32.14 7.66
N LEU H 77 -24.12 30.85 7.31
CA LEU H 77 -24.51 30.29 6.00
C LEU H 77 -24.16 31.09 4.73
N CYS H 78 -23.21 32.03 4.85
CA CYS H 78 -22.74 32.90 3.76
C CYS H 78 -22.20 32.14 2.55
N ASN H 79 -22.41 30.83 2.55
CA ASN H 79 -21.88 29.96 1.53
C ASN H 79 -22.70 30.00 0.24
N GLN H 80 -24.03 30.13 0.38
CA GLN H 80 -25.03 30.17 -0.70
C GLN H 80 -24.55 30.62 -2.10
N GLY H 81 -23.53 31.46 -2.14
CA GLY H 81 -22.95 31.97 -3.38
C GLY H 81 -22.84 31.05 -4.59
N ASN H 82 -23.94 30.96 -5.35
CA ASN H 82 -23.98 30.22 -6.60
C ASN H 82 -23.07 31.06 -7.49
N SER H 83 -23.41 32.35 -7.59
CA SER H 83 -22.67 33.37 -8.35
C SER H 83 -22.63 33.08 -9.86
N GLY H 84 -22.20 31.87 -10.21
CA GLY H 84 -22.07 31.41 -11.59
C GLY H 84 -21.03 30.31 -11.68
N GLU H 96 0.61 40.43 -17.07
CA GLU H 96 0.79 39.13 -17.79
C GLU H 96 2.07 38.40 -17.41
N CYS H 97 2.01 37.07 -17.42
CA CYS H 97 3.12 36.18 -17.05
C CYS H 97 3.20 35.01 -18.04
N ILE H 98 4.16 34.11 -17.83
CA ILE H 98 4.30 32.95 -18.71
C ILE H 98 3.67 31.76 -18.02
N SER H 99 3.44 30.68 -18.77
CA SER H 99 2.82 29.48 -18.19
C SER H 99 3.24 28.19 -18.87
N CYS H 100 3.31 27.13 -18.07
CA CYS H 100 3.60 25.78 -18.54
C CYS H 100 3.03 24.87 -17.47
N GLY H 101 3.38 23.58 -17.51
CA GLY H 101 2.90 22.63 -16.52
C GLY H 101 3.57 21.28 -16.69
N SER H 102 3.54 20.47 -15.63
CA SER H 102 4.09 19.11 -15.70
C SER H 102 3.06 18.23 -16.40
N SER H 103 1.79 18.59 -16.20
CA SER H 103 0.64 17.91 -16.77
C SER H 103 0.95 17.17 -18.08
N ASP H 104 1.67 17.85 -18.98
CA ASP H 104 2.08 17.25 -20.25
C ASP H 104 3.49 17.71 -20.70
N MET H 105 4.41 17.76 -19.74
CA MET H 105 5.80 18.19 -19.96
C MET H 105 5.89 19.56 -20.67
N SER H 106 4.90 20.41 -20.46
CA SER H 106 4.84 21.75 -21.09
C SER H 106 6.13 22.50 -20.80
N CYS H 107 6.67 22.24 -19.61
CA CYS H 107 7.89 22.89 -19.19
C CYS H 107 9.10 22.18 -19.80
N HIS H 112 8.21 28.31 -22.83
CA HIS H 112 6.79 28.37 -22.35
C HIS H 112 5.88 29.44 -22.98
N GLN H 113 4.59 29.30 -22.73
CA GLN H 113 3.52 30.15 -23.30
C GLN H 113 3.02 31.28 -22.40
N SER H 114 2.68 32.42 -23.03
CA SER H 114 2.14 33.58 -22.33
C SER H 114 0.72 33.35 -21.83
N LEU H 115 0.38 34.03 -20.73
CA LEU H 115 -0.94 33.99 -20.11
C LEU H 115 -1.20 35.37 -19.50
N GLN H 116 -2.41 35.92 -19.70
CA GLN H 116 -2.69 37.25 -19.13
C GLN H 116 -3.58 37.17 -17.90
N CYS H 117 -3.07 37.66 -16.77
CA CYS H 117 -3.82 37.65 -15.53
C CYS H 117 -4.92 38.69 -15.61
N ARG H 118 -6.18 38.23 -15.69
CA ARG H 118 -7.34 39.12 -15.83
C ARG H 118 -7.72 39.89 -14.56
N SER H 119 -6.88 39.86 -13.53
CA SER H 119 -7.17 40.55 -12.28
C SER H 119 -5.97 41.25 -11.64
N PRO H 120 -6.20 42.45 -11.08
CA PRO H 120 -5.18 43.27 -10.42
C PRO H 120 -4.43 42.55 -9.30
N GLU H 121 -5.15 41.98 -8.34
CA GLU H 121 -4.55 41.27 -7.21
C GLU H 121 -3.61 40.17 -7.72
N GLU H 122 -4.03 39.49 -8.78
CA GLU H 122 -3.28 38.38 -9.35
C GLU H 122 -1.84 38.68 -9.79
N GLN H 123 -0.97 37.72 -9.54
CA GLN H 123 0.45 37.83 -9.84
C GLN H 123 1.01 36.57 -10.48
N CYS H 124 2.26 36.65 -10.92
CA CYS H 124 2.95 35.53 -11.55
C CYS H 124 3.36 34.53 -10.47
N LEU H 125 3.08 33.26 -10.74
CA LEU H 125 3.35 32.20 -9.79
C LEU H 125 4.13 31.05 -10.41
N ASP H 126 4.89 30.35 -9.58
CA ASP H 126 5.62 29.16 -10.00
C ASP H 126 5.57 28.18 -8.85
N VAL H 127 4.59 27.27 -8.89
CA VAL H 127 4.42 26.30 -7.81
C VAL H 127 5.11 24.98 -8.08
N VAL H 128 6.08 24.67 -7.23
CA VAL H 128 6.82 23.44 -7.31
C VAL H 128 6.29 22.55 -6.20
N THR H 129 6.08 21.29 -6.52
CA THR H 129 5.58 20.32 -5.58
C THR H 129 6.06 18.98 -6.03
N HIS H 130 6.92 18.36 -5.22
CA HIS H 130 7.45 17.06 -5.53
C HIS H 130 7.29 16.08 -4.38
N TRP H 131 6.76 14.92 -4.73
CA TRP H 131 6.53 13.77 -3.84
C TRP H 131 5.62 14.02 -2.61
N ILE H 132 4.68 14.97 -2.71
CA ILE H 132 3.72 15.10 -1.61
C ILE H 132 2.34 14.67 -2.14
N GLN H 133 1.64 13.84 -1.34
CA GLN H 133 0.30 13.24 -1.63
C GLN H 133 -0.17 13.07 -3.10
N LYS H 141 -0.21 13.34 -6.88
CA LYS H 141 -1.58 13.72 -7.32
C LYS H 141 -1.50 15.17 -7.82
N ASP H 142 -0.94 16.02 -6.96
CA ASP H 142 -0.77 17.43 -7.26
C ASP H 142 0.20 17.57 -8.46
N ASP H 143 -0.13 18.44 -9.41
CA ASP H 143 0.74 18.66 -10.57
C ASP H 143 2.17 19.07 -10.14
N ARG H 144 3.13 18.29 -10.58
CA ARG H 144 4.57 18.46 -10.28
C ARG H 144 5.13 19.91 -10.36
N HIS H 145 5.12 20.54 -11.53
CA HIS H 145 5.57 21.93 -11.70
C HIS H 145 4.41 22.73 -12.27
N LEU H 146 4.26 23.99 -11.85
CA LEU H 146 3.10 24.74 -12.30
C LEU H 146 3.39 26.25 -12.40
N ARG H 147 3.10 26.86 -13.55
CA ARG H 147 3.31 28.32 -13.75
C ARG H 147 2.10 29.00 -14.40
N GLY H 148 1.83 30.24 -13.99
CA GLY H 148 0.68 31.00 -14.51
C GLY H 148 0.31 32.17 -13.62
N CYS H 149 -0.98 32.41 -13.45
CA CYS H 149 -1.45 33.54 -12.65
C CYS H 149 -2.14 33.16 -11.36
N GLY H 150 -2.43 34.16 -10.53
CA GLY H 150 -3.13 33.92 -9.28
C GLY H 150 -2.52 34.55 -8.05
N TYR H 151 -3.28 34.47 -6.96
CA TYR H 151 -2.87 34.98 -5.66
C TYR H 151 -2.93 33.81 -4.68
N LEU H 152 -1.89 33.67 -3.87
CA LEU H 152 -1.77 32.58 -2.88
C LEU H 152 -1.27 33.12 -1.53
N PRO H 153 -1.34 32.31 -0.45
CA PRO H 153 -0.91 32.74 0.89
C PRO H 153 0.54 33.21 0.97
N GLY H 154 1.44 32.46 0.34
CA GLY H 154 2.86 32.80 0.35
C GLY H 154 3.17 34.21 -0.16
N CYS H 155 2.49 34.63 -1.24
CA CYS H 155 2.64 35.93 -1.90
C CYS H 155 2.61 37.10 -0.93
N PRO H 156 3.30 38.22 -1.27
CA PRO H 156 4.05 38.45 -2.52
C PRO H 156 5.49 37.94 -2.49
N GLY H 157 5.82 37.16 -1.46
CA GLY H 157 7.17 36.62 -1.29
C GLY H 157 7.64 35.54 -2.23
N SER H 158 8.43 34.62 -1.67
CA SER H 158 9.04 33.51 -2.40
C SER H 158 9.64 32.50 -1.41
N ASN H 159 8.84 31.55 -0.95
CA ASN H 159 9.30 30.55 0.03
C ASN H 159 9.47 29.10 -0.43
N GLY H 160 10.20 28.32 0.36
CA GLY H 160 10.45 26.94 0.04
C GLY H 160 10.69 26.06 1.25
N PHE H 161 10.65 24.75 1.01
CA PHE H 161 10.93 23.73 2.02
C PHE H 161 11.40 22.48 1.31
N HIS H 162 12.23 21.68 1.98
CA HIS H 162 12.62 20.41 1.42
C HIS H 162 13.18 19.47 2.48
N ASN H 163 13.08 18.17 2.22
CA ASN H 163 13.67 17.15 3.11
C ASN H 163 13.97 15.92 2.32
N GLN H 164 14.13 14.78 2.98
CA GLN H 164 14.51 13.56 2.29
C GLN H 164 13.49 13.20 1.21
N ASP H 165 12.22 13.16 1.61
CA ASP H 165 11.09 12.78 0.76
C ASP H 165 10.45 13.86 -0.11
N THR H 166 10.55 15.12 0.27
CA THR H 166 9.82 16.11 -0.47
C THR H 166 10.47 17.46 -0.68
N PHE H 167 10.03 18.12 -1.74
CA PHE H 167 10.50 19.44 -2.10
C PHE H 167 9.31 20.31 -2.48
N HIS H 168 9.16 21.42 -1.78
CA HIS H 168 8.09 22.35 -2.09
C HIS H 168 8.70 23.70 -2.31
N PHE H 169 8.19 24.41 -3.31
CA PHE H 169 8.63 25.76 -3.55
C PHE H 169 7.45 26.53 -4.09
N LEU H 170 7.39 27.80 -3.71
CA LEU H 170 6.32 28.71 -4.10
C LEU H 170 6.95 30.04 -4.38
N LYS H 171 6.95 30.42 -5.65
CA LYS H 171 7.57 31.67 -6.05
C LYS H 171 6.56 32.67 -6.61
N CYS H 172 6.49 33.85 -5.99
CA CYS H 172 5.62 34.95 -6.46
C CYS H 172 6.49 36.10 -6.94
N CYS H 173 6.08 36.73 -8.03
CA CYS H 173 6.82 37.87 -8.54
C CYS H 173 5.86 38.86 -9.21
N GLN H 174 6.38 40.00 -9.68
CA GLN H 174 5.56 41.06 -10.24
C GLN H 174 5.72 41.38 -11.74
N THR H 175 6.97 41.51 -12.19
CA THR H 175 7.34 41.90 -13.57
C THR H 175 6.79 41.12 -14.78
N THR H 176 7.21 41.52 -16.00
CA THR H 176 6.76 40.89 -17.27
C THR H 176 7.48 39.58 -17.58
N LYS H 177 6.72 38.55 -17.98
CA LYS H 177 7.22 37.18 -18.24
C LYS H 177 8.09 36.77 -17.04
N CYS H 178 7.76 37.44 -15.96
CA CYS H 178 8.33 37.37 -14.65
C CYS H 178 8.72 35.97 -14.19
N ASN H 179 7.74 35.08 -14.13
CA ASN H 179 7.95 33.72 -13.69
C ASN H 179 8.68 32.80 -14.68
N GLU H 180 9.19 33.37 -15.77
CA GLU H 180 9.95 32.61 -16.77
C GLU H 180 11.35 32.29 -16.25
N GLY H 181 12.06 31.42 -16.95
CA GLY H 181 13.43 31.05 -16.58
C GLY H 181 13.68 29.56 -16.51
N PRO H 182 14.77 29.16 -15.84
CA PRO H 182 15.12 27.76 -15.69
C PRO H 182 14.11 27.08 -14.80
N ILE H 183 13.85 25.81 -15.09
CA ILE H 183 12.95 25.00 -14.28
C ILE H 183 13.64 24.92 -12.92
N LEU H 184 12.88 24.82 -11.84
CA LEU H 184 13.52 24.83 -10.54
C LEU H 184 13.50 23.46 -9.85
N GLU H 185 14.26 22.51 -10.36
CA GLU H 185 14.36 21.19 -9.74
C GLU H 185 15.36 21.25 -8.57
N LEU H 186 15.13 20.47 -7.51
CA LEU H 186 15.98 20.50 -6.32
C LEU H 186 17.43 20.09 -6.51
N GLU H 187 17.68 19.03 -7.28
CA GLU H 187 19.07 18.60 -7.49
C GLU H 187 19.93 19.62 -8.24
N ASN H 188 19.33 20.72 -8.69
CA ASN H 188 20.08 21.82 -9.32
C ASN H 188 20.69 22.68 -8.25
N LEU H 189 19.98 22.76 -7.13
CA LEU H 189 20.30 23.66 -6.04
C LEU H 189 21.54 23.26 -5.21
N PRO H 190 22.51 24.19 -5.13
CA PRO H 190 23.78 24.02 -4.41
C PRO H 190 23.60 23.98 -2.92
N GLN H 191 24.24 23.02 -2.26
CA GLN H 191 24.20 22.94 -0.80
C GLN H 191 24.80 24.18 -0.17
N ASN H 192 24.12 24.68 0.84
CA ASN H 192 24.52 25.89 1.53
C ASN H 192 25.28 25.65 2.83
N GLY H 193 25.83 24.45 2.98
CA GLY H 193 26.64 24.11 4.16
C GLY H 193 25.91 23.73 5.43
N ARG H 194 24.67 24.19 5.55
CA ARG H 194 23.84 23.92 6.72
C ARG H 194 23.28 22.50 6.74
N GLN H 195 23.11 21.93 7.92
CA GLN H 195 22.51 20.61 8.04
C GLN H 195 21.31 20.67 8.91
N CYS H 196 20.29 19.90 8.55
CA CYS H 196 19.06 19.89 9.29
C CYS H 196 18.51 18.48 9.29
N TYR H 197 17.74 18.16 10.31
CA TYR H 197 17.12 16.85 10.42
C TYR H 197 15.91 16.74 9.49
N SER H 198 15.63 15.51 9.05
CA SER H 198 14.53 15.22 8.13
C SER H 198 13.60 14.13 8.62
N CYS H 199 12.29 14.41 8.61
CA CYS H 199 11.28 13.41 9.01
C CYS H 199 9.90 13.83 8.53
N LYS H 200 8.92 12.95 8.71
CA LYS H 200 7.55 13.23 8.27
C LYS H 200 6.57 12.16 8.76
N GLY H 201 5.60 12.55 9.58
CA GLY H 201 4.57 11.62 10.07
C GLY H 201 4.30 11.64 11.57
N GLN H 202 3.64 10.59 12.07
CA GLN H 202 3.31 10.44 13.48
C GLN H 202 4.62 10.40 14.30
N SER H 203 4.49 10.54 15.61
CA SER H 203 5.65 10.49 16.49
C SER H 203 6.09 9.03 16.57
N THR H 204 5.14 8.13 16.35
CA THR H 204 5.42 6.69 16.34
C THR H 204 6.01 6.28 15.00
N HIS H 205 5.47 6.80 13.91
CA HIS H 205 5.97 6.45 12.56
C HIS H 205 6.29 7.62 11.63
N GLY H 206 7.45 7.54 11.00
CA GLY H 206 7.88 8.59 10.10
C GLY H 206 8.77 9.64 10.75
N CYS H 207 8.67 9.79 12.08
CA CYS H 207 9.46 10.76 12.83
C CYS H 207 9.97 10.24 14.17
N SER H 208 10.07 8.92 14.29
CA SER H 208 10.64 8.34 15.51
C SER H 208 12.10 8.78 15.55
N SER H 209 12.64 9.07 16.75
CA SER H 209 14.01 9.61 16.87
C SER H 209 14.98 9.00 15.85
N GLU H 210 15.18 7.69 15.91
CA GLU H 210 16.02 7.02 14.93
C GLU H 210 15.18 6.66 13.70
N GLU H 211 15.04 7.64 12.80
CA GLU H 211 14.28 7.55 11.54
C GLU H 211 14.31 8.99 11.02
N THR H 212 14.98 9.84 11.81
CA THR H 212 15.17 11.24 11.50
C THR H 212 16.68 11.35 11.41
N PHE H 213 17.16 11.86 10.29
CA PHE H 213 18.59 11.90 10.03
C PHE H 213 19.04 13.22 9.40
N LEU H 214 20.31 13.51 9.55
CA LEU H 214 20.82 14.72 9.00
C LEU H 214 20.72 14.72 7.49
N ILE H 215 20.27 15.85 6.95
CA ILE H 215 20.18 16.01 5.54
C ILE H 215 20.90 17.32 5.18
N ASP H 216 21.52 17.39 4.01
CA ASP H 216 22.23 18.61 3.57
C ASP H 216 21.28 19.54 2.82
N CYS H 217 21.04 20.71 3.42
CA CYS H 217 20.16 21.72 2.85
C CYS H 217 20.72 22.28 1.57
N ARG H 218 19.84 22.69 0.68
CA ARG H 218 20.30 23.24 -0.60
C ARG H 218 19.67 24.60 -0.86
N GLY H 219 20.26 25.37 -1.77
CA GLY H 219 19.76 26.68 -2.17
C GLY H 219 19.43 27.63 -1.03
N PRO H 220 18.31 28.36 -1.14
CA PRO H 220 17.90 29.37 -0.16
C PRO H 220 17.37 28.79 1.13
N MET H 221 17.14 27.48 1.16
CA MET H 221 16.63 26.82 2.36
C MET H 221 17.73 26.53 3.34
N ASN H 222 18.16 27.58 4.03
CA ASN H 222 19.23 27.50 5.01
C ASN H 222 18.75 27.64 6.46
N GLN H 223 17.50 27.29 6.69
CA GLN H 223 16.84 27.44 7.97
C GLN H 223 16.23 26.09 8.41
N CYS H 224 16.64 25.52 9.54
CA CYS H 224 16.07 24.22 9.96
C CYS H 224 14.72 24.38 10.57
N LEU H 225 13.76 23.57 10.14
CA LEU H 225 12.43 23.68 10.69
C LEU H 225 11.75 22.39 11.12
N VAL H 226 10.88 22.54 12.10
CA VAL H 226 10.04 21.49 12.59
C VAL H 226 8.63 22.07 12.56
N ALA H 227 7.64 21.25 12.20
CA ALA H 227 6.28 21.75 12.13
C ALA H 227 5.29 20.71 12.63
N THR H 228 4.32 21.16 13.41
CA THR H 228 3.29 20.27 13.94
C THR H 228 1.86 20.79 13.84
N GLY H 229 1.13 20.18 12.92
CA GLY H 229 -0.28 20.49 12.72
C GLY H 229 -1.04 19.19 12.69
N THR H 230 -1.95 19.04 11.72
CA THR H 230 -2.72 17.80 11.53
C THR H 230 -2.91 17.49 10.03
N HIS H 231 -2.92 16.20 9.68
CA HIS H 231 -3.00 15.77 8.28
C HIS H 231 -4.26 14.92 8.08
N GLU H 232 -4.39 14.36 6.88
CA GLU H 232 -5.51 13.48 6.52
C GLU H 232 -5.28 12.13 7.22
N PRO H 233 -6.37 11.41 7.58
CA PRO H 233 -7.79 11.73 7.43
C PRO H 233 -8.30 12.57 8.62
N LYS H 234 -9.39 12.14 9.25
CA LYS H 234 -10.01 12.79 10.42
C LYS H 234 -8.94 13.47 11.30
N GLN H 235 -8.76 14.78 11.11
CA GLN H 235 -7.73 15.63 11.81
C GLN H 235 -6.73 14.84 12.68
N GLN H 236 -5.87 14.08 12.01
CA GLN H 236 -4.86 13.26 12.67
C GLN H 236 -3.54 13.99 12.79
N SER H 237 -2.94 13.88 13.98
CA SER H 237 -1.65 14.47 14.33
C SER H 237 -0.55 14.18 13.29
N TYR H 238 0.36 15.14 13.12
CA TYR H 238 1.39 15.02 12.09
C TYR H 238 2.64 15.86 12.40
N MET H 239 3.76 15.51 11.78
CA MET H 239 5.02 16.24 12.02
C MET H 239 5.96 16.21 10.81
N VAL H 240 6.56 17.36 10.51
CA VAL H 240 7.50 17.50 9.40
C VAL H 240 8.79 18.19 9.81
N ARG H 241 9.92 17.72 9.28
CA ARG H 241 11.25 18.32 9.54
C ARG H 241 12.07 18.33 8.26
N GLY H 242 12.85 19.39 8.07
CA GLY H 242 13.69 19.55 6.87
C GLY H 242 14.19 20.98 6.79
N CYS H 243 14.59 21.41 5.60
CA CYS H 243 15.18 22.72 5.39
C CYS H 243 14.21 23.76 4.81
N ALA H 244 14.23 24.99 5.35
CA ALA H 244 13.30 26.06 4.91
C ALA H 244 13.86 27.47 4.70
N THR H 245 12.96 28.42 4.42
CA THR H 245 13.29 29.83 4.14
C THR H 245 12.41 30.90 4.83
N ALA H 246 11.26 31.16 4.23
CA ALA H 246 10.30 32.16 4.71
C ALA H 246 9.05 31.48 5.27
N SER H 247 9.07 30.15 5.35
CA SER H 247 7.96 29.41 5.95
C SER H 247 8.03 29.61 7.46
N ALA H 252 5.35 32.23 8.81
CA ALA H 252 4.32 32.55 9.86
C ALA H 252 2.92 32.05 9.45
N HIS H 253 2.67 30.76 9.76
CA HIS H 253 1.39 30.04 9.49
C HIS H 253 1.05 29.78 7.99
N LEU H 254 2.06 29.31 7.25
CA LEU H 254 1.93 28.99 5.82
C LEU H 254 1.98 27.47 5.67
N GLY H 255 0.88 26.82 6.07
CA GLY H 255 0.79 25.36 6.11
C GLY H 255 0.15 24.50 5.05
N ASP H 256 -0.29 25.08 3.93
CA ASP H 256 -0.86 24.23 2.87
C ASP H 256 0.16 23.43 2.08
N ALA H 257 1.43 23.83 2.17
CA ALA H 257 2.51 23.15 1.46
C ALA H 257 2.47 21.66 1.78
N PHE H 258 2.97 21.31 2.96
CA PHE H 258 2.93 19.91 3.42
C PHE H 258 1.55 19.65 4.01
N SER H 259 0.55 20.22 3.33
CA SER H 259 -0.88 20.19 3.64
C SER H 259 -1.29 19.77 5.05
N MET H 260 -1.41 20.76 5.94
CA MET H 260 -1.80 20.53 7.33
C MET H 260 -2.47 21.76 7.99
N ASN H 261 -3.26 21.52 9.03
CA ASN H 261 -3.97 22.58 9.74
C ASN H 261 -3.65 22.72 11.23
N HIS H 262 -4.22 23.72 11.91
CA HIS H 262 -4.01 24.00 13.35
C HIS H 262 -2.50 24.05 13.69
N ILE H 263 -1.68 24.25 12.65
CA ILE H 263 -0.20 24.25 12.67
C ILE H 263 0.53 25.28 13.51
N ASP H 264 1.84 25.05 13.70
CA ASP H 264 2.78 25.99 14.33
C ASP H 264 4.19 25.49 14.03
N VAL H 265 4.86 26.23 13.15
CA VAL H 265 6.18 25.90 12.68
C VAL H 265 7.30 26.66 13.40
N SER H 266 8.35 25.94 13.78
CA SER H 266 9.53 26.54 14.39
C SER H 266 10.72 26.50 13.41
N CYS H 267 11.62 27.46 13.52
CA CYS H 267 12.79 27.49 12.66
C CYS H 267 14.03 27.89 13.49
N CYS H 268 15.21 27.47 13.06
CA CYS H 268 16.44 27.83 13.76
C CYS H 268 17.52 27.93 12.72
N THR H 269 18.63 28.59 13.07
CA THR H 269 19.68 28.94 12.11
C THR H 269 20.98 28.15 12.19
N LYS H 270 21.16 27.39 13.27
CA LYS H 270 22.35 26.57 13.47
C LYS H 270 22.14 25.10 13.03
N SER H 271 23.11 24.52 12.35
CA SER H 271 23.06 23.12 11.92
C SER H 271 22.68 22.13 13.00
N GLY H 272 21.74 21.24 12.66
CA GLY H 272 21.28 20.19 13.53
C GLY H 272 20.40 20.66 14.66
N CYS H 273 20.03 21.94 14.64
CA CYS H 273 19.29 22.55 15.73
C CYS H 273 17.83 22.15 15.92
N ASN H 274 17.27 21.39 14.97
CA ASN H 274 15.88 20.93 15.07
C ASN H 274 15.75 19.45 15.46
N HIS H 275 16.71 18.93 16.19
CA HIS H 275 16.65 17.55 16.61
C HIS H 275 15.42 17.37 17.50
N PRO H 276 14.75 16.23 17.39
CA PRO H 276 13.59 16.11 18.27
C PRO H 276 13.92 16.32 19.73
N ASP H 277 15.06 15.84 20.20
CA ASP H 277 15.43 16.03 21.61
C ASP H 277 15.53 17.51 22.00
N LEU H 278 15.82 18.38 21.05
CA LEU H 278 15.96 19.80 21.32
C LEU H 278 14.63 20.54 21.17
N ASP H 279 13.56 19.77 20.89
CA ASP H 279 12.15 20.22 20.74
C ASP H 279 11.56 20.05 19.34
C1 NAG I . 36.94 35.24 48.95
C2 NAG I . 37.59 36.20 49.94
C3 NAG I . 38.01 37.45 49.15
C4 NAG I . 39.02 37.07 48.09
C5 NAG I . 38.50 35.88 47.26
C6 NAG I . 39.56 35.28 46.33
C7 NAG I . 35.86 37.40 51.24
C8 NAG I . 35.86 38.06 52.59
N2 NAG I . 36.73 36.42 51.09
O3 NAG I . 38.59 38.42 50.00
O4 NAG I . 39.29 38.23 47.32
O5 NAG I . 37.99 34.84 48.08
O6 NAG I . 40.49 34.52 47.07
O7 NAG I . 35.10 37.77 50.34
C1 NAG I . 40.71 38.54 47.31
C2 NAG I . 41.07 38.96 45.89
C3 NAG I . 42.57 39.12 45.85
C4 NAG I . 42.86 40.33 46.71
C5 NAG I . 42.36 40.16 48.16
C6 NAG I . 42.27 41.50 48.92
C7 NAG I . 40.23 38.44 43.70
C8 NAG I . 40.60 37.56 42.53
N2 NAG I . 40.62 38.02 44.89
O3 NAG I . 43.04 39.32 44.54
O4 NAG I . 44.25 40.56 46.64
O5 NAG I . 41.08 39.54 48.25
O6 NAG I . 43.52 42.17 49.13
O7 NAG I . 39.62 39.50 43.51
C1 BMA I . 43.66 43.27 48.18
C2 BMA I . 43.93 44.64 48.81
C3 BMA I . 44.96 45.42 47.97
C4 BMA I . 44.79 45.27 46.45
C5 BMA I . 44.42 43.83 46.06
C6 BMA I . 45.23 43.31 44.87
O2 BMA I . 44.38 44.53 50.13
O3 BMA I . 46.26 45.00 48.34
O4 BMA I . 43.77 46.13 46.01
O5 BMA I . 44.62 43.00 47.17
O6 BMA I . 44.36 43.05 43.78
C1 NAG J . -42.12 -46.90 -32.20
C2 NAG J . -42.46 -48.06 -33.15
C3 NAG J . -42.38 -47.62 -34.61
C4 NAG J . -43.02 -46.28 -34.86
C5 NAG J . -42.62 -45.23 -33.82
C6 NAG J . -43.39 -43.92 -33.99
C7 NAG J . -41.84 -50.25 -32.33
C8 NAG J . -41.31 -50.47 -30.94
N2 NAG J . -41.50 -49.13 -32.95
O3 NAG J . -43.03 -48.52 -35.47
O4 NAG J . -42.61 -45.92 -36.15
O5 NAG J . -42.84 -45.73 -32.52
O6 NAG J . -44.68 -44.02 -33.46
O7 NAG J . -42.58 -51.08 -32.88
C1 NAG J . -43.79 -45.69 -36.95
C2 NAG J . -43.50 -44.54 -37.90
C3 NAG J . -44.81 -44.25 -38.61
C4 NAG J . -45.03 -45.47 -39.47
C5 NAG J . -45.24 -46.73 -38.60
C6 NAG J . -45.19 -48.06 -39.34
C7 NAG J . -41.97 -42.67 -37.77
C8 NAG J . -42.01 -41.19 -37.50
N2 NAG J . -42.96 -43.37 -37.23
O3 NAG J . -44.73 -43.06 -39.37
O4 NAG J . -46.10 -45.22 -40.38
O5 NAG J . -44.21 -46.86 -37.63
O6 NAG J . -46.37 -48.34 -40.08
O7 NAG J . -41.08 -43.16 -38.47
C1 BMA J . -46.01 -48.34 -41.48
C2 BMA J . -46.58 -49.53 -42.23
C3 BMA J . -46.00 -49.53 -43.65
C4 BMA J . -46.09 -48.14 -44.32
C5 BMA J . -45.67 -47.02 -43.37
C6 BMA J . -45.91 -45.61 -43.94
O2 BMA J . -47.99 -49.46 -42.26
O3 BMA J . -46.63 -50.53 -44.43
O4 BMA J . -45.24 -48.11 -45.45
O5 BMA J . -46.37 -47.15 -42.14
O6 BMA J . -46.56 -44.80 -42.99
C1 NAG K . 21.59 -17.37 -27.95
C2 NAG K . 21.95 -18.70 -28.62
C3 NAG K . 23.36 -19.01 -28.12
C4 NAG K . 24.30 -17.88 -28.58
C5 NAG K . 23.77 -16.48 -28.17
C6 NAG K . 24.68 -15.35 -28.70
C7 NAG K . 20.41 -20.48 -29.34
C8 NAG K . 18.90 -20.59 -29.36
N2 NAG K . 20.98 -19.77 -28.36
O3 NAG K . 23.75 -20.27 -28.59
O4 NAG K . 25.64 -18.05 -28.11
O5 NAG K . 22.40 -16.35 -28.52
O6 NAG K . 24.02 -14.26 -29.29
O7 NAG K . 21.05 -21.06 -30.22
C1 NAG K . 26.43 -18.83 -29.05
C2 NAG K . 27.01 -18.01 -30.22
C3 NAG K . 28.26 -17.25 -29.81
C4 NAG K . 29.28 -18.17 -29.12
C5 NAG K . 28.67 -19.10 -28.07
C6 NAG K . 28.63 -18.46 -26.68
C7 NAG K . 27.89 -18.54 -32.49
C8 NAG K . 27.03 -18.00 -33.60
N2 NAG K . 27.27 -18.89 -31.36
O3 NAG K . 27.93 -16.15 -28.97
O4 NAG K . 29.92 -18.94 -30.11
O5 NAG K . 27.40 -19.65 -28.43
O6 NAG K . 29.89 -18.63 -26.06
O7 NAG K . 29.11 -18.67 -32.66
C1 NAG L . -12.74 39.46 -1.54
C2 NAG L . -13.43 39.52 -0.17
C3 NAG L . -14.77 38.78 -0.26
C4 NAG L . -15.34 38.96 -1.68
C5 NAG L . -14.45 38.17 -2.66
C6 NAG L . -14.65 38.56 -4.13
C7 NAG L . -11.84 39.68 1.72
C8 NAG L . -10.35 39.62 1.53
N2 NAG L . -12.59 38.96 0.88
O3 NAG L . -15.63 39.25 0.75
O4 NAG L . -16.70 38.56 -1.77
O5 NAG L . -13.08 38.29 -2.27
O6 NAG L . -13.65 38.04 -4.99
O7 NAG L . -12.32 40.34 2.63
C1 NAG L . -17.68 39.63 -1.79
C2 NAG L . -17.43 40.65 -2.92
C3 NAG L . -18.33 40.39 -4.13
C4 NAG L . -19.81 40.39 -3.74
C5 NAG L . -20.08 39.81 -2.34
C6 NAG L . -21.32 38.91 -2.31
C7 NAG L . -17.36 43.11 -3.26
C8 NAG L . -15.93 43.53 -3.50
N2 NAG L . -17.55 42.04 -2.47
O3 NAG L . -17.96 39.18 -4.74
O4 NAG L . -20.31 41.70 -3.82
O5 NAG L . -19.00 39.07 -1.81
O6 NAG L . -21.98 38.80 -3.58
O7 NAG L . -18.28 43.75 -3.76
S SO4 M . 18.70 41.30 43.95
O1 SO4 M . 17.47 40.99 44.66
O2 SO4 M . 18.46 40.76 42.62
O3 SO4 M . 19.01 42.73 43.97
O4 SO4 M . 19.88 40.71 44.56
S SO4 N . -22.41 -49.79 -31.72
O1 SO4 N . -21.81 -48.58 -31.22
O2 SO4 N . -23.86 -49.68 -31.65
O3 SO4 N . -22.13 -50.11 -33.12
O4 SO4 N . -21.80 -50.78 -30.85
#